data_7XZO
#
_entry.id   7XZO
#
_cell.length_a   215.280
_cell.length_b   115.100
_cell.length_c   106.530
_cell.angle_alpha   90.000
_cell.angle_beta   93.150
_cell.angle_gamma   90.000
#
_symmetry.space_group_name_H-M   'C 1 2 1'
#
loop_
_entity.id
_entity.type
_entity.pdbx_description
1 polymer 'Formate--tetrahydrofolate ligase'
2 non-polymer 'POTASSIUM ION'
3 non-polymer "ADENOSINE-5'-TRIPHOSPHATE"
4 non-polymer (R,R)-2,3-BUTANEDIOL
5 water water
#
_entity_poly.entity_id   1
_entity_poly.type   'polypeptide(L)'
_entity_poly.pdbx_seq_one_letter_code
;GSHMMEFKTDIEIAQEANPQDIRDIAKKINLSEDDIELYGKYKAKIDYNVLNRTKSRAGKLILTTAINPTPAGEGKTTTS
IGVADALAKLGKNVIAALREPSMGPVFGIKGGAAGGGYAQVVPMEDINLHFTGDMHAIGAANNLLAAMLDNHVYQTNSLN
INPKRITWRRCVDMNDRQLRNVVDGLGKKVDGVTREDGFDITVASEVMAAFCLSNNISELKENLGNIVVAYNYSGKPVTA
RDLNAHGAMAAILKDALKPNLVQTLEGTPAILHGGPFANIAHGCNSIIATKMGMHMADYVVTEAGFGADLGAEKFLDIKC
RKAGIRPDAVIIVATVRALKYNGGVAKDQLNNENLEALEKGLPNLLKHIENITQVYKIPAVVAINRFPLDTDAELALVRS
KCEELGVKVALSEVWANGGEGGIEVANEVLKLIEEGENNFEYCYEEDMTIKEKLNAIATKIYGADGVNYTKEANKQIAEL
EELGFGNLPVCVAKTQYSLSDDQTKLGRPTGFTIEVRQANISAGAGFVVVMTGEIMKMPGLPKLPAAERIDVDENGKISG
LF
;
_entity_poly.pdbx_strand_id   A,B,C,D
#
loop_
_chem_comp.id
_chem_comp.type
_chem_comp.name
_chem_comp.formula
ATP non-polymer ADENOSINE-5'-TRIPHOSPHATE 'C10 H16 N5 O13 P3'
BU3 non-polymer (R,R)-2,3-BUTANEDIOL 'C4 H10 O2'
K non-polymer 'POTASSIUM ION' 'K 1'
#
# COMPACT_ATOMS: atom_id res chain seq x y z
N LYS A 8 -21.95 -0.28 -16.19
CA LYS A 8 -20.54 0.06 -16.21
C LYS A 8 -20.31 1.54 -15.94
N THR A 9 -19.32 1.84 -15.11
CA THR A 9 -18.96 3.23 -14.83
C THR A 9 -18.07 3.77 -15.94
N ASP A 10 -17.90 5.09 -15.94
CA ASP A 10 -17.07 5.73 -16.97
C ASP A 10 -15.62 5.32 -16.85
N ILE A 11 -15.15 5.00 -15.63
CA ILE A 11 -13.76 4.59 -15.47
C ILE A 11 -13.53 3.19 -16.02
N GLU A 12 -14.54 2.32 -15.95
CA GLU A 12 -14.38 0.97 -16.46
C GLU A 12 -14.40 0.94 -17.99
N ILE A 13 -15.22 1.79 -18.60
CA ILE A 13 -15.30 1.83 -20.07
C ILE A 13 -13.98 2.31 -20.66
N ALA A 14 -13.32 3.26 -19.99
CA ALA A 14 -12.07 3.79 -20.52
C ALA A 14 -10.93 2.80 -20.38
N GLN A 15 -10.92 2.02 -19.29
CA GLN A 15 -9.81 1.10 -19.06
C GLN A 15 -9.86 -0.08 -20.01
N GLU A 16 -11.03 -0.68 -20.21
CA GLU A 16 -11.16 -1.80 -21.13
C GLU A 16 -11.17 -1.38 -22.59
N ALA A 17 -11.16 -0.08 -22.87
CA ALA A 17 -11.03 0.39 -24.24
C ALA A 17 -9.61 0.17 -24.74
N ASN A 18 -9.49 -0.04 -26.05
CA ASN A 18 -8.21 -0.26 -26.71
C ASN A 18 -7.82 0.99 -27.48
N PRO A 19 -7.07 1.91 -26.89
CA PRO A 19 -6.70 3.14 -27.59
C PRO A 19 -5.57 2.89 -28.58
N GLN A 20 -5.72 3.44 -29.78
CA GLN A 20 -4.69 3.28 -30.80
C GLN A 20 -3.47 4.14 -30.47
N ASP A 21 -2.35 3.79 -31.09
CA ASP A 21 -1.17 4.64 -31.00
C ASP A 21 -1.49 6.00 -31.61
N ILE A 22 -1.16 7.06 -30.86
CA ILE A 22 -1.54 8.42 -31.27
C ILE A 22 -0.94 8.78 -32.63
N ARG A 23 0.15 8.12 -33.02
CA ARG A 23 0.69 8.35 -34.36
C ARG A 23 -0.23 7.80 -35.44
N ASP A 24 -1.00 6.75 -35.13
CA ASP A 24 -1.99 6.25 -36.06
C ASP A 24 -3.22 7.15 -36.12
N ILE A 25 -3.57 7.79 -34.99
CA ILE A 25 -4.64 8.78 -35.00
C ILE A 25 -4.23 9.99 -35.84
N ALA A 26 -2.95 10.36 -35.78
CA ALA A 26 -2.48 11.52 -36.54
C ALA A 26 -2.48 11.25 -38.04
N LYS A 27 -2.28 9.99 -38.46
CA LYS A 27 -2.33 9.68 -39.88
C LYS A 27 -3.73 9.87 -40.45
N LYS A 28 -4.76 9.75 -39.60
CA LYS A 28 -6.14 9.96 -40.07
C LYS A 28 -6.39 11.39 -40.50
N ILE A 29 -5.60 12.35 -40.02
CA ILE A 29 -5.72 13.73 -40.43
C ILE A 29 -4.48 14.18 -41.21
N ASN A 30 -3.75 13.23 -41.81
CA ASN A 30 -2.60 13.51 -42.66
C ASN A 30 -1.52 14.29 -41.91
N LEU A 31 -1.18 13.82 -40.72
CA LEU A 31 -0.12 14.42 -39.91
C LEU A 31 1.05 13.46 -39.82
N SER A 32 2.19 13.88 -40.35
CA SER A 32 3.40 13.07 -40.25
C SER A 32 3.94 13.11 -38.82
N GLU A 33 4.88 12.21 -38.55
CA GLU A 33 5.49 12.17 -37.22
C GLU A 33 6.49 13.28 -36.99
N ASP A 34 6.86 14.02 -38.04
CA ASP A 34 7.63 15.25 -37.87
C ASP A 34 6.75 16.45 -37.55
N ASP A 35 5.44 16.30 -37.62
CA ASP A 35 4.49 17.38 -37.35
C ASP A 35 3.92 17.31 -35.94
N ILE A 36 4.25 16.27 -35.18
CA ILE A 36 3.73 16.10 -33.82
C ILE A 36 4.88 15.79 -32.88
N GLU A 37 4.66 16.05 -31.59
CA GLU A 37 5.60 15.74 -30.53
C GLU A 37 4.87 14.90 -29.50
N LEU A 38 5.35 13.68 -29.30
CA LEU A 38 4.64 12.70 -28.48
C LEU A 38 4.76 13.01 -26.99
N TYR A 39 3.70 12.66 -26.25
CA TYR A 39 3.70 12.65 -24.79
C TYR A 39 3.25 11.25 -24.35
N GLY A 40 4.10 10.27 -24.60
CA GLY A 40 3.70 8.88 -24.44
C GLY A 40 3.06 8.36 -25.70
N LYS A 41 2.50 7.15 -25.59
CA LYS A 41 1.94 6.49 -26.76
C LYS A 41 0.55 7.01 -27.12
N TYR A 42 -0.13 7.71 -26.21
CA TYR A 42 -1.53 8.07 -26.41
C TYR A 42 -1.78 9.57 -26.40
N LYS A 43 -0.74 10.40 -26.37
CA LYS A 43 -0.90 11.85 -26.37
C LYS A 43 0.15 12.47 -27.28
N ALA A 44 -0.18 13.64 -27.83
CA ALA A 44 0.74 14.36 -28.71
C ALA A 44 0.29 15.80 -28.86
N LYS A 45 1.26 16.67 -29.13
CA LYS A 45 1.01 18.07 -29.46
C LYS A 45 1.25 18.30 -30.94
N ILE A 46 0.44 19.16 -31.54
CA ILE A 46 0.51 19.45 -32.97
C ILE A 46 1.21 20.79 -33.17
N ASP A 47 2.26 20.79 -33.96
CA ASP A 47 2.97 22.03 -34.29
C ASP A 47 2.03 22.98 -35.02
N TYR A 48 1.84 24.19 -34.45
CA TYR A 48 0.98 25.16 -35.10
C TYR A 48 1.59 25.76 -36.36
N ASN A 49 2.87 25.47 -36.64
CA ASN A 49 3.47 25.89 -37.89
C ASN A 49 3.03 25.04 -39.08
N VAL A 50 2.35 23.92 -38.83
CA VAL A 50 1.72 23.16 -39.91
C VAL A 50 0.68 24.03 -40.62
N LEU A 51 0.09 24.98 -39.90
CA LEU A 51 -0.84 25.93 -40.51
C LEU A 51 -0.16 26.83 -41.54
N ASN A 52 1.17 26.86 -41.59
CA ASN A 52 1.90 27.74 -42.50
C ASN A 52 2.55 27.02 -43.67
N ARG A 53 2.77 25.71 -43.59
CA ARG A 53 3.40 24.97 -44.67
C ARG A 53 2.46 23.98 -45.36
N THR A 54 1.22 23.86 -44.88
CA THR A 54 0.22 23.01 -45.52
C THR A 54 -1.04 23.83 -45.78
N LYS A 55 -1.73 23.50 -46.87
CA LYS A 55 -2.97 24.16 -47.20
C LYS A 55 -4.13 23.56 -46.43
N SER A 56 -5.17 24.36 -46.21
CA SER A 56 -6.30 23.94 -45.39
C SER A 56 -7.27 23.08 -46.20
N ARG A 57 -8.15 22.40 -45.47
CA ARG A 57 -9.25 21.65 -46.07
C ARG A 57 -10.57 22.39 -45.99
N ALA A 58 -10.57 23.60 -45.42
CA ALA A 58 -11.76 24.46 -45.34
C ALA A 58 -12.93 23.72 -44.70
N GLY A 59 -12.66 23.13 -43.54
CA GLY A 59 -13.67 22.34 -42.85
C GLY A 59 -14.81 23.18 -42.33
N LYS A 60 -15.94 22.51 -42.08
CA LYS A 60 -17.12 23.15 -41.53
C LYS A 60 -17.10 23.09 -40.00
N LEU A 61 -17.79 24.03 -39.39
CA LEU A 61 -17.79 24.19 -37.94
C LEU A 61 -19.17 23.85 -37.39
N ILE A 62 -19.20 22.93 -36.42
CA ILE A 62 -20.43 22.52 -35.75
C ILE A 62 -20.34 22.91 -34.29
N LEU A 63 -21.23 23.79 -33.85
CA LEU A 63 -21.26 24.27 -32.47
C LEU A 63 -22.32 23.51 -31.70
N THR A 64 -21.94 22.97 -30.55
CA THR A 64 -22.85 22.23 -29.68
C THR A 64 -23.12 23.07 -28.44
N THR A 65 -24.36 23.49 -28.26
CA THR A 65 -24.79 24.23 -27.09
C THR A 65 -25.95 23.49 -26.42
N ALA A 66 -26.57 24.13 -25.44
CA ALA A 66 -27.66 23.49 -24.70
C ALA A 66 -28.56 24.56 -24.11
N ILE A 67 -29.69 24.12 -23.57
CA ILE A 67 -30.63 25.01 -22.88
C ILE A 67 -30.05 25.33 -21.51
N ASN A 68 -30.74 26.20 -20.77
CA ASN A 68 -30.28 26.57 -19.44
C ASN A 68 -30.14 25.33 -18.56
N PRO A 69 -28.97 25.07 -17.99
CA PRO A 69 -28.70 23.77 -17.37
C PRO A 69 -29.21 23.63 -15.95
N THR A 70 -29.42 22.38 -15.57
CA THR A 70 -29.66 21.92 -14.21
C THR A 70 -28.34 21.63 -13.54
N PRO A 71 -28.31 21.55 -12.20
CA PRO A 71 -27.03 21.28 -11.50
C PRO A 71 -26.33 20.02 -11.97
N ALA A 72 -27.07 19.10 -12.59
CA ALA A 72 -26.45 17.87 -13.09
C ALA A 72 -25.83 18.07 -14.47
N GLY A 73 -26.62 18.57 -15.42
CA GLY A 73 -26.17 18.78 -16.78
C GLY A 73 -27.11 18.13 -17.78
N GLU A 74 -26.81 18.35 -19.06
CA GLU A 74 -27.62 17.83 -20.15
C GLU A 74 -26.84 16.95 -21.11
N GLY A 75 -25.60 16.59 -20.78
CA GLY A 75 -24.80 15.78 -21.69
C GLY A 75 -24.32 16.52 -22.91
N LYS A 76 -24.00 17.81 -22.78
CA LYS A 76 -23.56 18.61 -23.92
C LYS A 76 -22.19 18.16 -24.42
N THR A 77 -21.31 17.73 -23.51
CA THR A 77 -19.99 17.26 -23.92
C THR A 77 -20.06 15.86 -24.51
N THR A 78 -20.88 14.99 -23.92
CA THR A 78 -21.06 13.65 -24.48
C THR A 78 -21.72 13.71 -25.86
N THR A 79 -22.57 14.70 -26.09
CA THR A 79 -23.21 14.84 -27.39
C THR A 79 -22.20 15.23 -28.45
N SER A 80 -21.25 16.11 -28.11
CA SER A 80 -20.22 16.49 -29.08
C SER A 80 -19.35 15.30 -29.46
N ILE A 81 -18.96 14.49 -28.48
CA ILE A 81 -18.11 13.34 -28.77
C ILE A 81 -18.89 12.27 -29.54
N GLY A 82 -20.16 12.09 -29.20
CA GLY A 82 -20.97 11.09 -29.88
C GLY A 82 -21.29 11.47 -31.31
N VAL A 83 -21.62 12.74 -31.55
CA VAL A 83 -21.90 13.19 -32.91
C VAL A 83 -20.63 13.13 -33.76
N ALA A 84 -19.49 13.47 -33.16
CA ALA A 84 -18.23 13.35 -33.88
C ALA A 84 -17.95 11.90 -34.26
N ASP A 85 -18.20 10.96 -33.33
CA ASP A 85 -18.07 9.54 -33.65
C ASP A 85 -19.09 9.11 -34.69
N ALA A 86 -20.30 9.69 -34.67
CA ALA A 86 -21.31 9.34 -35.64
C ALA A 86 -20.91 9.79 -37.04
N LEU A 87 -20.36 10.99 -37.17
CA LEU A 87 -19.88 11.46 -38.46
C LEU A 87 -18.71 10.62 -38.97
N ALA A 88 -17.90 10.07 -38.06
CA ALA A 88 -16.85 9.15 -38.47
C ALA A 88 -17.44 7.82 -38.93
N LYS A 89 -18.55 7.39 -38.33
CA LYS A 89 -19.25 6.19 -38.81
C LYS A 89 -19.77 6.40 -40.22
N LEU A 90 -20.11 7.64 -40.59
CA LEU A 90 -20.60 7.97 -41.92
C LEU A 90 -19.47 8.17 -42.92
N GLY A 91 -18.23 7.89 -42.55
CA GLY A 91 -17.10 8.01 -43.46
C GLY A 91 -16.51 9.39 -43.58
N LYS A 92 -16.95 10.35 -42.77
CA LYS A 92 -16.46 11.71 -42.85
C LYS A 92 -15.17 11.88 -42.04
N ASN A 93 -14.39 12.87 -42.42
CA ASN A 93 -13.14 13.20 -41.72
C ASN A 93 -13.44 14.29 -40.69
N VAL A 94 -13.42 13.91 -39.41
CA VAL A 94 -13.97 14.74 -38.34
C VAL A 94 -12.97 14.84 -37.20
N ILE A 95 -12.98 16.01 -36.53
CA ILE A 95 -12.21 16.24 -35.31
C ILE A 95 -13.13 16.85 -34.28
N ALA A 96 -13.04 16.37 -33.04
CA ALA A 96 -13.81 16.91 -31.92
C ALA A 96 -12.91 17.83 -31.12
N ALA A 97 -13.24 19.12 -31.10
CA ALA A 97 -12.48 20.12 -30.36
C ALA A 97 -13.18 20.40 -29.04
N LEU A 98 -12.48 20.14 -27.94
CA LEU A 98 -13.03 20.29 -26.60
C LEU A 98 -12.03 21.03 -25.71
N ARG A 99 -12.49 21.36 -24.51
CA ARG A 99 -11.66 22.04 -23.52
C ARG A 99 -10.92 21.04 -22.65
N GLU A 100 -9.84 21.52 -22.02
CA GLU A 100 -9.10 20.70 -21.07
C GLU A 100 -9.56 21.02 -19.66
N PRO A 101 -9.87 20.02 -18.84
CA PRO A 101 -10.25 20.28 -17.45
C PRO A 101 -9.06 20.78 -16.63
N SER A 102 -9.37 21.34 -15.48
CA SER A 102 -8.36 21.77 -14.53
C SER A 102 -8.14 20.68 -13.48
N MET A 103 -6.93 20.63 -12.94
CA MET A 103 -6.55 19.60 -11.99
C MET A 103 -7.07 19.87 -10.58
N GLY A 104 -7.35 21.13 -10.25
CA GLY A 104 -7.78 21.51 -8.93
C GLY A 104 -9.00 20.76 -8.42
N PRO A 105 -10.13 20.88 -9.12
CA PRO A 105 -11.36 20.21 -8.65
C PRO A 105 -11.24 18.70 -8.51
N VAL A 106 -10.22 18.07 -9.13
CA VAL A 106 -10.06 16.63 -9.02
C VAL A 106 -9.86 16.23 -7.55
N PHE A 107 -9.15 17.05 -6.79
CA PHE A 107 -8.85 16.71 -5.41
C PHE A 107 -9.92 17.14 -4.41
N GLY A 108 -10.98 17.79 -4.88
CA GLY A 108 -12.08 18.17 -4.01
C GLY A 108 -13.32 17.32 -4.22
N ILE A 109 -13.91 17.44 -5.40
CA ILE A 109 -15.14 16.72 -5.72
C ILE A 109 -14.85 15.53 -6.65
N LYS A 110 -13.62 15.02 -6.63
CA LYS A 110 -13.18 13.90 -7.47
C LYS A 110 -13.15 14.27 -8.95
N GLY A 111 -12.51 13.43 -9.76
CA GLY A 111 -12.37 13.71 -11.17
C GLY A 111 -13.58 13.29 -11.97
N GLY A 112 -13.53 13.61 -13.27
CA GLY A 112 -14.61 13.28 -14.17
C GLY A 112 -14.08 12.86 -15.52
N ALA A 113 -14.89 12.10 -16.24
CA ALA A 113 -14.53 11.63 -17.56
C ALA A 113 -14.67 12.75 -18.59
N ALA A 114 -13.81 12.70 -19.62
CA ALA A 114 -13.93 13.60 -20.75
C ALA A 114 -15.13 13.16 -21.58
N GLY A 115 -16.31 13.52 -21.11
CA GLY A 115 -17.55 13.07 -21.70
C GLY A 115 -18.36 12.20 -20.75
N GLY A 116 -18.68 10.99 -21.17
CA GLY A 116 -19.45 10.08 -20.34
C GLY A 116 -20.04 8.92 -21.11
N GLY A 117 -20.07 7.75 -20.50
CA GLY A 117 -20.64 6.58 -21.16
C GLY A 117 -19.70 6.10 -22.25
N TYR A 118 -20.27 5.78 -23.42
CA TYR A 118 -19.49 5.33 -24.56
C TYR A 118 -19.13 6.47 -25.52
N ALA A 119 -19.27 7.72 -25.07
CA ALA A 119 -18.85 8.90 -25.83
C ALA A 119 -17.86 9.66 -24.96
N GLN A 120 -16.63 9.15 -24.89
CA GLN A 120 -15.59 9.70 -24.05
C GLN A 120 -14.35 10.04 -24.87
N VAL A 121 -13.39 10.65 -24.19
CA VAL A 121 -12.06 10.92 -24.73
C VAL A 121 -11.04 10.28 -23.81
N VAL A 122 -10.05 9.61 -24.41
CA VAL A 122 -9.09 8.78 -23.69
C VAL A 122 -7.69 9.27 -24.05
N PRO A 123 -6.71 9.25 -23.12
CA PRO A 123 -6.70 8.74 -21.74
C PRO A 123 -7.36 9.64 -20.71
N MET A 124 -8.30 9.06 -19.95
CA MET A 124 -9.06 9.84 -18.98
C MET A 124 -8.20 10.27 -17.78
N GLU A 125 -7.20 9.47 -17.43
CA GLU A 125 -6.41 9.79 -16.24
C GLU A 125 -5.45 10.94 -16.48
N ASP A 126 -4.75 10.92 -17.63
CA ASP A 126 -3.85 12.03 -17.95
C ASP A 126 -4.59 13.34 -18.15
N ILE A 127 -5.79 13.28 -18.72
CA ILE A 127 -6.56 14.50 -18.98
C ILE A 127 -6.93 15.19 -17.66
N ASN A 128 -7.29 14.41 -16.65
CA ASN A 128 -7.69 14.98 -15.37
C ASN A 128 -6.50 15.43 -14.52
N LEU A 129 -5.27 15.18 -14.97
CA LEU A 129 -4.10 15.44 -14.16
C LEU A 129 -3.25 16.47 -14.90
N HIS A 130 -1.96 16.22 -15.10
CA HIS A 130 -1.06 17.18 -15.74
C HIS A 130 -1.25 17.27 -17.24
N PHE A 131 -1.85 16.24 -17.86
CA PHE A 131 -2.03 16.18 -19.31
C PHE A 131 -0.71 16.42 -20.02
N THR A 132 -0.61 17.55 -20.72
CA THR A 132 0.63 17.94 -21.39
C THR A 132 1.28 19.15 -20.72
N GLY A 133 0.80 19.55 -19.55
CA GLY A 133 1.39 20.65 -18.82
C GLY A 133 0.91 22.04 -19.21
N ASP A 134 -0.24 22.13 -19.88
CA ASP A 134 -0.73 23.44 -20.33
C ASP A 134 -1.17 24.31 -19.17
N MET A 135 -1.82 23.72 -18.17
CA MET A 135 -2.25 24.50 -17.00
C MET A 135 -1.06 25.10 -16.28
N HIS A 136 0.02 24.32 -16.12
CA HIS A 136 1.20 24.83 -15.45
C HIS A 136 1.86 25.95 -16.24
N ALA A 137 1.81 25.87 -17.58
CA ALA A 137 2.36 26.96 -18.39
C ALA A 137 1.55 28.24 -18.24
N ILE A 138 0.22 28.12 -18.23
CA ILE A 138 -0.64 29.28 -18.01
C ILE A 138 -0.32 29.92 -16.66
N GLY A 139 -0.22 29.10 -15.62
CA GLY A 139 0.04 29.64 -14.29
C GLY A 139 1.42 30.22 -14.14
N ALA A 140 2.41 29.68 -14.87
CA ALA A 140 3.76 30.21 -14.78
C ALA A 140 3.86 31.58 -15.43
N ALA A 141 3.17 31.77 -16.55
CA ALA A 141 3.14 33.09 -17.19
C ALA A 141 2.37 34.09 -16.35
N ASN A 142 1.28 33.64 -15.71
CA ASN A 142 0.51 34.52 -14.84
C ASN A 142 1.36 34.99 -13.65
N ASN A 143 2.13 34.08 -13.04
CA ASN A 143 2.89 34.40 -11.85
C ASN A 143 4.22 35.08 -12.16
N LEU A 144 4.73 34.94 -13.39
CA LEU A 144 5.90 35.72 -13.78
C LEU A 144 5.54 37.19 -13.97
N LEU A 145 4.41 37.45 -14.62
CA LEU A 145 3.95 38.82 -14.79
C LEU A 145 3.67 39.48 -13.44
N ALA A 146 3.10 38.73 -12.50
CA ALA A 146 2.86 39.26 -11.17
C ALA A 146 4.17 39.49 -10.41
N ALA A 147 5.16 38.64 -10.63
CA ALA A 147 6.45 38.82 -9.96
C ALA A 147 7.22 39.98 -10.56
N MET A 148 7.09 40.21 -11.87
CA MET A 148 7.72 41.36 -12.49
C MET A 148 6.98 42.65 -12.19
N LEU A 149 5.65 42.56 -11.98
CA LEU A 149 4.89 43.74 -11.59
C LEU A 149 5.31 44.24 -10.21
N ASP A 150 5.39 43.33 -9.24
CA ASP A 150 5.82 43.72 -7.90
C ASP A 150 7.29 44.11 -7.86
N ASN A 151 8.10 43.54 -8.75
CA ASN A 151 9.52 43.89 -8.78
C ASN A 151 9.72 45.31 -9.28
N HIS A 152 8.93 45.73 -10.27
CA HIS A 152 9.05 47.10 -10.76
C HIS A 152 8.67 48.12 -9.69
N VAL A 153 7.57 47.86 -8.97
CA VAL A 153 7.16 48.76 -7.88
C VAL A 153 8.24 48.83 -6.82
N TYR A 154 8.91 47.70 -6.56
CA TYR A 154 9.94 47.66 -5.52
C TYR A 154 11.22 48.35 -5.97
N GLN A 155 11.62 48.15 -7.23
CA GLN A 155 12.89 48.70 -7.70
C GLN A 155 12.80 50.21 -7.89
N THR A 156 11.95 50.65 -8.81
CA THR A 156 11.83 52.07 -9.14
C THR A 156 10.41 52.59 -9.08
N ASN A 157 9.43 51.79 -9.51
CA ASN A 157 8.06 52.25 -9.70
C ASN A 157 8.02 53.51 -10.58
N SER A 158 8.86 53.51 -11.63
CA SER A 158 8.88 54.62 -12.56
C SER A 158 7.59 54.73 -13.36
N LEU A 159 6.82 53.65 -13.45
CA LEU A 159 5.48 53.71 -14.04
C LEU A 159 4.46 54.31 -13.09
N ASN A 160 4.86 54.64 -11.85
CA ASN A 160 3.98 55.26 -10.86
C ASN A 160 2.73 54.44 -10.60
N ILE A 161 2.91 53.12 -10.47
CA ILE A 161 1.81 52.22 -10.20
C ILE A 161 1.31 52.45 -8.78
N ASN A 162 -0.02 52.57 -8.63
CA ASN A 162 -0.63 52.66 -7.31
C ASN A 162 -0.91 51.26 -6.79
N PRO A 163 -0.26 50.83 -5.70
CA PRO A 163 -0.46 49.46 -5.22
C PRO A 163 -1.90 49.11 -4.89
N LYS A 164 -2.70 50.11 -4.48
CA LYS A 164 -4.12 49.85 -4.23
C LYS A 164 -4.90 49.59 -5.51
N ARG A 165 -4.35 49.95 -6.67
CA ARG A 165 -5.03 49.82 -7.94
C ARG A 165 -4.44 48.72 -8.81
N ILE A 166 -3.77 47.74 -8.20
CA ILE A 166 -3.23 46.59 -8.92
C ILE A 166 -4.34 45.56 -9.06
N THR A 167 -4.81 45.34 -10.29
CA THR A 167 -5.87 44.37 -10.54
C THR A 167 -5.35 42.98 -10.87
N TRP A 168 -4.07 42.85 -11.20
CA TRP A 168 -3.53 41.54 -11.54
C TRP A 168 -3.40 40.67 -10.30
N ARG A 169 -3.81 39.42 -10.43
CA ARG A 169 -3.78 38.46 -9.34
C ARG A 169 -2.97 37.22 -9.75
N ARG A 170 -2.28 36.65 -8.78
CA ARG A 170 -1.57 35.39 -8.99
C ARG A 170 -2.58 34.25 -9.09
N CYS A 171 -2.08 33.05 -9.35
CA CYS A 171 -2.99 31.91 -9.51
C CYS A 171 -2.28 30.62 -9.11
N VAL A 172 -3.10 29.59 -8.92
CA VAL A 172 -2.62 28.25 -8.61
C VAL A 172 -3.71 27.28 -9.03
N ASP A 173 -3.31 26.07 -9.43
CA ASP A 173 -4.26 25.06 -9.87
C ASP A 173 -4.75 24.20 -8.71
N MET A 174 -5.22 24.86 -7.66
CA MET A 174 -5.70 24.17 -6.46
C MET A 174 -6.96 24.87 -5.96
N ASN A 175 -7.83 24.10 -5.30
CA ASN A 175 -9.01 24.65 -4.65
C ASN A 175 -8.63 25.05 -3.23
N ASP A 176 -8.03 26.23 -3.11
CA ASP A 176 -7.47 26.71 -1.85
C ASP A 176 -8.13 28.04 -1.49
N ARG A 177 -9.20 27.97 -0.71
CA ARG A 177 -9.89 29.19 -0.26
C ARG A 177 -8.99 30.06 0.59
N GLN A 178 -7.90 29.52 1.14
CA GLN A 178 -7.00 30.29 1.98
C GLN A 178 -6.33 31.42 1.21
N LEU A 179 -6.20 31.27 -0.11
CA LEU A 179 -5.46 32.22 -0.93
C LEU A 179 -6.38 33.22 -1.65
N ARG A 180 -7.65 33.31 -1.25
CA ARG A 180 -8.56 34.25 -1.89
C ARG A 180 -8.18 35.70 -1.58
N ASN A 181 -7.84 35.98 -0.32
CA ASN A 181 -7.51 37.33 0.13
C ASN A 181 -6.19 37.26 0.89
N VAL A 182 -5.19 38.01 0.41
CA VAL A 182 -3.82 37.87 0.88
C VAL A 182 -3.21 39.26 1.03
N VAL A 183 -2.38 39.41 2.07
CA VAL A 183 -1.44 40.52 2.18
C VAL A 183 -0.04 39.95 1.99
N ASP A 184 0.70 40.45 1.01
CA ASP A 184 2.07 40.02 0.78
C ASP A 184 2.98 41.24 0.78
N GLY A 185 4.29 40.97 0.60
CA GLY A 185 5.28 42.03 0.71
C GLY A 185 5.66 42.37 2.12
N LEU A 186 5.38 41.51 3.09
CA LEU A 186 5.68 41.77 4.48
C LEU A 186 7.13 41.41 4.78
N GLY A 187 7.59 41.82 5.97
CA GLY A 187 8.93 41.51 6.41
C GLY A 187 9.89 42.69 6.31
N LYS A 188 11.15 42.40 6.05
CA LYS A 188 12.17 43.44 5.94
C LYS A 188 11.91 44.34 4.73
N LYS A 189 12.68 45.43 4.66
CA LYS A 189 12.57 46.34 3.52
C LYS A 189 13.00 45.70 2.22
N VAL A 190 13.81 44.64 2.27
CA VAL A 190 14.21 43.92 1.07
C VAL A 190 13.21 42.86 0.66
N ASP A 191 12.06 42.76 1.34
CA ASP A 191 11.07 41.72 1.09
C ASP A 191 9.86 42.22 0.31
N GLY A 192 9.97 43.36 -0.36
CA GLY A 192 8.95 43.83 -1.29
C GLY A 192 8.18 45.02 -0.76
N VAL A 193 7.05 45.27 -1.41
CA VAL A 193 6.16 46.37 -1.10
C VAL A 193 4.86 45.78 -0.58
N THR A 194 4.47 46.17 0.63
CA THR A 194 3.28 45.63 1.27
C THR A 194 2.03 46.09 0.54
N ARG A 195 1.15 45.14 0.22
CA ARG A 195 -0.08 45.44 -0.50
C ARG A 195 -1.03 44.25 -0.38
N GLU A 196 -2.29 44.49 -0.72
CA GLU A 196 -3.28 43.43 -0.74
C GLU A 196 -3.27 42.73 -2.09
N ASP A 197 -3.57 41.43 -2.07
CA ASP A 197 -3.42 40.58 -3.24
C ASP A 197 -4.33 39.36 -3.05
N GLY A 198 -4.23 38.41 -3.97
CA GLY A 198 -5.03 37.21 -3.89
C GLY A 198 -4.73 36.29 -5.04
N PHE A 199 -5.23 35.07 -4.94
CA PHE A 199 -5.01 34.03 -5.93
C PHE A 199 -6.35 33.60 -6.54
N ASP A 200 -6.33 33.40 -7.85
CA ASP A 200 -7.44 32.76 -8.56
C ASP A 200 -7.04 31.33 -8.92
N ILE A 201 -8.02 30.53 -9.30
CA ILE A 201 -7.70 29.26 -9.93
C ILE A 201 -7.19 29.55 -11.34
N THR A 202 -6.26 28.70 -11.82
CA THR A 202 -5.51 29.04 -13.03
C THR A 202 -6.42 29.27 -14.22
N VAL A 203 -7.49 28.47 -14.35
CA VAL A 203 -8.39 28.61 -15.49
C VAL A 203 -9.12 29.95 -15.48
N ALA A 204 -9.21 30.61 -14.33
CA ALA A 204 -9.86 31.91 -14.25
C ALA A 204 -8.92 33.07 -14.60
N SER A 205 -7.65 32.80 -14.83
CA SER A 205 -6.69 33.85 -15.14
C SER A 205 -6.95 34.45 -16.52
N GLU A 206 -6.59 35.72 -16.68
CA GLU A 206 -6.72 36.37 -17.97
C GLU A 206 -5.71 35.85 -18.98
N VAL A 207 -4.60 35.27 -18.52
CA VAL A 207 -3.67 34.62 -19.43
C VAL A 207 -4.37 33.47 -20.16
N MET A 208 -5.23 32.73 -19.46
CA MET A 208 -5.97 31.64 -20.09
C MET A 208 -6.91 32.16 -21.17
N ALA A 209 -7.60 33.26 -20.89
CA ALA A 209 -8.55 33.80 -21.88
C ALA A 209 -7.82 34.34 -23.10
N ALA A 210 -6.69 35.03 -22.90
CA ALA A 210 -5.90 35.50 -24.04
C ALA A 210 -5.22 34.34 -24.74
N PHE A 211 -4.90 33.27 -24.01
CA PHE A 211 -4.34 32.07 -24.63
C PHE A 211 -5.33 31.45 -25.61
N CYS A 212 -6.61 31.48 -25.27
CA CYS A 212 -7.63 30.87 -26.12
C CYS A 212 -8.08 31.78 -27.25
N LEU A 213 -7.84 33.09 -27.14
CA LEU A 213 -8.27 34.07 -28.14
C LEU A 213 -7.10 34.61 -28.96
N SER A 214 -6.14 33.73 -29.28
CA SER A 214 -4.98 34.08 -30.07
C SER A 214 -4.91 33.16 -31.29
N ASN A 215 -4.77 33.76 -32.47
CA ASN A 215 -4.76 32.98 -33.70
C ASN A 215 -3.42 32.32 -33.97
N ASN A 216 -2.33 32.86 -33.42
CA ASN A 216 -1.00 32.29 -33.63
C ASN A 216 -0.11 32.78 -32.49
N ILE A 217 1.20 32.46 -32.59
CA ILE A 217 2.13 32.87 -31.55
C ILE A 217 2.44 34.36 -31.62
N SER A 218 2.31 34.96 -32.81
CA SER A 218 2.55 36.40 -32.94
C SER A 218 1.43 37.19 -32.29
N GLU A 219 0.18 36.77 -32.48
CA GLU A 219 -0.94 37.46 -31.86
C GLU A 219 -1.00 37.21 -30.35
N LEU A 220 -0.50 36.06 -29.90
CA LEU A 220 -0.51 35.76 -28.47
C LEU A 220 0.40 36.72 -27.71
N LYS A 221 1.62 36.95 -28.23
CA LYS A 221 2.53 37.87 -27.58
C LYS A 221 1.97 39.29 -27.58
N GLU A 222 1.28 39.67 -28.65
CA GLU A 222 0.67 41.00 -28.71
C GLU A 222 -0.48 41.14 -27.72
N ASN A 223 -1.27 40.07 -27.54
CA ASN A 223 -2.37 40.12 -26.60
C ASN A 223 -1.89 40.12 -25.16
N LEU A 224 -0.86 39.32 -24.85
CA LEU A 224 -0.27 39.36 -23.53
C LEU A 224 0.29 40.73 -23.21
N GLY A 225 0.81 41.44 -24.21
CA GLY A 225 1.29 42.78 -23.99
C GLY A 225 0.18 43.78 -23.69
N ASN A 226 -1.01 43.54 -24.22
CA ASN A 226 -2.15 44.42 -23.99
C ASN A 226 -2.79 44.21 -22.62
N ILE A 227 -2.36 43.19 -21.86
CA ILE A 227 -2.95 42.92 -20.56
C ILE A 227 -2.73 44.11 -19.65
N VAL A 228 -3.82 44.63 -19.08
CA VAL A 228 -3.74 45.72 -18.11
C VAL A 228 -3.59 45.09 -16.72
N VAL A 229 -2.52 45.45 -16.03
CA VAL A 229 -2.20 44.81 -14.75
C VAL A 229 -2.51 45.74 -13.59
N ALA A 230 -2.49 47.04 -13.83
CA ALA A 230 -2.71 48.00 -12.77
C ALA A 230 -3.03 49.36 -13.38
N TYR A 231 -3.20 50.35 -12.51
CA TYR A 231 -3.41 51.74 -12.89
C TYR A 231 -2.41 52.61 -12.13
N ASN A 232 -1.95 53.68 -12.76
CA ASN A 232 -1.05 54.59 -12.10
C ASN A 232 -1.85 55.62 -11.29
N TYR A 233 -1.11 56.47 -10.57
CA TYR A 233 -1.78 57.48 -9.73
C TYR A 233 -2.53 58.52 -10.57
N SER A 234 -2.21 58.62 -11.86
CA SER A 234 -2.93 59.52 -12.75
C SER A 234 -4.19 58.90 -13.34
N GLY A 235 -4.41 57.60 -13.14
CA GLY A 235 -5.58 56.92 -13.66
C GLY A 235 -5.37 56.15 -14.94
N LYS A 236 -4.18 56.21 -15.54
CA LYS A 236 -3.94 55.53 -16.80
C LYS A 236 -3.58 54.06 -16.57
N PRO A 237 -3.96 53.17 -17.48
CA PRO A 237 -3.64 51.75 -17.30
C PRO A 237 -2.16 51.47 -17.53
N VAL A 238 -1.66 50.50 -16.77
CA VAL A 238 -0.29 50.01 -16.92
C VAL A 238 -0.37 48.59 -17.45
N THR A 239 0.30 48.34 -18.58
CA THR A 239 0.19 47.08 -19.29
C THR A 239 1.43 46.23 -19.09
N ALA A 240 1.27 44.92 -19.37
CA ALA A 240 2.42 44.01 -19.32
C ALA A 240 3.49 44.41 -20.32
N ARG A 241 3.09 45.09 -21.40
CA ARG A 241 4.08 45.59 -22.36
C ARG A 241 4.95 46.68 -21.74
N ASP A 242 4.35 47.53 -20.89
CA ASP A 242 5.13 48.55 -20.19
C ASP A 242 6.16 47.91 -19.26
N LEU A 243 5.88 46.70 -18.79
CA LEU A 243 6.81 45.97 -17.92
C LEU A 243 7.77 45.10 -18.71
N ASN A 244 7.68 45.08 -20.04
CA ASN A 244 8.52 44.25 -20.90
C ASN A 244 8.46 42.78 -20.47
N ALA A 245 7.24 42.32 -20.17
CA ALA A 245 7.02 40.96 -19.71
C ALA A 245 6.35 40.05 -20.72
N HIS A 246 5.73 40.61 -21.77
CA HIS A 246 4.97 39.78 -22.70
C HIS A 246 5.89 38.92 -23.57
N GLY A 247 7.14 39.35 -23.76
CA GLY A 247 8.08 38.52 -24.50
C GLY A 247 8.42 37.23 -23.76
N ALA A 248 8.61 37.32 -22.44
CA ALA A 248 8.91 36.13 -21.65
C ALA A 248 7.65 35.30 -21.40
N MET A 249 6.48 35.94 -21.30
CA MET A 249 5.24 35.20 -21.11
C MET A 249 4.94 34.32 -22.32
N ALA A 250 5.14 34.86 -23.52
CA ALA A 250 4.93 34.08 -24.74
C ALA A 250 5.91 32.93 -24.83
N ALA A 251 7.12 33.08 -24.28
CA ALA A 251 8.08 31.99 -24.27
C ALA A 251 7.62 30.86 -23.35
N ILE A 252 7.03 31.21 -22.21
CA ILE A 252 6.49 30.20 -21.30
C ILE A 252 5.37 29.41 -21.96
N LEU A 253 4.60 30.04 -22.85
CA LEU A 253 3.46 29.43 -23.49
C LEU A 253 3.74 28.97 -24.91
N LYS A 254 5.00 28.92 -25.31
CA LYS A 254 5.34 28.56 -26.69
C LYS A 254 4.88 27.15 -27.03
N ASP A 255 5.29 26.16 -26.23
CA ASP A 255 4.87 24.78 -26.47
C ASP A 255 3.41 24.57 -26.09
N ALA A 256 2.93 25.27 -25.06
CA ALA A 256 1.55 25.09 -24.62
C ALA A 256 0.55 25.49 -25.69
N LEU A 257 0.89 26.47 -26.53
CA LEU A 257 -0.02 26.92 -27.57
C LEU A 257 -0.26 25.85 -28.63
N LYS A 258 0.59 24.85 -28.72
CA LYS A 258 0.38 23.75 -29.63
C LYS A 258 -0.80 22.92 -29.15
N PRO A 259 -1.83 22.71 -29.98
CA PRO A 259 -2.99 21.92 -29.54
C PRO A 259 -2.59 20.49 -29.21
N ASN A 260 -3.41 19.85 -28.39
CA ASN A 260 -3.15 18.50 -27.89
C ASN A 260 -4.05 17.51 -28.62
N LEU A 261 -3.44 16.55 -29.29
CA LEU A 261 -4.18 15.54 -30.04
C LEU A 261 -4.44 14.32 -29.18
N VAL A 262 -5.71 13.91 -29.11
CA VAL A 262 -6.09 12.69 -28.42
C VAL A 262 -7.13 11.97 -29.27
N GLN A 263 -7.82 10.99 -28.69
CA GLN A 263 -8.78 10.19 -29.43
C GLN A 263 -10.00 9.91 -28.57
N THR A 264 -11.07 9.51 -29.24
CA THR A 264 -12.27 9.06 -28.55
C THR A 264 -12.22 7.55 -28.36
N LEU A 265 -13.29 6.99 -27.79
CA LEU A 265 -13.34 5.55 -27.57
C LEU A 265 -13.38 4.77 -28.88
N GLU A 266 -13.82 5.39 -29.98
CA GLU A 266 -13.90 4.73 -31.27
C GLU A 266 -12.78 5.15 -32.22
N GLY A 267 -11.79 5.88 -31.73
CA GLY A 267 -10.66 6.26 -32.55
C GLY A 267 -10.80 7.55 -33.31
N THR A 268 -11.84 8.34 -33.05
CA THR A 268 -12.00 9.61 -33.74
C THR A 268 -10.99 10.62 -33.20
N PRO A 269 -10.26 11.33 -34.06
CA PRO A 269 -9.30 12.32 -33.58
C PRO A 269 -9.97 13.39 -32.73
N ALA A 270 -9.38 13.68 -31.58
CA ALA A 270 -9.88 14.67 -30.65
C ALA A 270 -8.78 15.64 -30.30
N ILE A 271 -9.15 16.91 -30.12
CA ILE A 271 -8.20 17.98 -29.77
C ILE A 271 -8.73 18.68 -28.52
N LEU A 272 -7.95 18.61 -27.43
CA LEU A 272 -8.26 19.29 -26.19
C LEU A 272 -7.24 20.40 -25.97
N HIS A 273 -7.72 21.63 -25.80
CA HIS A 273 -6.83 22.77 -25.71
C HIS A 273 -7.57 23.92 -25.02
N GLY A 274 -6.96 24.48 -23.98
CA GLY A 274 -7.56 25.58 -23.25
C GLY A 274 -8.80 25.16 -22.47
N GLY A 275 -9.44 26.15 -21.86
CA GLY A 275 -10.65 25.92 -21.11
C GLY A 275 -10.86 26.92 -20.00
N PRO A 276 -11.25 28.15 -20.35
CA PRO A 276 -11.48 29.18 -19.33
C PRO A 276 -12.90 29.14 -18.78
N PHE A 277 -13.22 30.07 -17.89
CA PHE A 277 -14.56 30.18 -17.36
C PHE A 277 -15.55 30.57 -18.45
N ALA A 278 -16.82 30.24 -18.22
CA ALA A 278 -17.89 30.64 -19.13
C ALA A 278 -18.68 31.84 -18.61
N ASN A 279 -18.30 32.40 -17.47
CA ASN A 279 -18.94 33.58 -16.93
C ASN A 279 -18.05 34.81 -17.05
N ILE A 280 -16.85 34.79 -16.45
CA ILE A 280 -15.91 35.90 -16.60
C ILE A 280 -15.07 35.78 -17.86
N ALA A 281 -15.26 34.71 -18.64
CA ALA A 281 -14.60 34.56 -19.94
C ALA A 281 -15.63 33.96 -20.89
N HIS A 282 -15.15 33.49 -22.05
CA HIS A 282 -16.05 33.01 -23.10
C HIS A 282 -16.37 31.52 -23.00
N GLY A 283 -15.56 30.75 -22.29
CA GLY A 283 -15.90 29.35 -22.04
C GLY A 283 -15.84 28.45 -23.24
N CYS A 284 -14.91 28.69 -24.16
CA CYS A 284 -14.72 27.85 -25.34
C CYS A 284 -13.30 27.29 -25.32
N ASN A 285 -13.02 26.37 -26.25
CA ASN A 285 -11.66 25.94 -26.44
C ASN A 285 -10.89 27.03 -27.20
N SER A 286 -9.59 26.80 -27.40
CA SER A 286 -8.75 27.83 -27.99
C SER A 286 -9.08 28.04 -29.47
N ILE A 287 -8.86 29.27 -29.93
CA ILE A 287 -9.04 29.57 -31.35
C ILE A 287 -8.10 28.73 -32.19
N ILE A 288 -6.85 28.59 -31.76
CA ILE A 288 -5.87 27.87 -32.55
C ILE A 288 -6.18 26.38 -32.64
N ALA A 289 -6.92 25.83 -31.67
CA ALA A 289 -7.32 24.43 -31.77
C ALA A 289 -8.52 24.26 -32.71
N THR A 290 -9.48 25.18 -32.64
CA THR A 290 -10.63 25.13 -33.55
C THR A 290 -10.19 25.31 -34.99
N LYS A 291 -9.37 26.34 -35.25
CA LYS A 291 -8.88 26.56 -36.61
C LYS A 291 -7.88 25.49 -37.04
N MET A 292 -7.26 24.79 -36.09
CA MET A 292 -6.44 23.64 -36.45
C MET A 292 -7.32 22.50 -36.96
N GLY A 293 -8.43 22.23 -36.29
CA GLY A 293 -9.34 21.19 -36.75
C GLY A 293 -9.91 21.49 -38.11
N MET A 294 -10.35 22.73 -38.34
CA MET A 294 -10.86 23.13 -39.64
C MET A 294 -9.78 23.10 -40.71
N HIS A 295 -8.52 23.18 -40.32
CA HIS A 295 -7.41 23.09 -41.26
C HIS A 295 -7.10 21.65 -41.64
N MET A 296 -7.29 20.71 -40.70
CA MET A 296 -6.92 19.32 -40.90
C MET A 296 -8.10 18.40 -41.16
N ALA A 297 -9.33 18.86 -40.97
CA ALA A 297 -10.51 18.02 -41.12
C ALA A 297 -11.58 18.75 -41.90
N ASP A 298 -12.57 17.99 -42.36
CA ASP A 298 -13.71 18.56 -43.08
C ASP A 298 -14.84 18.98 -42.16
N TYR A 299 -14.91 18.44 -40.95
CA TYR A 299 -15.95 18.79 -39.99
C TYR A 299 -15.34 18.85 -38.61
N VAL A 300 -15.73 19.87 -37.85
CA VAL A 300 -15.22 20.10 -36.50
C VAL A 300 -16.41 20.22 -35.56
N VAL A 301 -16.43 19.39 -34.52
CA VAL A 301 -17.47 19.43 -33.49
C VAL A 301 -16.84 20.05 -32.25
N THR A 302 -17.30 21.24 -31.89
CA THR A 302 -16.84 21.93 -30.70
C THR A 302 -18.04 22.29 -29.83
N GLU A 303 -17.79 22.93 -28.70
CA GLU A 303 -18.85 23.25 -27.76
C GLU A 303 -18.48 24.51 -26.98
N ALA A 304 -19.46 25.04 -26.26
CA ALA A 304 -19.28 26.18 -25.38
C ALA A 304 -19.96 25.88 -24.05
N GLY A 305 -19.36 26.37 -22.97
CA GLY A 305 -19.86 26.08 -21.64
C GLY A 305 -21.20 26.74 -21.37
N PHE A 306 -21.92 26.17 -20.39
CA PHE A 306 -23.22 26.64 -19.96
C PHE A 306 -24.23 26.65 -21.11
N GLY A 307 -25.38 27.29 -20.89
CA GLY A 307 -26.44 27.31 -21.88
C GLY A 307 -26.14 28.22 -23.05
N ALA A 308 -27.06 28.21 -24.02
CA ALA A 308 -26.92 29.03 -25.21
C ALA A 308 -27.03 30.52 -24.93
N ASP A 309 -27.49 30.90 -23.73
CA ASP A 309 -27.55 32.31 -23.36
C ASP A 309 -26.21 32.87 -22.90
N LEU A 310 -25.21 32.01 -22.69
CA LEU A 310 -23.90 32.48 -22.23
C LEU A 310 -22.78 31.98 -23.15
N GLY A 311 -22.55 30.68 -23.17
CA GLY A 311 -21.43 30.15 -23.95
C GLY A 311 -21.62 30.34 -25.44
N ALA A 312 -22.78 29.98 -25.96
CA ALA A 312 -23.04 30.16 -27.38
C ALA A 312 -23.06 31.64 -27.75
N GLU A 313 -23.57 32.48 -26.86
CA GLU A 313 -23.56 33.92 -27.11
C GLU A 313 -22.13 34.46 -27.15
N LYS A 314 -21.25 33.92 -26.31
CA LYS A 314 -19.86 34.36 -26.30
C LYS A 314 -19.04 33.66 -27.38
N PHE A 315 -19.40 32.43 -27.74
CA PHE A 315 -18.75 31.77 -28.87
C PHE A 315 -18.97 32.58 -30.16
N LEU A 316 -20.16 33.15 -30.32
CA LEU A 316 -20.52 33.84 -31.56
C LEU A 316 -20.12 35.31 -31.56
N ASP A 317 -20.23 35.99 -30.42
CA ASP A 317 -19.97 37.42 -30.36
C ASP A 317 -18.54 37.76 -29.92
N ILE A 318 -17.77 36.77 -29.46
CA ILE A 318 -16.40 37.04 -29.02
C ILE A 318 -15.41 36.17 -29.80
N LYS A 319 -15.57 34.85 -29.71
CA LYS A 319 -14.60 33.94 -30.33
C LYS A 319 -14.64 34.06 -31.85
N CYS A 320 -15.84 33.97 -32.45
CA CYS A 320 -15.95 34.03 -33.89
C CYS A 320 -15.54 35.40 -34.43
N ARG A 321 -15.78 36.47 -33.67
CA ARG A 321 -15.40 37.80 -34.12
C ARG A 321 -13.89 37.97 -34.18
N LYS A 322 -13.16 37.33 -33.27
CA LYS A 322 -11.70 37.43 -33.24
C LYS A 322 -11.01 36.39 -34.11
N ALA A 323 -11.67 35.26 -34.38
CA ALA A 323 -11.10 34.22 -35.22
C ALA A 323 -11.47 34.37 -36.69
N GLY A 324 -12.46 35.19 -37.01
CA GLY A 324 -12.93 35.29 -38.38
C GLY A 324 -13.58 34.02 -38.90
N ILE A 325 -14.18 33.24 -38.01
CA ILE A 325 -14.85 32.00 -38.42
C ILE A 325 -16.34 32.11 -38.10
N ARG A 326 -17.09 31.07 -38.40
CA ARG A 326 -18.54 31.12 -38.29
C ARG A 326 -19.12 29.71 -38.34
N PRO A 327 -20.01 29.37 -37.41
CA PRO A 327 -20.56 28.00 -37.39
C PRO A 327 -21.51 27.76 -38.56
N ASP A 328 -21.43 26.56 -39.14
CA ASP A 328 -22.34 26.15 -40.19
C ASP A 328 -23.58 25.46 -39.65
N ALA A 329 -23.54 24.96 -38.42
CA ALA A 329 -24.69 24.32 -37.80
C ALA A 329 -24.53 24.38 -36.29
N VAL A 330 -25.66 24.48 -35.59
CA VAL A 330 -25.70 24.54 -34.14
C VAL A 330 -26.54 23.37 -33.64
N ILE A 331 -26.00 22.61 -32.68
CA ILE A 331 -26.70 21.52 -32.04
C ILE A 331 -27.13 21.99 -30.66
N ILE A 332 -28.44 22.08 -30.44
CA ILE A 332 -29.00 22.50 -29.15
C ILE A 332 -29.38 21.24 -28.38
N VAL A 333 -28.66 20.98 -27.29
CA VAL A 333 -28.88 19.78 -26.48
C VAL A 333 -29.92 20.10 -25.41
N ALA A 334 -30.90 19.21 -25.26
CA ALA A 334 -31.93 19.40 -24.25
C ALA A 334 -32.38 18.03 -23.74
N THR A 335 -32.69 17.98 -22.46
CA THR A 335 -33.21 16.76 -21.83
C THR A 335 -34.61 17.02 -21.30
N VAL A 336 -35.42 15.96 -21.28
CA VAL A 336 -36.77 16.08 -20.74
C VAL A 336 -36.73 16.38 -19.24
N ARG A 337 -35.70 15.90 -18.55
CA ARG A 337 -35.54 16.24 -17.13
C ARG A 337 -35.34 17.74 -16.95
N ALA A 338 -34.48 18.34 -17.76
CA ALA A 338 -34.20 19.77 -17.62
C ALA A 338 -35.42 20.61 -17.96
N LEU A 339 -36.17 20.21 -18.98
CA LEU A 339 -37.39 20.95 -19.32
C LEU A 339 -38.46 20.78 -18.24
N LYS A 340 -38.60 19.58 -17.70
CA LYS A 340 -39.53 19.38 -16.58
C LYS A 340 -39.03 20.08 -15.32
N TYR A 341 -37.71 20.15 -15.13
CA TYR A 341 -37.17 20.93 -14.02
C TYR A 341 -37.51 22.41 -14.18
N ASN A 342 -37.52 22.91 -15.42
CA ASN A 342 -37.93 24.28 -15.68
C ASN A 342 -39.44 24.47 -15.57
N GLY A 343 -40.21 23.39 -15.45
CA GLY A 343 -41.65 23.49 -15.37
C GLY A 343 -42.19 23.42 -13.96
N GLY A 344 -41.33 23.66 -12.97
CA GLY A 344 -41.72 23.67 -11.57
C GLY A 344 -41.45 22.39 -10.82
N VAL A 345 -40.97 21.35 -11.48
CA VAL A 345 -40.70 20.08 -10.82
C VAL A 345 -39.36 20.16 -10.10
N ALA A 346 -39.29 19.56 -8.92
CA ALA A 346 -38.04 19.49 -8.17
C ALA A 346 -37.14 18.40 -8.75
N LYS A 347 -35.92 18.32 -8.22
CA LYS A 347 -34.95 17.35 -8.73
C LYS A 347 -35.38 15.92 -8.45
N ASP A 348 -36.12 15.68 -7.36
CA ASP A 348 -36.47 14.33 -6.99
C ASP A 348 -37.60 13.77 -7.84
N GLN A 349 -38.56 14.62 -8.23
CA GLN A 349 -39.72 14.20 -9.00
C GLN A 349 -39.50 14.30 -10.50
N LEU A 350 -38.25 14.30 -10.96
CA LEU A 350 -37.94 14.47 -12.37
C LEU A 350 -38.30 13.25 -13.22
N ASN A 351 -38.71 12.14 -12.59
CA ASN A 351 -38.94 10.91 -13.33
C ASN A 351 -40.41 10.62 -13.60
N ASN A 352 -41.33 11.37 -13.00
CA ASN A 352 -42.75 11.18 -13.27
C ASN A 352 -43.11 11.78 -14.63
N GLU A 353 -43.92 11.05 -15.38
CA GLU A 353 -44.32 11.49 -16.73
C GLU A 353 -45.27 12.68 -16.59
N ASN A 354 -44.68 13.86 -16.42
CA ASN A 354 -45.42 15.10 -16.26
C ASN A 354 -45.41 15.84 -17.59
N LEU A 355 -46.39 15.54 -18.44
CA LEU A 355 -46.50 16.24 -19.72
C LEU A 355 -46.87 17.70 -19.53
N GLU A 356 -47.57 18.03 -18.44
CA GLU A 356 -47.99 19.40 -18.21
C GLU A 356 -46.81 20.29 -17.85
N ALA A 357 -45.94 19.82 -16.95
CA ALA A 357 -44.77 20.61 -16.58
C ALA A 357 -43.75 20.65 -17.71
N LEU A 358 -43.75 19.65 -18.59
CA LEU A 358 -42.86 19.68 -19.74
C LEU A 358 -43.21 20.80 -20.70
N GLU A 359 -44.50 21.15 -20.79
CA GLU A 359 -44.92 22.20 -21.71
C GLU A 359 -44.60 23.60 -21.18
N LYS A 360 -44.65 23.79 -19.87
CA LYS A 360 -44.30 25.09 -19.30
C LYS A 360 -42.80 25.28 -19.15
N GLY A 361 -42.02 24.20 -19.19
CA GLY A 361 -40.58 24.30 -19.28
C GLY A 361 -40.04 24.34 -20.69
N LEU A 362 -40.89 24.01 -21.67
CA LEU A 362 -40.48 24.07 -23.06
C LEU A 362 -40.13 25.48 -23.55
N PRO A 363 -40.81 26.58 -23.11
CA PRO A 363 -40.44 27.91 -23.60
C PRO A 363 -38.97 28.26 -23.42
N ASN A 364 -38.29 27.61 -22.47
CA ASN A 364 -36.86 27.80 -22.34
C ASN A 364 -36.11 27.26 -23.56
N LEU A 365 -36.45 26.03 -23.96
CA LEU A 365 -35.85 25.46 -25.17
C LEU A 365 -36.21 26.28 -26.40
N LEU A 366 -37.47 26.74 -26.49
CA LEU A 366 -37.89 27.50 -27.65
C LEU A 366 -37.24 28.88 -27.69
N LYS A 367 -36.87 29.43 -26.53
CA LYS A 367 -36.22 30.73 -26.53
C LYS A 367 -34.80 30.65 -27.09
N HIS A 368 -34.05 29.62 -26.71
CA HIS A 368 -32.72 29.43 -27.28
C HIS A 368 -32.80 29.11 -28.77
N ILE A 369 -33.86 28.45 -29.20
CA ILE A 369 -34.07 28.19 -30.62
C ILE A 369 -34.25 29.49 -31.39
N GLU A 370 -35.00 30.43 -30.81
CA GLU A 370 -35.21 31.72 -31.47
C GLU A 370 -33.92 32.52 -31.53
N ASN A 371 -33.10 32.47 -30.47
CA ASN A 371 -31.84 33.20 -30.46
C ASN A 371 -30.89 32.68 -31.53
N ILE A 372 -30.79 31.35 -31.68
CA ILE A 372 -29.85 30.78 -32.63
C ILE A 372 -30.33 30.97 -34.06
N THR A 373 -31.62 30.76 -34.30
CA THR A 373 -32.14 30.73 -35.67
C THR A 373 -32.62 32.10 -36.16
N GLN A 374 -33.06 32.99 -35.27
CA GLN A 374 -33.62 34.27 -35.70
C GLN A 374 -32.74 35.46 -35.37
N VAL A 375 -31.91 35.39 -34.35
CA VAL A 375 -31.02 36.50 -34.01
C VAL A 375 -29.67 36.35 -34.70
N TYR A 376 -29.07 35.16 -34.63
CA TYR A 376 -27.80 34.90 -35.32
C TYR A 376 -28.00 34.28 -36.69
N LYS A 377 -29.18 33.73 -36.96
CA LYS A 377 -29.54 33.21 -38.28
C LYS A 377 -28.59 32.08 -38.71
N ILE A 378 -28.52 31.07 -37.85
CA ILE A 378 -27.68 29.89 -38.07
C ILE A 378 -28.60 28.67 -38.04
N PRO A 379 -28.47 27.75 -39.00
CA PRO A 379 -29.29 26.52 -38.95
C PRO A 379 -29.00 25.74 -37.67
N ALA A 380 -30.07 25.36 -36.99
CA ALA A 380 -29.97 24.66 -35.71
C ALA A 380 -30.77 23.36 -35.75
N VAL A 381 -30.36 22.42 -34.92
CA VAL A 381 -31.06 21.15 -34.73
C VAL A 381 -31.11 20.86 -33.25
N VAL A 382 -32.26 20.38 -32.77
CA VAL A 382 -32.42 20.02 -31.37
C VAL A 382 -32.05 18.55 -31.20
N ALA A 383 -31.00 18.29 -30.43
CA ALA A 383 -30.60 16.94 -30.08
C ALA A 383 -31.16 16.62 -28.70
N ILE A 384 -32.03 15.63 -28.63
CA ILE A 384 -32.62 15.21 -27.37
C ILE A 384 -31.72 14.15 -26.75
N ASN A 385 -31.04 14.51 -25.67
CA ASN A 385 -30.25 13.55 -24.92
C ASN A 385 -31.19 12.63 -24.15
N ARG A 386 -31.52 11.48 -24.73
CA ARG A 386 -32.55 10.61 -24.17
C ARG A 386 -32.04 9.99 -22.87
N PHE A 387 -32.54 10.48 -21.74
CA PHE A 387 -32.31 9.82 -20.47
C PHE A 387 -33.29 8.64 -20.33
N PRO A 388 -32.90 7.60 -19.58
CA PRO A 388 -33.57 6.29 -19.73
C PRO A 388 -35.09 6.29 -19.77
N LEU A 389 -35.75 7.00 -18.84
CA LEU A 389 -37.18 6.81 -18.61
C LEU A 389 -38.06 7.75 -19.44
N ASP A 390 -37.55 8.28 -20.55
CA ASP A 390 -38.35 9.18 -21.36
C ASP A 390 -39.47 8.42 -22.07
N THR A 391 -40.66 9.00 -22.07
CA THR A 391 -41.83 8.41 -22.70
C THR A 391 -42.02 8.99 -24.10
N ASP A 392 -42.72 8.23 -24.95
CA ASP A 392 -42.96 8.67 -26.31
C ASP A 392 -43.86 9.90 -26.36
N ALA A 393 -44.81 10.02 -25.42
CA ALA A 393 -45.61 11.22 -25.34
C ALA A 393 -44.78 12.42 -24.93
N GLU A 394 -43.77 12.21 -24.07
CA GLU A 394 -42.82 13.28 -23.77
C GLU A 394 -42.01 13.67 -25.00
N LEU A 395 -41.55 12.68 -25.77
CA LEU A 395 -40.74 12.95 -26.94
C LEU A 395 -41.55 13.46 -28.12
N ALA A 396 -42.86 13.22 -28.13
CA ALA A 396 -43.70 13.76 -29.21
C ALA A 396 -44.09 15.21 -28.95
N LEU A 397 -44.24 15.59 -27.68
CA LEU A 397 -44.57 16.99 -27.37
C LEU A 397 -43.39 17.91 -27.65
N VAL A 398 -42.18 17.51 -27.24
CA VAL A 398 -41.01 18.33 -27.51
C VAL A 398 -40.71 18.37 -29.01
N ARG A 399 -41.03 17.30 -29.74
CA ARG A 399 -40.91 17.33 -31.19
C ARG A 399 -42.02 18.14 -31.84
N SER A 400 -43.15 18.28 -31.16
CA SER A 400 -44.29 18.99 -31.74
C SER A 400 -44.02 20.50 -31.82
N LYS A 401 -43.69 21.12 -30.68
CA LYS A 401 -43.54 22.56 -30.64
C LYS A 401 -42.22 23.04 -31.23
N CYS A 402 -41.22 22.15 -31.37
CA CYS A 402 -40.02 22.50 -32.10
C CYS A 402 -40.26 22.53 -33.60
N GLU A 403 -41.29 21.82 -34.08
CA GLU A 403 -41.66 21.90 -35.49
C GLU A 403 -42.25 23.26 -35.83
N GLU A 404 -42.89 23.93 -34.86
CA GLU A 404 -43.60 25.16 -35.13
C GLU A 404 -42.66 26.26 -35.62
N LEU A 405 -41.42 26.29 -35.12
CA LEU A 405 -40.45 27.31 -35.51
C LEU A 405 -39.40 26.78 -36.47
N GLY A 406 -39.68 25.66 -37.13
CA GLY A 406 -38.83 25.18 -38.21
C GLY A 406 -37.51 24.57 -37.81
N VAL A 407 -37.49 23.74 -36.76
CA VAL A 407 -36.28 23.08 -36.30
C VAL A 407 -36.55 21.59 -36.17
N LYS A 408 -35.73 20.78 -36.81
CA LYS A 408 -35.85 19.34 -36.67
C LYS A 408 -35.36 18.90 -35.29
N VAL A 409 -35.84 17.72 -34.87
CA VAL A 409 -35.49 17.16 -33.57
C VAL A 409 -34.99 15.75 -33.79
N ALA A 410 -33.77 15.47 -33.35
CA ALA A 410 -33.17 14.15 -33.44
C ALA A 410 -32.91 13.62 -32.04
N LEU A 411 -33.09 12.31 -31.86
CA LEU A 411 -32.91 11.67 -30.57
C LEU A 411 -31.48 11.15 -30.46
N SER A 412 -30.77 11.58 -29.42
CA SER A 412 -29.38 11.19 -29.20
C SER A 412 -29.31 10.09 -28.16
N GLU A 413 -28.61 9.01 -28.49
CA GLU A 413 -28.38 7.88 -27.59
C GLU A 413 -26.91 7.53 -27.55
N VAL A 414 -26.05 8.55 -27.62
CA VAL A 414 -24.61 8.32 -27.68
C VAL A 414 -24.04 7.89 -26.33
N TRP A 415 -24.75 8.14 -25.25
CA TRP A 415 -24.26 7.75 -23.93
C TRP A 415 -24.20 6.25 -23.77
N ALA A 416 -25.15 5.52 -24.37
CA ALA A 416 -25.22 4.07 -24.24
C ALA A 416 -24.75 3.33 -25.48
N ASN A 417 -24.81 3.94 -26.65
CA ASN A 417 -24.50 3.24 -27.90
C ASN A 417 -23.30 3.80 -28.66
N GLY A 418 -22.68 4.88 -28.18
CA GLY A 418 -21.56 5.47 -28.87
C GLY A 418 -21.91 6.20 -30.15
N GLY A 419 -21.14 5.95 -31.21
CA GLY A 419 -21.39 6.63 -32.47
C GLY A 419 -22.69 6.25 -33.13
N GLU A 420 -23.16 5.00 -32.92
CA GLU A 420 -24.42 4.58 -33.52
C GLU A 420 -25.59 5.39 -32.99
N GLY A 421 -25.50 5.89 -31.76
CA GLY A 421 -26.60 6.64 -31.17
C GLY A 421 -26.72 8.05 -31.70
N GLY A 422 -25.70 8.55 -32.39
CA GLY A 422 -25.70 9.91 -32.91
C GLY A 422 -25.90 10.04 -34.40
N ILE A 423 -26.28 8.96 -35.10
CA ILE A 423 -26.47 9.04 -36.55
C ILE A 423 -27.65 9.94 -36.88
N GLU A 424 -28.71 9.89 -36.06
CA GLU A 424 -29.88 10.72 -36.32
C GLU A 424 -29.55 12.20 -36.18
N VAL A 425 -28.66 12.56 -35.25
CA VAL A 425 -28.23 13.95 -35.13
C VAL A 425 -27.22 14.29 -36.22
N ALA A 426 -26.32 13.36 -36.53
CA ALA A 426 -25.28 13.62 -37.52
C ALA A 426 -25.86 13.89 -38.90
N ASN A 427 -26.82 13.06 -39.33
CA ASN A 427 -27.43 13.25 -40.64
C ASN A 427 -28.15 14.59 -40.72
N GLU A 428 -28.89 14.95 -39.67
CA GLU A 428 -29.63 16.22 -39.69
C GLU A 428 -28.69 17.41 -39.73
N VAL A 429 -27.51 17.30 -39.11
CA VAL A 429 -26.53 18.37 -39.21
C VAL A 429 -25.96 18.45 -40.61
N LEU A 430 -25.67 17.30 -41.23
CA LEU A 430 -25.14 17.29 -42.59
C LEU A 430 -26.14 17.89 -43.57
N LYS A 431 -27.44 17.70 -43.32
CA LYS A 431 -28.45 18.29 -44.20
C LYS A 431 -28.62 19.78 -43.95
N LEU A 432 -28.46 20.23 -42.71
CA LEU A 432 -28.49 21.66 -42.42
C LEU A 432 -27.34 22.38 -43.10
N ILE A 433 -26.19 21.73 -43.24
CA ILE A 433 -25.06 22.34 -43.93
C ILE A 433 -25.34 22.45 -45.42
N GLU A 434 -26.02 21.45 -45.99
CA GLU A 434 -26.37 21.50 -47.41
C GLU A 434 -27.57 22.41 -47.65
N GLU A 435 -28.61 22.28 -46.83
CA GLU A 435 -29.88 22.95 -47.09
C GLU A 435 -29.91 24.37 -46.51
N GLY A 436 -29.68 24.49 -45.20
CA GLY A 436 -29.85 25.75 -44.50
C GLY A 436 -29.05 26.92 -45.05
N GLU A 437 -29.75 27.99 -45.41
CA GLU A 437 -29.09 29.24 -45.74
C GLU A 437 -28.42 29.81 -44.50
N ASN A 438 -27.35 30.59 -44.72
CA ASN A 438 -26.55 31.12 -43.63
C ASN A 438 -26.39 32.62 -43.80
N ASN A 439 -27.09 33.40 -42.97
CA ASN A 439 -26.96 34.85 -42.95
C ASN A 439 -26.48 35.30 -41.58
N PHE A 440 -25.36 34.77 -41.14
CA PHE A 440 -24.89 34.96 -39.76
C PHE A 440 -24.64 36.44 -39.48
N GLU A 441 -25.23 36.92 -38.38
CA GLU A 441 -25.05 38.28 -37.91
C GLU A 441 -24.64 38.26 -36.45
N TYR A 442 -23.75 39.17 -36.08
CA TYR A 442 -23.41 39.34 -34.67
C TYR A 442 -24.58 39.97 -33.93
N CYS A 443 -24.65 39.71 -32.61
CA CYS A 443 -25.70 40.31 -31.81
C CYS A 443 -25.54 41.82 -31.68
N TYR A 444 -24.33 42.33 -31.85
CA TYR A 444 -24.07 43.77 -31.79
C TYR A 444 -22.82 44.06 -32.61
N GLU A 445 -22.62 45.34 -32.90
CA GLU A 445 -21.46 45.80 -33.65
C GLU A 445 -20.48 46.51 -32.72
N GLU A 446 -19.23 46.61 -33.19
CA GLU A 446 -18.15 47.15 -32.37
C GLU A 446 -18.34 48.63 -32.07
N ASP A 447 -18.98 49.37 -32.99
CA ASP A 447 -19.09 50.82 -32.83
C ASP A 447 -19.98 51.23 -31.66
N MET A 448 -20.89 50.36 -31.24
CA MET A 448 -21.79 50.70 -30.15
C MET A 448 -21.01 50.86 -28.84
N THR A 449 -21.59 51.64 -27.92
CA THR A 449 -20.97 51.80 -26.62
C THR A 449 -21.20 50.56 -25.76
N ILE A 450 -20.56 50.53 -24.59
CA ILE A 450 -20.67 49.37 -23.71
C ILE A 450 -22.12 49.17 -23.26
N LYS A 451 -22.81 50.26 -22.92
CA LYS A 451 -24.19 50.13 -22.47
C LYS A 451 -25.12 49.73 -23.61
N GLU A 452 -24.80 50.12 -24.84
CA GLU A 452 -25.61 49.69 -25.99
C GLU A 452 -25.39 48.21 -26.30
N LYS A 453 -24.18 47.70 -26.09
CA LYS A 453 -23.93 46.29 -26.32
C LYS A 453 -24.59 45.43 -25.25
N LEU A 454 -24.52 45.86 -23.99
CA LEU A 454 -25.19 45.12 -22.91
C LEU A 454 -26.70 45.12 -23.11
N ASN A 455 -27.26 46.25 -23.55
CA ASN A 455 -28.70 46.31 -23.82
C ASN A 455 -29.08 45.42 -24.99
N ALA A 456 -28.20 45.29 -25.99
CA ALA A 456 -28.48 44.41 -27.12
C ALA A 456 -28.48 42.95 -26.69
N ILE A 457 -27.56 42.57 -25.81
CA ILE A 457 -27.52 41.18 -25.33
C ILE A 457 -28.69 40.90 -24.41
N ALA A 458 -29.03 41.85 -23.54
CA ALA A 458 -30.07 41.60 -22.54
C ALA A 458 -31.45 41.49 -23.19
N THR A 459 -31.72 42.31 -24.19
CA THR A 459 -33.05 42.31 -24.80
C THR A 459 -33.21 41.21 -25.85
N LYS A 460 -32.19 41.03 -26.71
CA LYS A 460 -32.31 40.06 -27.79
C LYS A 460 -32.13 38.63 -27.28
N ILE A 461 -31.09 38.40 -26.47
CA ILE A 461 -30.74 37.04 -26.08
C ILE A 461 -31.41 36.64 -24.76
N TYR A 462 -31.28 37.46 -23.73
CA TYR A 462 -31.84 37.11 -22.43
C TYR A 462 -33.36 37.29 -22.38
N GLY A 463 -33.88 38.27 -23.12
CA GLY A 463 -35.30 38.58 -23.05
C GLY A 463 -35.66 39.56 -21.97
N ALA A 464 -34.78 40.50 -21.65
CA ALA A 464 -35.01 41.48 -20.60
C ALA A 464 -35.56 42.79 -21.19
N ASP A 465 -36.16 43.58 -20.33
CA ASP A 465 -36.64 44.90 -20.73
C ASP A 465 -35.50 45.91 -20.87
N GLY A 466 -34.40 45.69 -20.16
CA GLY A 466 -33.29 46.61 -20.21
C GLY A 466 -32.24 46.22 -19.19
N VAL A 467 -31.30 47.15 -18.97
CA VAL A 467 -30.19 46.93 -18.05
C VAL A 467 -30.15 48.08 -17.05
N ASN A 468 -30.06 47.75 -15.77
CA ASN A 468 -29.87 48.74 -14.71
C ASN A 468 -28.43 48.68 -14.22
N TYR A 469 -27.88 49.85 -13.90
CA TYR A 469 -26.51 49.98 -13.45
C TYR A 469 -26.47 50.63 -12.08
N THR A 470 -25.64 50.08 -11.19
CA THR A 470 -25.43 50.71 -9.89
C THR A 470 -24.57 51.96 -10.06
N LYS A 471 -24.39 52.68 -8.94
CA LYS A 471 -23.58 53.89 -8.97
C LYS A 471 -22.13 53.57 -9.32
N GLU A 472 -21.58 52.50 -8.74
CA GLU A 472 -20.20 52.14 -9.00
C GLU A 472 -20.02 51.60 -10.41
N ALA A 473 -21.01 50.88 -10.94
CA ALA A 473 -20.92 50.39 -12.30
C ALA A 473 -20.90 51.53 -13.31
N ASN A 474 -21.73 52.54 -13.11
CA ASN A 474 -21.74 53.70 -14.01
C ASN A 474 -20.38 54.39 -14.03
N LYS A 475 -19.76 54.54 -12.86
CA LYS A 475 -18.43 55.13 -12.80
C LYS A 475 -17.42 54.28 -13.56
N GLN A 476 -17.50 52.96 -13.41
CA GLN A 476 -16.55 52.07 -14.07
C GLN A 476 -16.76 52.04 -15.58
N ILE A 477 -18.03 51.97 -16.01
CA ILE A 477 -18.32 51.97 -17.45
C ILE A 477 -17.83 53.26 -18.09
N ALA A 478 -18.05 54.39 -17.43
CA ALA A 478 -17.64 55.68 -17.99
C ALA A 478 -16.13 55.81 -18.06
N GLU A 479 -15.43 55.33 -17.02
CA GLU A 479 -13.97 55.39 -17.05
C GLU A 479 -13.39 54.49 -18.13
N LEU A 480 -14.01 53.33 -18.36
CA LEU A 480 -13.58 52.48 -19.47
C LEU A 480 -13.82 53.14 -20.81
N GLU A 481 -14.90 53.92 -20.93
CA GLU A 481 -15.15 54.67 -22.16
C GLU A 481 -14.09 55.74 -22.37
N GLU A 482 -13.69 56.43 -21.30
CA GLU A 482 -12.69 57.49 -21.42
C GLU A 482 -11.33 56.93 -21.82
N LEU A 483 -11.01 55.70 -21.40
CA LEU A 483 -9.72 55.10 -21.71
C LEU A 483 -9.67 54.45 -23.08
N GLY A 484 -10.80 54.32 -23.76
CA GLY A 484 -10.83 53.79 -25.11
C GLY A 484 -11.17 52.33 -25.24
N PHE A 485 -11.68 51.69 -24.18
CA PHE A 485 -12.05 50.28 -24.23
C PHE A 485 -13.51 50.07 -24.60
N GLY A 486 -14.18 51.10 -25.12
CA GLY A 486 -15.57 51.00 -25.50
C GLY A 486 -15.84 50.39 -26.86
N ASN A 487 -14.82 49.91 -27.55
CA ASN A 487 -14.96 49.28 -28.86
C ASN A 487 -14.81 47.78 -28.81
N LEU A 488 -14.68 47.21 -27.62
CA LEU A 488 -14.46 45.78 -27.44
C LEU A 488 -15.79 45.06 -27.19
N PRO A 489 -15.84 43.75 -27.42
CA PRO A 489 -17.01 42.98 -27.01
C PRO A 489 -17.19 43.00 -25.51
N VAL A 490 -18.39 42.65 -25.05
CA VAL A 490 -18.72 42.63 -23.64
C VAL A 490 -19.02 41.19 -23.23
N CYS A 491 -18.49 40.80 -22.08
CA CYS A 491 -18.65 39.46 -21.54
C CYS A 491 -19.47 39.55 -20.26
N VAL A 492 -20.73 39.13 -20.34
CA VAL A 492 -21.65 39.24 -19.21
C VAL A 492 -21.46 38.05 -18.29
N ALA A 493 -21.09 38.32 -17.04
CA ALA A 493 -20.91 37.28 -16.02
C ALA A 493 -22.17 37.24 -15.16
N LYS A 494 -23.03 36.25 -15.41
CA LYS A 494 -24.26 36.08 -14.66
C LYS A 494 -24.47 34.59 -14.40
N THR A 495 -25.55 34.28 -13.70
CA THR A 495 -25.88 32.89 -13.40
C THR A 495 -26.23 32.14 -14.68
N GLN A 496 -25.89 30.84 -14.70
CA GLN A 496 -26.16 30.01 -15.86
C GLN A 496 -27.51 29.30 -15.78
N TYR A 497 -28.10 29.19 -14.59
CA TYR A 497 -29.31 28.43 -14.40
C TYR A 497 -30.57 29.17 -14.84
N SER A 498 -30.45 30.39 -15.37
CA SER A 498 -31.61 31.18 -15.71
C SER A 498 -31.29 32.12 -16.86
N LEU A 499 -32.32 32.47 -17.63
CA LEU A 499 -32.17 33.49 -18.67
C LEU A 499 -31.96 34.86 -18.05
N SER A 500 -32.52 35.10 -16.87
CA SER A 500 -32.34 36.35 -16.15
C SER A 500 -31.06 36.29 -15.33
N ASP A 501 -30.87 37.27 -14.45
CA ASP A 501 -29.78 37.25 -13.49
C ASP A 501 -30.23 36.72 -12.13
N ASP A 502 -31.43 36.15 -12.06
CA ASP A 502 -31.98 35.58 -10.84
C ASP A 502 -32.05 34.07 -11.03
N GLN A 503 -31.22 33.33 -10.29
CA GLN A 503 -31.10 31.89 -10.49
C GLN A 503 -32.36 31.12 -10.14
N THR A 504 -33.38 31.78 -9.59
CA THR A 504 -34.63 31.11 -9.27
C THR A 504 -35.67 31.22 -10.38
N LYS A 505 -35.54 32.21 -11.26
CA LYS A 505 -36.48 32.39 -12.37
C LYS A 505 -36.17 31.37 -13.46
N LEU A 506 -36.85 30.24 -13.41
CA LEU A 506 -36.63 29.17 -14.37
C LEU A 506 -37.57 29.36 -15.56
N GLY A 507 -37.55 28.40 -16.49
CA GLY A 507 -38.46 28.48 -17.62
C GLY A 507 -38.02 29.60 -18.55
N ARG A 508 -38.91 30.55 -18.79
CA ARG A 508 -38.64 31.70 -19.66
C ARG A 508 -39.19 32.94 -18.99
N PRO A 509 -38.37 33.63 -18.20
CA PRO A 509 -38.85 34.82 -17.48
C PRO A 509 -39.29 35.91 -18.44
N THR A 510 -40.14 36.80 -17.93
CA THR A 510 -40.81 37.78 -18.78
C THR A 510 -40.37 39.21 -18.46
N GLY A 511 -41.01 39.86 -17.49
CA GLY A 511 -40.72 41.24 -17.18
C GLY A 511 -39.64 41.45 -16.14
N PHE A 512 -38.38 41.28 -16.53
CA PHE A 512 -37.24 41.46 -15.63
C PHE A 512 -36.23 42.39 -16.27
N THR A 513 -35.28 42.85 -15.44
CA THR A 513 -34.18 43.68 -15.90
C THR A 513 -32.88 43.21 -15.27
N ILE A 514 -31.79 43.33 -16.04
CA ILE A 514 -30.47 42.96 -15.55
C ILE A 514 -29.89 44.13 -14.76
N GLU A 515 -29.28 43.82 -13.62
CA GLU A 515 -28.62 44.83 -12.79
C GLU A 515 -27.12 44.59 -12.82
N VAL A 516 -26.38 45.51 -13.44
CA VAL A 516 -24.94 45.44 -13.51
C VAL A 516 -24.34 46.16 -12.31
N ARG A 517 -23.47 45.46 -11.57
CA ARG A 517 -22.88 46.03 -10.37
C ARG A 517 -21.38 46.27 -10.46
N GLN A 518 -20.71 45.72 -11.48
CA GLN A 518 -19.27 45.93 -11.61
C GLN A 518 -18.85 45.63 -13.04
N ALA A 519 -17.85 46.36 -13.52
CA ALA A 519 -17.31 46.17 -14.86
C ALA A 519 -15.79 46.22 -14.79
N ASN A 520 -15.14 45.25 -15.43
CA ASN A 520 -13.69 45.17 -15.48
C ASN A 520 -13.24 45.06 -16.93
N ILE A 521 -11.96 45.32 -17.15
CA ILE A 521 -11.36 45.26 -18.49
C ILE A 521 -10.41 44.08 -18.55
N SER A 522 -10.57 43.26 -19.58
CA SER A 522 -9.63 42.19 -19.92
C SER A 522 -9.02 42.52 -21.28
N ALA A 523 -8.17 43.55 -21.31
CA ALA A 523 -7.61 44.04 -22.55
C ALA A 523 -6.71 43.01 -23.24
N GLY A 524 -6.17 42.06 -22.50
CA GLY A 524 -5.39 41.01 -23.13
C GLY A 524 -6.26 40.07 -23.94
N ALA A 525 -7.35 39.60 -23.34
CA ALA A 525 -8.30 38.75 -24.07
C ALA A 525 -9.12 39.56 -25.07
N GLY A 526 -9.34 40.83 -24.80
CA GLY A 526 -10.01 41.71 -25.72
C GLY A 526 -11.49 41.91 -25.50
N PHE A 527 -11.96 41.86 -24.25
CA PHE A 527 -13.36 42.14 -23.98
C PHE A 527 -13.50 42.79 -22.61
N VAL A 528 -14.64 43.44 -22.42
CA VAL A 528 -14.98 44.07 -21.13
C VAL A 528 -15.81 43.07 -20.33
N VAL A 529 -15.38 42.81 -19.11
CA VAL A 529 -16.09 41.88 -18.22
C VAL A 529 -17.13 42.68 -17.44
N VAL A 530 -18.38 42.23 -17.53
CA VAL A 530 -19.51 42.91 -16.90
C VAL A 530 -20.12 41.94 -15.89
N MET A 531 -20.02 42.27 -14.61
CA MET A 531 -20.46 41.39 -13.54
C MET A 531 -21.85 41.80 -13.05
N THR A 532 -22.70 40.81 -12.83
CA THR A 532 -24.04 41.02 -12.31
C THR A 532 -24.15 40.73 -10.82
N GLY A 533 -23.52 39.65 -10.35
CA GLY A 533 -23.45 39.36 -8.94
C GLY A 533 -22.01 39.17 -8.49
N GLU A 534 -21.80 38.31 -7.49
CA GLU A 534 -20.46 37.98 -7.03
C GLU A 534 -20.03 36.67 -7.68
N ILE A 535 -18.80 36.64 -8.18
CA ILE A 535 -18.26 35.48 -8.88
C ILE A 535 -17.13 34.88 -8.06
N MET A 536 -17.20 33.57 -7.85
CA MET A 536 -16.15 32.84 -7.12
C MET A 536 -15.08 32.42 -8.13
N LYS A 537 -13.87 32.99 -7.98
CA LYS A 537 -12.75 32.66 -8.84
C LYS A 537 -11.75 31.72 -8.17
N MET A 538 -12.00 31.33 -6.92
CA MET A 538 -11.17 30.35 -6.23
C MET A 538 -12.08 29.48 -5.36
N PRO A 539 -12.40 28.27 -5.82
CA PRO A 539 -13.28 27.40 -5.04
C PRO A 539 -12.55 26.79 -3.85
N GLY A 540 -13.35 26.32 -2.89
CA GLY A 540 -12.81 25.72 -1.69
C GLY A 540 -12.94 24.20 -1.66
N LEU A 541 -12.20 23.55 -0.76
CA LEU A 541 -12.23 22.11 -0.59
C LEU A 541 -13.37 21.71 0.35
N PRO A 542 -14.04 20.59 0.07
CA PRO A 542 -15.10 20.12 0.98
C PRO A 542 -14.54 19.63 2.30
N LYS A 543 -15.43 19.22 3.21
CA LYS A 543 -15.00 18.77 4.53
C LYS A 543 -14.14 17.51 4.43
N LEU A 544 -14.56 16.55 3.59
CA LEU A 544 -13.79 15.34 3.31
C LEU A 544 -13.33 15.42 1.86
N PRO A 545 -12.15 15.97 1.59
CA PRO A 545 -11.68 16.07 0.20
C PRO A 545 -11.47 14.70 -0.42
N ALA A 546 -11.71 14.62 -1.73
CA ALA A 546 -11.50 13.37 -2.45
C ALA A 546 -10.04 12.93 -2.43
N ALA A 547 -9.11 13.86 -2.17
CA ALA A 547 -7.69 13.51 -2.14
C ALA A 547 -7.39 12.46 -1.08
N GLU A 548 -8.18 12.41 -0.01
CA GLU A 548 -7.94 11.44 1.06
C GLU A 548 -8.15 10.01 0.60
N ARG A 549 -8.87 9.81 -0.51
CA ARG A 549 -9.12 8.49 -1.06
C ARG A 549 -8.23 8.15 -2.25
N ILE A 550 -7.37 9.07 -2.67
CA ILE A 550 -6.46 8.82 -3.78
C ILE A 550 -5.21 8.12 -3.26
N ASP A 551 -4.79 7.07 -3.97
CA ASP A 551 -3.65 6.28 -3.53
C ASP A 551 -2.91 5.76 -4.75
N VAL A 552 -1.69 5.26 -4.50
CA VAL A 552 -0.82 4.71 -5.54
C VAL A 552 -0.25 3.39 -5.04
N ASP A 553 -0.28 2.36 -5.89
CA ASP A 553 0.25 1.06 -5.50
C ASP A 553 1.73 0.97 -5.85
N GLU A 554 2.30 -0.22 -5.62
CA GLU A 554 3.74 -0.41 -5.79
C GLU A 554 4.20 -0.26 -7.23
N ASN A 555 3.30 -0.40 -8.20
CA ASN A 555 3.65 -0.28 -9.61
C ASN A 555 3.34 1.11 -10.18
N GLY A 556 2.63 1.95 -9.45
CA GLY A 556 2.30 3.27 -9.95
C GLY A 556 0.94 3.40 -10.57
N LYS A 557 -0.01 2.54 -10.22
CA LYS A 557 -1.39 2.66 -10.69
C LYS A 557 -2.19 3.46 -9.68
N ILE A 558 -2.86 4.50 -10.15
CA ILE A 558 -3.59 5.43 -9.29
C ILE A 558 -5.00 4.91 -9.07
N SER A 559 -5.44 4.95 -7.82
CA SER A 559 -6.79 4.54 -7.44
C SER A 559 -7.48 5.66 -6.69
N GLY A 560 -8.81 5.66 -6.76
CA GLY A 560 -9.60 6.68 -6.09
C GLY A 560 -9.71 8.00 -6.82
N LEU A 561 -9.33 8.06 -8.10
CA LEU A 561 -9.47 9.29 -8.87
C LEU A 561 -10.90 9.49 -9.36
N PHE A 562 -11.62 8.40 -9.63
CA PHE A 562 -12.95 8.50 -10.21
C PHE A 562 -13.98 7.68 -9.42
N PHE B 7 -32.43 -47.07 10.74
CA PHE B 7 -31.97 -46.98 12.12
C PHE B 7 -30.45 -46.91 12.19
N LYS B 8 -29.87 -45.83 11.65
CA LYS B 8 -28.43 -45.62 11.65
C LYS B 8 -28.13 -44.18 12.01
N THR B 9 -27.09 -43.99 12.83
CA THR B 9 -26.63 -42.66 13.15
C THR B 9 -25.77 -42.10 12.02
N ASP B 10 -25.58 -40.79 12.03
CA ASP B 10 -24.77 -40.15 11.00
C ASP B 10 -23.32 -40.64 11.03
N ILE B 11 -22.81 -40.98 12.21
CA ILE B 11 -21.43 -41.43 12.31
C ILE B 11 -21.29 -42.86 11.80
N GLU B 12 -22.29 -43.71 12.06
CA GLU B 12 -22.25 -45.08 11.55
C GLU B 12 -22.24 -45.10 10.02
N ILE B 13 -23.02 -44.22 9.40
CA ILE B 13 -23.07 -44.16 7.94
C ILE B 13 -21.74 -43.71 7.37
N ALA B 14 -21.06 -42.78 8.04
CA ALA B 14 -19.77 -42.30 7.56
C ALA B 14 -18.67 -43.32 7.76
N GLN B 15 -18.75 -44.13 8.82
CA GLN B 15 -17.74 -45.17 9.04
C GLN B 15 -17.85 -46.25 7.99
N GLU B 16 -19.06 -46.76 7.75
CA GLU B 16 -19.27 -47.81 6.76
C GLU B 16 -19.04 -47.33 5.34
N ALA B 17 -18.98 -46.03 5.11
CA ALA B 17 -18.74 -45.51 3.78
C ALA B 17 -17.35 -45.90 3.28
N ASN B 18 -17.24 -46.09 1.96
CA ASN B 18 -15.97 -46.38 1.31
C ASN B 18 -15.54 -45.15 0.52
N PRO B 19 -14.80 -44.23 1.13
CA PRO B 19 -14.41 -43.01 0.40
C PRO B 19 -13.31 -43.29 -0.61
N GLN B 20 -13.47 -42.73 -1.80
CA GLN B 20 -12.45 -42.88 -2.83
C GLN B 20 -11.22 -42.04 -2.49
N ASP B 21 -10.08 -42.43 -3.06
CA ASP B 21 -8.88 -41.62 -2.94
C ASP B 21 -9.13 -40.24 -3.55
N ILE B 22 -8.77 -39.19 -2.81
CA ILE B 22 -9.07 -37.82 -3.23
C ILE B 22 -8.45 -37.49 -4.58
N ARG B 23 -7.38 -38.19 -4.96
CA ARG B 23 -6.82 -37.99 -6.29
C ARG B 23 -7.77 -38.46 -7.39
N ASP B 24 -8.55 -39.51 -7.13
CA ASP B 24 -9.55 -39.93 -8.09
C ASP B 24 -10.75 -38.98 -8.11
N ILE B 25 -11.09 -38.40 -6.96
CA ILE B 25 -12.13 -37.38 -6.92
C ILE B 25 -11.71 -36.16 -7.71
N ALA B 26 -10.42 -35.82 -7.66
CA ALA B 26 -9.90 -34.71 -8.45
C ALA B 26 -9.93 -35.02 -9.94
N LYS B 27 -9.79 -36.30 -10.31
CA LYS B 27 -9.88 -36.69 -11.72
C LYS B 27 -11.26 -36.38 -12.29
N LYS B 28 -12.29 -36.42 -11.44
CA LYS B 28 -13.65 -36.17 -11.92
C LYS B 28 -13.86 -34.73 -12.35
N ILE B 29 -12.99 -33.82 -11.95
CA ILE B 29 -13.13 -32.41 -12.34
C ILE B 29 -11.88 -31.97 -13.10
N ASN B 30 -11.22 -32.92 -13.75
CA ASN B 30 -10.07 -32.65 -14.63
C ASN B 30 -8.97 -31.88 -13.90
N LEU B 31 -8.62 -32.36 -12.71
CA LEU B 31 -7.52 -31.81 -11.92
C LEU B 31 -6.41 -32.85 -11.84
N SER B 32 -5.23 -32.50 -12.35
CA SER B 32 -4.09 -33.39 -12.23
C SER B 32 -3.49 -33.28 -10.83
N GLU B 33 -2.55 -34.18 -10.53
CA GLU B 33 -1.95 -34.23 -9.20
C GLU B 33 -0.98 -33.08 -8.96
N ASP B 34 -0.57 -32.35 -10.00
CA ASP B 34 0.20 -31.13 -9.81
C ASP B 34 -0.67 -29.93 -9.47
N ASP B 35 -2.00 -30.07 -9.53
CA ASP B 35 -2.92 -28.99 -9.24
C ASP B 35 -3.47 -29.05 -7.82
N ILE B 36 -3.30 -30.16 -7.12
CA ILE B 36 -3.81 -30.32 -5.76
C ILE B 36 -2.67 -30.63 -4.81
N GLU B 37 -2.85 -30.27 -3.55
CA GLU B 37 -1.91 -30.58 -2.48
C GLU B 37 -2.64 -31.41 -1.44
N LEU B 38 -2.17 -32.64 -1.24
CA LEU B 38 -2.89 -33.60 -0.42
C LEU B 38 -2.73 -33.30 1.08
N TYR B 39 -3.78 -33.58 1.83
CA TYR B 39 -3.76 -33.62 3.29
C TYR B 39 -4.21 -35.02 3.71
N GLY B 40 -3.37 -36.01 3.45
CA GLY B 40 -3.80 -37.38 3.50
C GLY B 40 -4.41 -37.78 2.17
N LYS B 41 -4.96 -39.00 2.14
CA LYS B 41 -5.54 -39.53 0.91
C LYS B 41 -7.03 -39.23 0.77
N TYR B 42 -7.61 -38.45 1.68
CA TYR B 42 -9.02 -38.10 1.62
C TYR B 42 -9.29 -36.61 1.66
N LYS B 43 -8.25 -35.78 1.71
CA LYS B 43 -8.41 -34.33 1.70
C LYS B 43 -7.34 -33.72 0.81
N ALA B 44 -7.67 -32.60 0.19
CA ALA B 44 -6.71 -31.92 -0.67
C ALA B 44 -7.13 -30.46 -0.84
N LYS B 45 -6.14 -29.61 -1.14
CA LYS B 45 -6.36 -28.21 -1.45
C LYS B 45 -6.09 -27.97 -2.94
N ILE B 46 -6.96 -27.19 -3.57
CA ILE B 46 -6.86 -26.90 -4.99
C ILE B 46 -6.13 -25.59 -5.18
N ASP B 47 -5.04 -25.64 -5.94
CA ASP B 47 -4.30 -24.42 -6.28
C ASP B 47 -5.21 -23.44 -7.00
N TYR B 48 -5.35 -22.23 -6.45
CA TYR B 48 -6.22 -21.24 -7.09
C TYR B 48 -5.58 -20.63 -8.34
N ASN B 49 -4.32 -20.92 -8.61
CA ASN B 49 -3.70 -20.48 -9.86
C ASN B 49 -4.14 -21.31 -11.06
N VAL B 50 -4.86 -22.41 -10.83
CA VAL B 50 -5.48 -23.15 -11.93
C VAL B 50 -6.47 -22.23 -12.66
N LEU B 51 -7.10 -21.30 -11.94
CA LEU B 51 -7.97 -20.32 -12.56
C LEU B 51 -7.23 -19.43 -13.56
N ASN B 52 -5.89 -19.41 -13.51
CA ASN B 52 -5.10 -18.53 -14.36
C ASN B 52 -4.47 -19.24 -15.54
N ARG B 53 -4.41 -20.58 -15.54
CA ARG B 53 -3.81 -21.32 -16.63
C ARG B 53 -4.78 -22.26 -17.34
N THR B 54 -6.01 -22.40 -16.86
CA THR B 54 -7.03 -23.19 -17.52
C THR B 54 -8.26 -22.34 -17.77
N LYS B 55 -9.08 -22.76 -18.71
CA LYS B 55 -10.28 -22.04 -19.09
C LYS B 55 -11.50 -22.61 -18.34
N SER B 56 -12.47 -21.74 -18.11
CA SER B 56 -13.64 -22.12 -17.34
C SER B 56 -14.62 -22.93 -18.17
N ARG B 57 -15.41 -23.74 -17.48
CA ARG B 57 -16.52 -24.46 -18.09
C ARG B 57 -17.83 -23.69 -18.03
N ALA B 58 -17.81 -22.49 -17.45
CA ALA B 58 -18.99 -21.63 -17.32
C ALA B 58 -20.14 -22.39 -16.66
N GLY B 59 -19.87 -22.91 -15.47
CA GLY B 59 -20.85 -23.69 -14.76
C GLY B 59 -22.01 -22.85 -14.26
N LYS B 60 -23.15 -23.53 -14.06
CA LYS B 60 -24.33 -22.88 -13.52
C LYS B 60 -24.29 -22.88 -12.00
N LEU B 61 -25.00 -21.94 -11.40
CA LEU B 61 -24.99 -21.74 -9.96
C LEU B 61 -26.38 -22.05 -9.39
N ILE B 62 -26.42 -22.97 -8.44
CA ILE B 62 -27.66 -23.35 -7.76
C ILE B 62 -27.54 -22.94 -6.30
N LEU B 63 -28.43 -22.06 -5.86
CA LEU B 63 -28.48 -21.61 -4.47
C LEU B 63 -29.55 -22.39 -3.72
N THR B 64 -29.19 -22.91 -2.56
CA THR B 64 -30.13 -23.64 -1.70
C THR B 64 -30.39 -22.80 -0.46
N THR B 65 -31.63 -22.38 -0.28
CA THR B 65 -32.06 -21.63 0.89
C THR B 65 -33.23 -22.37 1.55
N ALA B 66 -33.84 -21.73 2.53
CA ALA B 66 -34.94 -22.35 3.25
C ALA B 66 -35.81 -21.27 3.87
N ILE B 67 -36.93 -21.71 4.44
CA ILE B 67 -37.84 -20.81 5.15
C ILE B 67 -37.27 -20.53 6.53
N ASN B 68 -37.98 -19.73 7.32
CA ASN B 68 -37.56 -19.47 8.68
C ASN B 68 -37.53 -20.77 9.47
N PRO B 69 -36.39 -21.15 10.06
CA PRO B 69 -36.23 -22.50 10.58
C PRO B 69 -36.71 -22.67 12.02
N THR B 70 -37.19 -23.88 12.30
CA THR B 70 -37.40 -24.31 13.66
C THR B 70 -36.05 -24.44 14.36
N PRO B 71 -36.03 -24.48 15.70
CA PRO B 71 -34.75 -24.61 16.41
C PRO B 71 -33.91 -25.83 15.98
N ALA B 72 -34.46 -26.75 15.19
CA ALA B 72 -33.73 -27.92 14.73
C ALA B 72 -33.18 -27.78 13.31
N GLY B 73 -33.55 -26.73 12.58
CA GLY B 73 -33.12 -26.57 11.21
C GLY B 73 -33.99 -27.33 10.25
N GLU B 74 -34.05 -26.88 8.99
CA GLU B 74 -34.95 -27.44 8.00
C GLU B 74 -34.24 -28.33 6.98
N GLY B 75 -32.96 -28.65 7.20
CA GLY B 75 -32.26 -29.57 6.32
C GLY B 75 -31.86 -28.97 4.99
N LYS B 76 -31.53 -27.68 4.95
CA LYS B 76 -31.08 -27.08 3.69
C LYS B 76 -29.66 -27.50 3.32
N THR B 77 -28.88 -27.99 4.29
CA THR B 77 -27.55 -28.50 3.99
C THR B 77 -27.61 -29.94 3.51
N THR B 78 -28.49 -30.75 4.10
CA THR B 78 -28.70 -32.11 3.61
C THR B 78 -29.26 -32.11 2.20
N THR B 79 -30.12 -31.14 1.89
CA THR B 79 -30.69 -31.04 0.55
C THR B 79 -29.62 -30.67 -0.47
N SER B 80 -28.70 -29.76 -0.11
CA SER B 80 -27.64 -29.37 -1.03
C SER B 80 -26.79 -30.56 -1.44
N ILE B 81 -26.42 -31.41 -0.47
CA ILE B 81 -25.62 -32.58 -0.79
C ILE B 81 -26.43 -33.60 -1.57
N GLY B 82 -27.71 -33.77 -1.21
CA GLY B 82 -28.53 -34.74 -1.91
C GLY B 82 -28.83 -34.33 -3.34
N VAL B 83 -29.11 -33.05 -3.57
CA VAL B 83 -29.35 -32.57 -4.92
C VAL B 83 -28.10 -32.71 -5.77
N ALA B 84 -26.93 -32.36 -5.20
CA ALA B 84 -25.68 -32.51 -5.92
C ALA B 84 -25.42 -33.98 -6.28
N ASP B 85 -25.68 -34.89 -5.33
CA ASP B 85 -25.56 -36.31 -5.62
C ASP B 85 -26.60 -36.76 -6.63
N ALA B 86 -27.80 -36.16 -6.60
CA ALA B 86 -28.83 -36.52 -7.57
C ALA B 86 -28.43 -36.09 -8.98
N LEU B 87 -27.84 -34.90 -9.11
CA LEU B 87 -27.36 -34.45 -10.42
C LEU B 87 -26.21 -35.33 -10.91
N ALA B 88 -25.40 -35.87 -10.00
CA ALA B 88 -24.34 -36.78 -10.41
C ALA B 88 -24.91 -38.09 -10.94
N LYS B 89 -25.98 -38.59 -10.32
CA LYS B 89 -26.62 -39.80 -10.82
C LYS B 89 -27.25 -39.57 -12.19
N LEU B 90 -27.66 -38.34 -12.48
CA LEU B 90 -28.17 -38.00 -13.80
C LEU B 90 -27.06 -37.90 -14.84
N GLY B 91 -25.80 -38.05 -14.45
CA GLY B 91 -24.69 -37.99 -15.38
C GLY B 91 -24.06 -36.62 -15.53
N LYS B 92 -24.40 -35.67 -14.66
CA LYS B 92 -23.87 -34.32 -14.75
C LYS B 92 -22.56 -34.19 -13.98
N ASN B 93 -21.75 -33.21 -14.39
CA ASN B 93 -20.52 -32.87 -13.68
C ASN B 93 -20.85 -31.75 -12.70
N VAL B 94 -20.90 -32.08 -11.41
CA VAL B 94 -21.43 -31.18 -10.40
C VAL B 94 -20.53 -31.20 -9.17
N ILE B 95 -20.42 -30.05 -8.51
CA ILE B 95 -19.66 -29.89 -7.27
C ILE B 95 -20.59 -29.27 -6.22
N ALA B 96 -20.49 -29.76 -4.99
CA ALA B 96 -21.21 -29.21 -3.86
C ALA B 96 -20.29 -28.27 -3.08
N ALA B 97 -20.65 -27.00 -3.01
CA ALA B 97 -19.86 -25.99 -2.29
C ALA B 97 -20.55 -25.67 -0.97
N LEU B 98 -19.84 -25.87 0.14
CA LEU B 98 -20.41 -25.68 1.47
C LEU B 98 -19.39 -24.98 2.35
N ARG B 99 -19.78 -24.74 3.60
CA ARG B 99 -18.93 -24.10 4.58
C ARG B 99 -18.21 -25.13 5.44
N GLU B 100 -17.10 -24.70 6.03
CA GLU B 100 -16.40 -25.53 7.02
C GLU B 100 -16.88 -25.15 8.42
N PRO B 101 -17.22 -26.11 9.26
CA PRO B 101 -17.65 -25.78 10.63
C PRO B 101 -16.46 -25.37 11.48
N SER B 102 -16.78 -24.79 12.64
CA SER B 102 -15.77 -24.39 13.61
C SER B 102 -15.54 -25.50 14.61
N MET B 103 -14.28 -25.64 15.05
CA MET B 103 -13.95 -26.67 16.02
C MET B 103 -14.46 -26.33 17.42
N GLY B 104 -14.76 -25.06 17.68
CA GLY B 104 -15.19 -24.60 18.99
C GLY B 104 -16.37 -25.35 19.56
N PRO B 105 -17.53 -25.28 18.90
CA PRO B 105 -18.72 -25.96 19.43
C PRO B 105 -18.60 -27.46 19.56
N VAL B 106 -17.55 -28.08 19.00
CA VAL B 106 -17.40 -29.54 19.09
C VAL B 106 -17.17 -29.96 20.53
N PHE B 107 -16.42 -29.17 21.30
CA PHE B 107 -16.11 -29.53 22.67
C PHE B 107 -17.20 -29.12 23.66
N GLY B 108 -18.23 -28.43 23.20
CA GLY B 108 -19.34 -28.05 24.06
C GLY B 108 -20.55 -28.94 23.88
N ILE B 109 -21.06 -29.03 22.65
CA ILE B 109 -22.30 -29.75 22.38
C ILE B 109 -22.05 -30.88 21.37
N LYS B 110 -20.81 -31.39 21.35
CA LYS B 110 -20.53 -32.76 20.92
C LYS B 110 -20.65 -32.97 19.41
N GLY B 111 -20.14 -32.02 18.62
CA GLY B 111 -19.91 -32.23 17.20
C GLY B 111 -21.10 -32.62 16.35
N GLY B 112 -20.88 -32.70 15.04
CA GLY B 112 -21.97 -33.03 14.12
C GLY B 112 -21.44 -33.37 12.74
N ALA B 113 -22.35 -33.82 11.89
CA ALA B 113 -22.03 -34.24 10.54
C ALA B 113 -22.19 -33.10 9.55
N ALA B 114 -21.43 -33.16 8.46
CA ALA B 114 -21.57 -32.23 7.35
C ALA B 114 -22.75 -32.70 6.50
N GLY B 115 -23.95 -32.35 6.97
CA GLY B 115 -25.16 -32.84 6.36
C GLY B 115 -25.93 -33.73 7.32
N GLY B 116 -26.24 -34.96 6.89
CA GLY B 116 -26.93 -35.89 7.76
C GLY B 116 -27.59 -37.03 7.01
N GLY B 117 -27.71 -38.18 7.66
CA GLY B 117 -28.31 -39.33 7.00
C GLY B 117 -27.40 -39.84 5.90
N TYR B 118 -28.00 -40.12 4.73
CA TYR B 118 -27.26 -40.59 3.58
C TYR B 118 -26.94 -39.47 2.60
N ALA B 119 -26.76 -38.24 3.11
CA ALA B 119 -26.34 -37.08 2.32
C ALA B 119 -25.32 -36.32 3.16
N GLN B 120 -24.09 -36.82 3.21
CA GLN B 120 -23.04 -36.28 4.05
C GLN B 120 -21.81 -35.95 3.21
N VAL B 121 -20.88 -35.23 3.84
CA VAL B 121 -19.58 -34.94 3.28
C VAL B 121 -18.53 -35.61 4.17
N VAL B 122 -17.67 -36.43 3.56
CA VAL B 122 -16.75 -37.31 4.28
C VAL B 122 -15.32 -36.89 3.93
N PRO B 123 -14.34 -37.00 4.86
CA PRO B 123 -14.40 -37.56 6.22
C PRO B 123 -14.99 -36.64 7.29
N MET B 124 -15.72 -37.25 8.22
CA MET B 124 -16.48 -36.50 9.22
C MET B 124 -15.59 -36.02 10.37
N GLU B 125 -14.62 -36.84 10.78
CA GLU B 125 -13.81 -36.51 11.95
C GLU B 125 -12.87 -35.34 11.67
N ASP B 126 -12.25 -35.31 10.48
CA ASP B 126 -11.29 -34.26 10.19
C ASP B 126 -11.97 -32.91 9.96
N ILE B 127 -13.17 -32.92 9.38
CA ILE B 127 -13.87 -31.66 9.11
C ILE B 127 -14.27 -30.97 10.40
N ASN B 128 -14.64 -31.76 11.42
CA ASN B 128 -15.01 -31.20 12.72
C ASN B 128 -13.83 -30.76 13.56
N LEU B 129 -12.62 -31.13 13.18
CA LEU B 129 -11.41 -30.84 13.95
C LEU B 129 -10.55 -29.84 13.18
N HIS B 130 -9.25 -30.06 13.01
CA HIS B 130 -8.38 -29.06 12.40
C HIS B 130 -8.59 -28.92 10.90
N PHE B 131 -9.21 -29.93 10.26
CA PHE B 131 -9.38 -29.95 8.81
C PHE B 131 -8.04 -29.71 8.12
N THR B 132 -7.97 -28.67 7.29
CA THR B 132 -6.75 -28.28 6.62
C THR B 132 -6.11 -27.05 7.26
N GLY B 133 -6.53 -26.68 8.47
CA GLY B 133 -5.93 -25.58 9.18
C GLY B 133 -6.43 -24.20 8.79
N ASP B 134 -7.59 -24.11 8.14
CA ASP B 134 -8.09 -22.80 7.72
C ASP B 134 -8.45 -21.93 8.93
N MET B 135 -9.10 -22.52 9.94
CA MET B 135 -9.47 -21.75 11.13
C MET B 135 -8.23 -21.23 11.84
N HIS B 136 -7.16 -22.04 11.90
CA HIS B 136 -5.94 -21.61 12.56
C HIS B 136 -5.26 -20.48 11.80
N ALA B 137 -5.37 -20.46 10.47
CA ALA B 137 -4.79 -19.37 9.69
C ALA B 137 -5.58 -18.08 9.87
N ILE B 138 -6.91 -18.18 9.90
CA ILE B 138 -7.74 -17.01 10.15
C ILE B 138 -7.40 -16.40 11.51
N GLY B 139 -7.33 -17.24 12.54
CA GLY B 139 -7.03 -16.75 13.87
C GLY B 139 -5.63 -16.19 14.01
N ALA B 140 -4.69 -16.71 13.22
CA ALA B 140 -3.32 -16.19 13.28
C ALA B 140 -3.22 -14.81 12.65
N ALA B 141 -3.91 -14.60 11.52
CA ALA B 141 -3.92 -13.28 10.90
C ALA B 141 -4.68 -12.27 11.76
N ASN B 142 -5.76 -12.71 12.40
CA ASN B 142 -6.52 -11.81 13.27
C ASN B 142 -5.67 -11.35 14.45
N ASN B 143 -4.96 -12.28 15.09
CA ASN B 143 -4.18 -11.97 16.27
C ASN B 143 -2.84 -11.34 15.95
N LEU B 144 -2.35 -11.48 14.72
CA LEU B 144 -1.17 -10.74 14.31
C LEU B 144 -1.48 -9.26 14.14
N LEU B 145 -2.60 -8.95 13.48
CA LEU B 145 -3.01 -7.56 13.32
C LEU B 145 -3.29 -6.90 14.66
N ALA B 146 -3.83 -7.65 15.62
CA ALA B 146 -4.03 -7.10 16.96
C ALA B 146 -2.70 -6.91 17.68
N ALA B 147 -1.74 -7.80 17.44
CA ALA B 147 -0.44 -7.67 18.08
C ALA B 147 0.32 -6.47 17.51
N MET B 148 0.25 -6.26 16.20
CA MET B 148 0.89 -5.08 15.60
C MET B 148 0.15 -3.81 15.93
N LEU B 149 -1.17 -3.88 16.13
CA LEU B 149 -1.93 -2.71 16.54
C LEU B 149 -1.51 -2.25 17.92
N ASP B 150 -1.43 -3.18 18.87
CA ASP B 150 -1.02 -2.82 20.23
C ASP B 150 0.45 -2.42 20.29
N ASN B 151 1.28 -2.99 19.42
CA ASN B 151 2.70 -2.63 19.43
C ASN B 151 2.90 -1.21 18.91
N HIS B 152 2.16 -0.82 17.88
CA HIS B 152 2.31 0.54 17.36
C HIS B 152 1.94 1.58 18.40
N VAL B 153 0.86 1.35 19.15
CA VAL B 153 0.48 2.28 20.20
C VAL B 153 1.55 2.33 21.28
N TYR B 154 2.14 1.17 21.60
CA TYR B 154 3.16 1.12 22.64
C TYR B 154 4.44 1.82 22.19
N GLN B 155 4.89 1.57 20.96
CA GLN B 155 6.17 2.10 20.50
C GLN B 155 6.12 3.61 20.34
N THR B 156 5.26 4.11 19.46
CA THR B 156 5.18 5.54 19.17
C THR B 156 3.75 6.07 19.18
N ASN B 157 2.79 5.29 18.71
CA ASN B 157 1.42 5.75 18.49
C ASN B 157 1.40 7.00 17.62
N SER B 158 2.22 6.99 16.56
CA SER B 158 2.24 8.09 15.61
C SER B 158 0.95 8.20 14.81
N LEU B 159 0.15 7.13 14.77
CA LEU B 159 -1.17 7.17 14.15
C LEU B 159 -2.22 7.79 15.07
N ASN B 160 -1.85 8.16 16.29
CA ASN B 160 -2.75 8.81 17.25
C ASN B 160 -4.00 7.98 17.50
N ILE B 161 -3.81 6.67 17.66
CA ILE B 161 -4.93 5.76 17.93
C ILE B 161 -5.46 6.01 19.33
N ASN B 162 -6.78 6.12 19.45
CA ASN B 162 -7.43 6.23 20.76
C ASN B 162 -7.72 4.84 21.30
N PRO B 163 -7.09 4.42 22.41
CA PRO B 163 -7.30 3.05 22.89
C PRO B 163 -8.75 2.73 23.23
N LYS B 164 -9.54 3.73 23.63
CA LYS B 164 -10.94 3.50 23.91
C LYS B 164 -11.77 3.31 22.63
N ARG B 165 -11.19 3.56 21.46
CA ARG B 165 -11.88 3.48 20.18
C ARG B 165 -11.35 2.35 19.30
N ILE B 166 -10.66 1.38 19.89
CA ILE B 166 -10.14 0.24 19.13
C ILE B 166 -11.27 -0.77 18.96
N THR B 167 -11.68 -0.98 17.71
CA THR B 167 -12.75 -1.93 17.42
C THR B 167 -12.24 -3.33 17.15
N TRP B 168 -10.94 -3.51 16.93
CA TRP B 168 -10.40 -4.82 16.59
C TRP B 168 -10.28 -5.68 17.85
N ARG B 169 -10.87 -6.87 17.80
CA ARG B 169 -10.84 -7.83 18.89
C ARG B 169 -10.03 -9.05 18.48
N ARG B 170 -9.36 -9.65 19.46
CA ARG B 170 -8.65 -10.90 19.22
C ARG B 170 -9.66 -12.03 19.08
N CYS B 171 -9.16 -13.24 18.82
CA CYS B 171 -10.06 -14.37 18.63
C CYS B 171 -9.36 -15.67 19.02
N VAL B 172 -10.18 -16.71 19.19
CA VAL B 172 -9.71 -18.05 19.50
C VAL B 172 -10.83 -19.02 19.13
N ASP B 173 -10.44 -20.20 18.64
CA ASP B 173 -11.42 -21.20 18.21
C ASP B 173 -11.85 -22.07 19.41
N MET B 174 -12.45 -21.40 20.39
CA MET B 174 -12.92 -22.04 21.61
C MET B 174 -14.16 -21.32 22.11
N ASN B 175 -15.00 -22.05 22.85
CA ASN B 175 -16.16 -21.46 23.51
C ASN B 175 -15.75 -21.06 24.93
N ASP B 176 -15.14 -19.88 25.03
CA ASP B 176 -14.56 -19.40 26.28
C ASP B 176 -15.21 -18.08 26.66
N ARG B 177 -16.28 -18.14 27.47
CA ARG B 177 -16.94 -16.93 27.93
C ARG B 177 -16.02 -16.05 28.77
N GLN B 178 -14.95 -16.62 29.32
CA GLN B 178 -14.03 -15.85 30.14
C GLN B 178 -13.36 -14.73 29.35
N LEU B 179 -13.24 -14.90 28.03
CA LEU B 179 -12.50 -13.96 27.20
C LEU B 179 -13.39 -12.93 26.50
N ARG B 180 -14.68 -12.86 26.86
CA ARG B 180 -15.56 -11.88 26.23
C ARG B 180 -15.11 -10.46 26.54
N ASN B 181 -14.83 -10.18 27.81
CA ASN B 181 -14.43 -8.84 28.25
C ASN B 181 -13.18 -8.97 29.10
N VAL B 182 -12.08 -8.38 28.63
CA VAL B 182 -10.80 -8.46 29.31
C VAL B 182 -10.18 -7.07 29.41
N VAL B 183 -9.17 -6.98 30.26
CA VAL B 183 -8.26 -5.82 30.31
C VAL B 183 -6.85 -6.37 30.17
N ASP B 184 -6.14 -5.94 29.12
CA ASP B 184 -4.77 -6.38 28.90
C ASP B 184 -3.85 -5.17 28.93
N GLY B 185 -2.56 -5.43 28.70
CA GLY B 185 -1.55 -4.39 28.83
C GLY B 185 -1.21 -4.04 30.26
N LEU B 186 -1.48 -4.94 31.21
CA LEU B 186 -1.21 -4.67 32.61
C LEU B 186 0.24 -4.99 32.95
N GLY B 187 0.66 -4.55 34.13
CA GLY B 187 1.98 -4.85 34.63
C GLY B 187 2.98 -3.73 34.45
N LYS B 188 4.24 -4.08 34.16
CA LYS B 188 5.30 -3.11 34.02
C LYS B 188 5.04 -2.19 32.83
N LYS B 189 5.79 -1.08 32.79
CA LYS B 189 5.69 -0.15 31.67
C LYS B 189 6.08 -0.81 30.36
N VAL B 190 6.93 -1.85 30.41
CA VAL B 190 7.34 -2.58 29.21
C VAL B 190 6.33 -3.64 28.80
N ASP B 191 5.20 -3.75 29.51
CA ASP B 191 4.21 -4.78 29.23
C ASP B 191 3.05 -4.28 28.39
N GLY B 192 3.16 -3.10 27.78
CA GLY B 192 2.16 -2.62 26.87
C GLY B 192 1.41 -1.41 27.38
N VAL B 193 0.26 -1.15 26.75
CA VAL B 193 -0.60 -0.03 27.09
C VAL B 193 -1.93 -0.60 27.58
N THR B 194 -2.31 -0.25 28.80
CA THR B 194 -3.53 -0.79 29.40
C THR B 194 -4.76 -0.32 28.64
N ARG B 195 -5.65 -1.25 28.33
CA ARG B 195 -6.90 -0.93 27.64
C ARG B 195 -7.86 -2.10 27.79
N GLU B 196 -9.10 -1.87 27.41
CA GLU B 196 -10.11 -2.92 27.39
C GLU B 196 -10.10 -3.62 26.03
N ASP B 197 -10.46 -4.89 26.05
CA ASP B 197 -10.36 -5.75 24.86
C ASP B 197 -11.31 -6.92 25.04
N GLY B 198 -11.31 -7.81 24.05
CA GLY B 198 -12.16 -8.98 24.10
C GLY B 198 -11.78 -9.96 23.01
N PHE B 199 -12.39 -11.13 23.09
CA PHE B 199 -12.15 -12.22 22.16
C PHE B 199 -13.47 -12.66 21.52
N ASP B 200 -13.47 -12.77 20.20
CA ASP B 200 -14.55 -13.39 19.46
C ASP B 200 -14.17 -14.84 19.14
N ILE B 201 -15.18 -15.64 18.81
CA ILE B 201 -14.88 -16.94 18.22
C ILE B 201 -14.35 -16.70 16.81
N THR B 202 -13.46 -17.58 16.36
CA THR B 202 -12.66 -17.30 15.16
C THR B 202 -13.56 -17.05 13.94
N VAL B 203 -14.66 -17.80 13.82
CA VAL B 203 -15.54 -17.62 12.67
C VAL B 203 -16.26 -16.28 12.70
N ALA B 204 -16.26 -15.59 13.83
CA ALA B 204 -16.87 -14.27 13.92
C ALA B 204 -15.90 -13.15 13.54
N SER B 205 -14.63 -13.45 13.33
CA SER B 205 -13.66 -12.43 12.98
C SER B 205 -13.95 -11.84 11.60
N GLU B 206 -13.64 -10.55 11.44
CA GLU B 206 -13.81 -9.90 10.14
C GLU B 206 -12.81 -10.42 9.12
N VAL B 207 -11.67 -10.96 9.55
CA VAL B 207 -10.76 -11.61 8.62
C VAL B 207 -11.47 -12.75 7.91
N MET B 208 -12.31 -13.50 8.64
CA MET B 208 -13.07 -14.59 8.02
C MET B 208 -14.03 -14.07 6.96
N ALA B 209 -14.67 -12.93 7.23
CA ALA B 209 -15.59 -12.35 6.26
C ALA B 209 -14.85 -11.86 5.02
N ALA B 210 -13.73 -11.15 5.23
CA ALA B 210 -12.93 -10.71 4.10
C ALA B 210 -12.26 -11.88 3.38
N PHE B 211 -11.98 -12.96 4.11
CA PHE B 211 -11.43 -14.16 3.50
C PHE B 211 -12.40 -14.76 2.49
N CYS B 212 -13.69 -14.75 2.81
CA CYS B 212 -14.70 -15.35 1.95
C CYS B 212 -15.18 -14.42 0.84
N LEU B 213 -14.87 -13.13 0.91
CA LEU B 213 -15.33 -12.16 -0.08
C LEU B 213 -14.19 -11.64 -0.94
N SER B 214 -13.15 -12.44 -1.13
CA SER B 214 -12.02 -12.08 -1.98
C SER B 214 -11.99 -13.00 -3.19
N ASN B 215 -11.79 -12.43 -4.37
CA ASN B 215 -11.79 -13.21 -5.60
C ASN B 215 -10.45 -13.89 -5.86
N ASN B 216 -9.36 -13.39 -5.27
CA ASN B 216 -8.04 -13.98 -5.46
C ASN B 216 -7.14 -13.48 -4.34
N ILE B 217 -5.85 -13.87 -4.42
CA ILE B 217 -4.91 -13.49 -3.39
C ILE B 217 -4.60 -12.00 -3.43
N SER B 218 -4.77 -11.35 -4.59
CA SER B 218 -4.52 -9.92 -4.68
C SER B 218 -5.65 -9.11 -4.04
N GLU B 219 -6.91 -9.52 -4.27
CA GLU B 219 -8.03 -8.83 -3.63
C GLU B 219 -8.02 -9.06 -2.12
N LEU B 220 -7.61 -10.25 -1.69
CA LEU B 220 -7.53 -10.53 -0.26
C LEU B 220 -6.56 -9.58 0.43
N LYS B 221 -5.38 -9.38 -0.16
CA LYS B 221 -4.38 -8.51 0.44
C LYS B 221 -4.89 -7.08 0.55
N GLU B 222 -5.68 -6.63 -0.43
CA GLU B 222 -6.23 -5.29 -0.38
C GLU B 222 -7.47 -5.22 0.52
N ASN B 223 -8.27 -6.28 0.56
CA ASN B 223 -9.39 -6.32 1.49
C ASN B 223 -8.91 -6.28 2.94
N LEU B 224 -7.86 -7.06 3.25
CA LEU B 224 -7.29 -7.03 4.59
C LEU B 224 -6.74 -5.65 4.93
N GLY B 225 -6.15 -4.97 3.94
CA GLY B 225 -5.63 -3.64 4.18
C GLY B 225 -6.70 -2.62 4.50
N ASN B 226 -7.90 -2.80 3.95
CA ASN B 226 -8.99 -1.87 4.19
C ASN B 226 -9.68 -2.07 5.54
N ILE B 227 -9.28 -3.07 6.30
CA ILE B 227 -9.92 -3.35 7.59
C ILE B 227 -9.71 -2.16 8.51
N VAL B 228 -10.80 -1.61 9.03
CA VAL B 228 -10.74 -0.54 10.03
C VAL B 228 -10.57 -1.18 11.41
N VAL B 229 -9.43 -0.92 12.05
CA VAL B 229 -9.14 -1.54 13.34
C VAL B 229 -9.37 -0.60 14.52
N ALA B 230 -9.35 0.70 14.31
CA ALA B 230 -9.51 1.67 15.40
C ALA B 230 -9.79 3.03 14.78
N TYR B 231 -10.05 4.00 15.64
CA TYR B 231 -10.22 5.39 15.25
C TYR B 231 -9.20 6.24 15.99
N ASN B 232 -8.68 7.27 15.31
CA ASN B 232 -7.74 8.16 15.96
C ASN B 232 -8.49 9.21 16.78
N TYR B 233 -7.72 10.03 17.50
CA TYR B 233 -8.32 11.09 18.31
C TYR B 233 -8.99 12.15 17.46
N SER B 234 -8.75 12.18 16.15
CA SER B 234 -9.43 13.10 15.25
C SER B 234 -10.76 12.56 14.73
N GLY B 235 -11.05 11.28 14.95
CA GLY B 235 -12.28 10.68 14.49
C GLY B 235 -12.19 9.93 13.18
N LYS B 236 -10.99 9.87 12.56
CA LYS B 236 -10.79 9.20 11.29
C LYS B 236 -10.40 7.74 11.52
N PRO B 237 -10.76 6.85 10.59
CA PRO B 237 -10.43 5.43 10.78
C PRO B 237 -8.94 5.18 10.68
N VAL B 238 -8.48 4.16 11.40
CA VAL B 238 -7.12 3.63 11.27
C VAL B 238 -7.24 2.22 10.73
N THR B 239 -6.55 1.95 9.62
CA THR B 239 -6.70 0.69 8.91
C THR B 239 -5.49 -0.21 9.13
N ALA B 240 -5.66 -1.50 8.79
CA ALA B 240 -4.55 -2.44 8.83
C ALA B 240 -3.44 -2.02 7.87
N ARG B 241 -3.80 -1.35 6.78
CA ARG B 241 -2.78 -0.87 5.84
C ARG B 241 -1.92 0.22 6.48
N ASP B 242 -2.52 1.08 7.32
CA ASP B 242 -1.75 2.07 8.05
C ASP B 242 -0.70 1.41 8.94
N LEU B 243 -0.98 0.21 9.43
CA LEU B 243 -0.06 -0.54 10.27
C LEU B 243 0.91 -1.40 9.48
N ASN B 244 0.81 -1.40 8.14
CA ASN B 244 1.66 -2.21 7.27
C ASN B 244 1.58 -3.69 7.65
N ALA B 245 0.37 -4.15 7.97
CA ALA B 245 0.16 -5.51 8.41
C ALA B 245 -0.52 -6.41 7.39
N HIS B 246 -1.18 -5.83 6.38
CA HIS B 246 -1.96 -6.64 5.44
C HIS B 246 -1.06 -7.53 4.58
N GLY B 247 0.17 -7.11 4.32
CA GLY B 247 1.09 -7.96 3.58
C GLY B 247 1.43 -9.24 4.35
N ALA B 248 1.65 -9.12 5.66
CA ALA B 248 1.94 -10.29 6.47
C ALA B 248 0.69 -11.12 6.71
N MET B 249 -0.48 -10.48 6.81
CA MET B 249 -1.72 -11.23 6.99
C MET B 249 -2.03 -12.08 5.76
N ALA B 250 -1.80 -11.54 4.56
CA ALA B 250 -2.05 -12.30 3.35
C ALA B 250 -1.10 -13.49 3.23
N ALA B 251 0.10 -13.39 3.78
CA ALA B 251 1.04 -14.51 3.74
C ALA B 251 0.59 -15.63 4.67
N ILE B 252 0.02 -15.28 5.83
CA ILE B 252 -0.52 -16.29 6.73
C ILE B 252 -1.67 -17.04 6.08
N LEU B 253 -2.43 -16.37 5.20
CA LEU B 253 -3.62 -16.93 4.59
C LEU B 253 -3.37 -17.45 3.17
N LYS B 254 -2.13 -17.43 2.69
CA LYS B 254 -1.84 -17.81 1.31
C LYS B 254 -2.33 -19.22 1.01
N ASP B 255 -1.94 -20.20 1.83
CA ASP B 255 -2.37 -21.57 1.61
C ASP B 255 -3.85 -21.74 1.95
N ALA B 256 -4.30 -21.11 3.04
CA ALA B 256 -5.68 -21.28 3.48
C ALA B 256 -6.69 -20.82 2.43
N LEU B 257 -6.31 -19.86 1.58
CA LEU B 257 -7.21 -19.38 0.54
C LEU B 257 -7.48 -20.42 -0.53
N LYS B 258 -6.69 -21.49 -0.59
CA LYS B 258 -6.94 -22.56 -1.53
C LYS B 258 -8.12 -23.40 -1.06
N PRO B 259 -9.17 -23.56 -1.86
CA PRO B 259 -10.33 -24.34 -1.42
C PRO B 259 -9.96 -25.79 -1.13
N ASN B 260 -10.74 -26.41 -0.25
CA ASN B 260 -10.47 -27.76 0.23
C ASN B 260 -11.39 -28.74 -0.48
N LEU B 261 -10.81 -29.74 -1.12
CA LEU B 261 -11.56 -30.72 -1.90
C LEU B 261 -11.85 -31.94 -1.04
N VAL B 262 -13.13 -32.26 -0.89
CA VAL B 262 -13.57 -33.48 -0.21
C VAL B 262 -14.60 -34.17 -1.09
N GLN B 263 -15.41 -35.05 -0.50
CA GLN B 263 -16.36 -35.83 -1.28
C GLN B 263 -17.57 -36.17 -0.43
N THR B 264 -18.66 -36.49 -1.11
CA THR B 264 -19.87 -36.97 -0.46
C THR B 264 -19.83 -38.48 -0.31
N LEU B 265 -20.90 -39.05 0.26
CA LEU B 265 -20.97 -40.49 0.46
C LEU B 265 -21.00 -41.27 -0.86
N GLU B 266 -21.44 -40.63 -1.95
CA GLU B 266 -21.50 -41.27 -3.26
C GLU B 266 -20.34 -40.87 -4.17
N GLY B 267 -19.33 -40.21 -3.62
CA GLY B 267 -18.17 -39.82 -4.40
C GLY B 267 -18.31 -38.56 -5.20
N THR B 268 -19.33 -37.76 -4.93
CA THR B 268 -19.48 -36.49 -5.65
C THR B 268 -18.47 -35.49 -5.11
N PRO B 269 -17.76 -34.77 -5.99
CA PRO B 269 -16.78 -33.78 -5.50
C PRO B 269 -17.46 -32.72 -4.63
N ALA B 270 -16.84 -32.45 -3.48
CA ALA B 270 -17.35 -31.47 -2.54
C ALA B 270 -16.23 -30.52 -2.15
N ILE B 271 -16.53 -29.23 -2.14
CA ILE B 271 -15.56 -28.20 -1.75
C ILE B 271 -16.08 -27.51 -0.50
N LEU B 272 -15.31 -27.59 0.58
CA LEU B 272 -15.60 -26.89 1.83
C LEU B 272 -14.57 -25.79 2.02
N HIS B 273 -15.04 -24.56 2.23
CA HIS B 273 -14.14 -23.42 2.32
C HIS B 273 -14.83 -22.29 3.05
N GLY B 274 -14.22 -21.84 4.16
CA GLY B 274 -14.74 -20.72 4.91
C GLY B 274 -16.03 -21.02 5.64
N GLY B 275 -16.49 -20.07 6.44
CA GLY B 275 -17.75 -20.21 7.16
C GLY B 275 -17.96 -19.12 8.19
N PRO B 276 -18.30 -17.92 7.73
CA PRO B 276 -18.54 -16.80 8.65
C PRO B 276 -19.96 -16.84 9.20
N PHE B 277 -20.24 -15.92 10.11
CA PHE B 277 -21.58 -15.81 10.68
C PHE B 277 -22.59 -15.42 9.61
N ALA B 278 -23.86 -15.76 9.87
CA ALA B 278 -24.95 -15.39 8.99
C ALA B 278 -25.74 -14.21 9.51
N ASN B 279 -25.37 -13.65 10.67
CA ASN B 279 -26.01 -12.46 11.20
C ASN B 279 -25.11 -11.23 11.06
N ILE B 280 -23.89 -11.27 11.60
CA ILE B 280 -22.95 -10.16 11.42
C ILE B 280 -22.13 -10.30 10.15
N ALA B 281 -22.35 -11.34 9.36
CA ALA B 281 -21.69 -11.51 8.06
C ALA B 281 -22.71 -12.14 7.11
N HIS B 282 -22.23 -12.55 5.93
CA HIS B 282 -23.13 -13.01 4.88
C HIS B 282 -23.50 -14.49 5.01
N GLY B 283 -22.71 -15.28 5.74
CA GLY B 283 -23.07 -16.66 6.01
C GLY B 283 -22.99 -17.59 4.82
N CYS B 284 -22.10 -17.32 3.87
CA CYS B 284 -21.89 -18.18 2.71
C CYS B 284 -20.47 -18.71 2.72
N ASN B 285 -20.21 -19.70 1.87
CA ASN B 285 -18.84 -20.14 1.68
C ASN B 285 -18.07 -19.10 0.87
N SER B 286 -16.77 -19.31 0.76
CA SER B 286 -15.91 -18.31 0.15
C SER B 286 -16.27 -18.10 -1.32
N ILE B 287 -16.00 -16.87 -1.80
CA ILE B 287 -16.21 -16.56 -3.21
C ILE B 287 -15.32 -17.43 -4.08
N ILE B 288 -14.06 -17.59 -3.68
CA ILE B 288 -13.10 -18.33 -4.50
C ILE B 288 -13.48 -19.81 -4.60
N ALA B 289 -14.22 -20.34 -3.63
CA ALA B 289 -14.68 -21.73 -3.74
C ALA B 289 -15.84 -21.85 -4.71
N THR B 290 -16.79 -20.91 -4.67
CA THR B 290 -17.91 -20.94 -5.60
C THR B 290 -17.43 -20.73 -7.03
N LYS B 291 -16.48 -19.81 -7.24
CA LYS B 291 -15.92 -19.62 -8.58
C LYS B 291 -15.08 -20.81 -9.00
N MET B 292 -14.38 -21.45 -8.04
CA MET B 292 -13.63 -22.66 -8.36
C MET B 292 -14.55 -23.76 -8.88
N GLY B 293 -15.72 -23.91 -8.26
CA GLY B 293 -16.66 -24.91 -8.73
C GLY B 293 -17.22 -24.58 -10.10
N MET B 294 -17.60 -23.32 -10.31
CA MET B 294 -18.10 -22.90 -11.61
C MET B 294 -17.03 -22.98 -12.69
N HIS B 295 -15.75 -22.93 -12.31
CA HIS B 295 -14.67 -23.03 -13.27
C HIS B 295 -14.36 -24.48 -13.63
N MET B 296 -14.59 -25.41 -12.71
CA MET B 296 -14.23 -26.81 -12.92
C MET B 296 -15.42 -27.72 -13.18
N ALA B 297 -16.65 -27.24 -13.02
CA ALA B 297 -17.83 -28.08 -13.17
C ALA B 297 -18.90 -27.33 -13.97
N ASP B 298 -19.96 -28.06 -14.31
CA ASP B 298 -21.08 -27.49 -15.04
C ASP B 298 -22.18 -26.99 -14.12
N TYR B 299 -22.31 -27.57 -12.92
CA TYR B 299 -23.32 -27.16 -11.97
C TYR B 299 -22.70 -27.11 -10.58
N VAL B 300 -23.07 -26.08 -9.80
CA VAL B 300 -22.54 -25.88 -8.46
C VAL B 300 -23.71 -25.72 -7.51
N VAL B 301 -23.76 -26.56 -6.48
CA VAL B 301 -24.80 -26.51 -5.46
C VAL B 301 -24.19 -25.88 -4.21
N THR B 302 -24.65 -24.68 -3.87
CA THR B 302 -24.17 -23.97 -2.69
C THR B 302 -25.38 -23.60 -1.83
N GLU B 303 -25.10 -22.97 -0.68
CA GLU B 303 -26.15 -22.64 0.27
C GLU B 303 -25.76 -21.39 1.04
N ALA B 304 -26.71 -20.88 1.81
CA ALA B 304 -26.48 -19.76 2.72
C ALA B 304 -27.18 -20.06 4.04
N GLY B 305 -26.60 -19.56 5.13
CA GLY B 305 -27.12 -19.84 6.44
C GLY B 305 -28.47 -19.19 6.69
N PHE B 306 -29.21 -19.78 7.63
CA PHE B 306 -30.52 -19.29 8.06
C PHE B 306 -31.51 -19.25 6.91
N GLY B 307 -32.68 -18.64 7.15
CA GLY B 307 -33.72 -18.58 6.16
C GLY B 307 -33.40 -17.65 5.00
N ALA B 308 -34.30 -17.63 4.02
CA ALA B 308 -34.12 -16.84 2.82
C ALA B 308 -34.17 -15.34 3.09
N ASP B 309 -34.63 -14.90 4.26
CA ASP B 309 -34.65 -13.49 4.58
C ASP B 309 -33.31 -12.97 5.08
N LEU B 310 -32.36 -13.86 5.38
CA LEU B 310 -31.03 -13.44 5.85
C LEU B 310 -29.94 -13.96 4.93
N GLY B 311 -29.72 -15.28 4.87
CA GLY B 311 -28.61 -15.80 4.07
C GLY B 311 -28.80 -15.57 2.59
N ALA B 312 -29.98 -15.90 2.06
CA ALA B 312 -30.25 -15.66 0.64
C ALA B 312 -30.22 -14.18 0.33
N GLU B 313 -30.69 -13.34 1.26
CA GLU B 313 -30.62 -11.90 1.04
C GLU B 313 -29.17 -11.43 0.99
N LYS B 314 -28.29 -12.04 1.78
CA LYS B 314 -26.88 -11.66 1.79
C LYS B 314 -26.07 -12.40 0.72
N PHE B 315 -26.52 -13.58 0.30
CA PHE B 315 -25.88 -14.25 -0.83
C PHE B 315 -26.06 -13.43 -2.11
N LEU B 316 -27.24 -12.83 -2.29
CA LEU B 316 -27.57 -12.10 -3.51
C LEU B 316 -27.08 -10.66 -3.49
N ASP B 317 -27.25 -9.95 -2.38
CA ASP B 317 -26.93 -8.53 -2.31
C ASP B 317 -25.49 -8.26 -1.90
N ILE B 318 -24.77 -9.25 -1.40
CA ILE B 318 -23.39 -9.04 -0.95
C ILE B 318 -22.43 -9.91 -1.74
N LYS B 319 -22.58 -11.24 -1.61
CA LYS B 319 -21.62 -12.14 -2.25
C LYS B 319 -21.68 -12.04 -3.77
N CYS B 320 -22.87 -12.13 -4.34
CA CYS B 320 -23.00 -12.03 -5.80
C CYS B 320 -22.56 -10.67 -6.31
N ARG B 321 -22.90 -9.61 -5.58
CA ARG B 321 -22.50 -8.27 -5.99
C ARG B 321 -20.98 -8.15 -6.07
N LYS B 322 -20.27 -8.77 -5.13
CA LYS B 322 -18.82 -8.66 -5.07
C LYS B 322 -18.10 -9.68 -5.96
N ALA B 323 -18.77 -10.78 -6.33
CA ALA B 323 -18.16 -11.79 -7.19
C ALA B 323 -18.53 -11.65 -8.66
N GLY B 324 -19.57 -10.89 -8.97
CA GLY B 324 -20.01 -10.79 -10.36
C GLY B 324 -20.65 -12.05 -10.88
N ILE B 325 -21.36 -12.78 -10.02
CA ILE B 325 -22.07 -13.99 -10.41
C ILE B 325 -23.54 -13.83 -10.03
N ARG B 326 -24.39 -14.68 -10.61
CA ARG B 326 -25.80 -14.69 -10.27
C ARG B 326 -26.29 -16.13 -10.25
N PRO B 327 -27.22 -16.47 -9.37
CA PRO B 327 -27.75 -17.82 -9.33
C PRO B 327 -28.68 -18.09 -10.50
N ASP B 328 -28.53 -19.27 -11.09
CA ASP B 328 -29.44 -19.69 -12.16
C ASP B 328 -30.72 -20.29 -11.62
N ALA B 329 -30.71 -20.80 -10.40
CA ALA B 329 -31.90 -21.38 -9.79
C ALA B 329 -31.74 -21.39 -8.28
N VAL B 330 -32.87 -21.28 -7.58
CA VAL B 330 -32.92 -21.27 -6.12
C VAL B 330 -33.77 -22.44 -5.67
N ILE B 331 -33.28 -23.17 -4.65
CA ILE B 331 -34.01 -24.25 -4.03
C ILE B 331 -34.47 -23.77 -2.65
N ILE B 332 -35.78 -23.65 -2.46
CA ILE B 332 -36.35 -23.20 -1.20
C ILE B 332 -36.79 -24.45 -0.44
N VAL B 333 -36.02 -24.83 0.57
CA VAL B 333 -36.33 -26.01 1.37
C VAL B 333 -37.35 -25.65 2.43
N ALA B 334 -38.36 -26.50 2.59
CA ALA B 334 -39.38 -26.32 3.61
C ALA B 334 -39.82 -27.69 4.11
N THR B 335 -40.17 -27.74 5.40
CA THR B 335 -40.69 -28.96 6.00
C THR B 335 -42.11 -28.70 6.49
N VAL B 336 -42.88 -29.78 6.58
CA VAL B 336 -44.23 -29.67 7.13
C VAL B 336 -44.18 -29.27 8.60
N ARG B 337 -43.14 -29.70 9.32
CA ARG B 337 -43.01 -29.35 10.73
C ARG B 337 -42.74 -27.86 10.91
N ALA B 338 -41.97 -27.26 10.01
CA ALA B 338 -41.68 -25.83 10.14
C ALA B 338 -42.90 -24.98 9.85
N LEU B 339 -43.68 -25.36 8.83
CA LEU B 339 -44.90 -24.61 8.53
C LEU B 339 -45.93 -24.77 9.63
N LYS B 340 -46.02 -25.96 10.23
CA LYS B 340 -46.91 -26.14 11.38
C LYS B 340 -46.40 -25.38 12.59
N TYR B 341 -45.08 -25.29 12.77
CA TYR B 341 -44.52 -24.49 13.84
C TYR B 341 -44.83 -23.02 13.64
N ASN B 342 -44.76 -22.54 12.39
CA ASN B 342 -45.18 -21.17 12.08
C ASN B 342 -46.68 -20.99 12.15
N GLY B 343 -47.44 -22.08 12.31
CA GLY B 343 -48.89 -21.99 12.45
C GLY B 343 -49.41 -21.94 13.86
N GLY B 344 -48.52 -22.08 14.86
CA GLY B 344 -48.90 -22.01 16.25
C GLY B 344 -48.77 -23.29 17.02
N VAL B 345 -48.35 -24.39 16.39
CA VAL B 345 -48.21 -25.66 17.09
C VAL B 345 -47.00 -25.61 18.01
N ALA B 346 -47.14 -26.16 19.21
CA ALA B 346 -46.03 -26.26 20.13
C ALA B 346 -44.93 -27.15 19.54
N LYS B 347 -43.73 -27.03 20.10
CA LYS B 347 -42.58 -27.75 19.54
C LYS B 347 -42.76 -29.26 19.67
N ASP B 348 -43.27 -29.73 20.79
CA ASP B 348 -43.40 -31.16 21.02
C ASP B 348 -44.53 -31.79 20.24
N GLN B 349 -45.52 -31.01 19.81
CA GLN B 349 -46.69 -31.53 19.09
C GLN B 349 -46.54 -31.40 17.57
N LEU B 350 -45.32 -31.15 17.08
CA LEU B 350 -45.10 -30.95 15.66
C LEU B 350 -45.15 -32.25 14.85
N ASN B 351 -45.45 -33.38 15.47
CA ASN B 351 -45.49 -34.65 14.78
C ASN B 351 -46.90 -35.21 14.60
N ASN B 352 -47.92 -34.51 15.08
CA ASN B 352 -49.30 -34.89 14.83
C ASN B 352 -49.86 -34.06 13.68
N GLU B 353 -50.74 -34.67 12.89
CA GLU B 353 -51.30 -34.00 11.74
C GLU B 353 -52.11 -32.78 12.17
N ASN B 354 -51.88 -31.65 11.48
CA ASN B 354 -52.62 -30.41 11.74
C ASN B 354 -52.67 -29.63 10.44
N LEU B 355 -53.63 -29.99 9.59
CA LEU B 355 -53.77 -29.34 8.28
C LEU B 355 -54.22 -27.89 8.42
N GLU B 356 -54.91 -27.55 9.51
CA GLU B 356 -55.32 -26.16 9.71
C GLU B 356 -54.15 -25.27 10.07
N ALA B 357 -53.25 -25.76 10.94
CA ALA B 357 -52.06 -24.99 11.26
C ALA B 357 -51.08 -24.97 10.10
N LEU B 358 -51.13 -25.98 9.23
CA LEU B 358 -50.30 -25.97 8.03
C LEU B 358 -50.66 -24.80 7.12
N GLU B 359 -51.94 -24.43 7.07
CA GLU B 359 -52.36 -23.32 6.22
C GLU B 359 -51.89 -21.98 6.80
N LYS B 360 -51.93 -21.83 8.13
CA LYS B 360 -51.52 -20.58 8.74
C LYS B 360 -50.01 -20.36 8.70
N GLY B 361 -49.24 -21.42 8.44
CA GLY B 361 -47.79 -21.29 8.35
C GLY B 361 -47.29 -21.17 6.94
N LEU B 362 -48.15 -21.52 5.97
CA LEU B 362 -47.77 -21.40 4.56
C LEU B 362 -47.44 -19.99 4.13
N PRO B 363 -48.10 -18.92 4.60
CA PRO B 363 -47.69 -17.56 4.19
C PRO B 363 -46.22 -17.26 4.39
N ASN B 364 -45.56 -17.91 5.36
CA ASN B 364 -44.12 -17.73 5.52
C ASN B 364 -43.36 -18.28 4.32
N LEU B 365 -43.69 -19.51 3.91
CA LEU B 365 -43.10 -20.07 2.70
C LEU B 365 -43.43 -19.22 1.48
N LEU B 366 -44.68 -18.74 1.39
CA LEU B 366 -45.08 -17.93 0.25
C LEU B 366 -44.36 -16.60 0.21
N LYS B 367 -44.01 -16.04 1.38
CA LYS B 367 -43.30 -14.77 1.40
C LYS B 367 -41.90 -14.91 0.81
N HIS B 368 -41.17 -15.96 1.22
CA HIS B 368 -39.85 -16.21 0.64
C HIS B 368 -39.95 -16.50 -0.86
N ILE B 369 -41.03 -17.16 -1.28
CA ILE B 369 -41.24 -17.41 -2.71
C ILE B 369 -41.40 -16.11 -3.47
N GLU B 370 -42.16 -15.17 -2.90
CA GLU B 370 -42.32 -13.86 -3.54
C GLU B 370 -40.99 -13.12 -3.59
N ASN B 371 -40.18 -13.24 -2.54
CA ASN B 371 -38.90 -12.55 -2.52
C ASN B 371 -37.95 -13.11 -3.57
N ILE B 372 -37.89 -14.44 -3.70
CA ILE B 372 -36.96 -15.05 -4.63
C ILE B 372 -37.40 -14.81 -6.07
N THR B 373 -38.70 -14.97 -6.35
CA THR B 373 -39.18 -14.96 -7.73
C THR B 373 -39.62 -13.59 -8.22
N GLN B 374 -40.03 -12.70 -7.32
CA GLN B 374 -40.59 -11.41 -7.72
C GLN B 374 -39.82 -10.20 -7.24
N VAL B 375 -38.81 -10.37 -6.39
CA VAL B 375 -37.93 -9.26 -6.03
C VAL B 375 -36.62 -9.42 -6.79
N TYR B 376 -35.94 -10.56 -6.60
CA TYR B 376 -34.71 -10.84 -7.29
C TYR B 376 -34.92 -11.47 -8.66
N LYS B 377 -36.14 -11.90 -8.97
CA LYS B 377 -36.50 -12.41 -10.29
C LYS B 377 -35.66 -13.62 -10.68
N ILE B 378 -35.59 -14.60 -9.78
CA ILE B 378 -34.81 -15.82 -9.98
C ILE B 378 -35.77 -16.99 -9.97
N PRO B 379 -35.68 -17.93 -10.92
CA PRO B 379 -36.54 -19.11 -10.87
C PRO B 379 -36.25 -19.95 -9.64
N ALA B 380 -37.30 -20.45 -9.02
CA ALA B 380 -37.19 -21.17 -7.76
C ALA B 380 -37.96 -22.48 -7.83
N VAL B 381 -37.70 -23.34 -6.87
CA VAL B 381 -38.41 -24.61 -6.71
C VAL B 381 -38.46 -24.92 -5.21
N VAL B 382 -39.64 -25.31 -4.74
CA VAL B 382 -39.83 -25.69 -3.34
C VAL B 382 -39.46 -27.16 -3.18
N ALA B 383 -38.48 -27.43 -2.34
CA ALA B 383 -38.07 -28.80 -2.01
C ALA B 383 -38.64 -29.15 -0.65
N ILE B 384 -39.61 -30.06 -0.62
CA ILE B 384 -40.21 -30.50 0.63
C ILE B 384 -39.32 -31.60 1.21
N ASN B 385 -38.60 -31.27 2.29
CA ASN B 385 -37.80 -32.27 2.98
C ASN B 385 -38.72 -33.22 3.75
N ARG B 386 -39.09 -34.34 3.13
CA ARG B 386 -40.02 -35.28 3.75
C ARG B 386 -39.42 -35.86 5.03
N PHE B 387 -40.01 -35.51 6.17
CA PHE B 387 -39.63 -36.11 7.43
C PHE B 387 -40.38 -37.43 7.65
N PRO B 388 -39.86 -38.31 8.54
CA PRO B 388 -40.29 -39.72 8.55
C PRO B 388 -41.77 -40.01 8.32
N LEU B 389 -42.68 -39.50 9.15
CA LEU B 389 -44.11 -39.79 8.99
C LEU B 389 -44.90 -38.49 8.90
N ASP B 390 -45.04 -37.98 7.68
CA ASP B 390 -45.99 -36.92 7.36
C ASP B 390 -47.07 -37.49 6.44
N THR B 391 -48.32 -37.11 6.71
CA THR B 391 -49.41 -37.54 5.86
C THR B 391 -49.26 -36.93 4.47
N ASP B 392 -49.55 -37.74 3.44
CA ASP B 392 -49.55 -37.20 2.09
C ASP B 392 -50.70 -36.23 1.84
N ALA B 393 -51.56 -36.00 2.83
CA ALA B 393 -52.48 -34.87 2.78
C ALA B 393 -51.77 -33.59 3.18
N GLU B 394 -50.86 -33.67 4.15
CA GLU B 394 -49.97 -32.54 4.42
C GLU B 394 -49.04 -32.29 3.24
N LEU B 395 -48.47 -33.36 2.70
CA LEU B 395 -47.58 -33.26 1.55
C LEU B 395 -48.31 -32.86 0.27
N ALA B 396 -49.64 -32.85 0.27
CA ALA B 396 -50.41 -32.40 -0.88
C ALA B 396 -50.94 -30.99 -0.74
N LEU B 397 -51.20 -30.54 0.48
CA LEU B 397 -51.65 -29.16 0.68
C LEU B 397 -50.53 -28.18 0.33
N VAL B 398 -49.29 -28.52 0.65
CA VAL B 398 -48.16 -27.67 0.27
C VAL B 398 -48.00 -27.66 -1.24
N ARG B 399 -48.21 -28.80 -1.89
CA ARG B 399 -48.10 -28.87 -3.35
C ARG B 399 -49.21 -28.07 -4.04
N SER B 400 -50.35 -27.91 -3.38
CA SER B 400 -51.47 -27.19 -3.98
C SER B 400 -51.28 -25.68 -3.89
N LYS B 401 -51.00 -25.17 -2.69
CA LYS B 401 -50.88 -23.73 -2.47
C LYS B 401 -49.65 -23.14 -3.16
N CYS B 402 -48.70 -23.96 -3.60
CA CYS B 402 -47.54 -23.46 -4.34
C CYS B 402 -47.81 -23.31 -5.83
N GLU B 403 -48.84 -23.97 -6.35
CA GLU B 403 -49.25 -23.73 -7.73
C GLU B 403 -49.86 -22.35 -7.93
N GLU B 404 -50.16 -21.63 -6.84
CA GLU B 404 -50.74 -20.30 -6.94
C GLU B 404 -49.77 -19.33 -7.59
N LEU B 405 -48.52 -19.30 -7.12
CA LEU B 405 -47.51 -18.40 -7.64
C LEU B 405 -46.65 -19.02 -8.73
N GLY B 406 -47.08 -20.15 -9.29
CA GLY B 406 -46.35 -20.79 -10.38
C GLY B 406 -44.97 -21.29 -10.01
N VAL B 407 -44.87 -22.01 -8.89
CA VAL B 407 -43.62 -22.57 -8.42
C VAL B 407 -43.82 -24.06 -8.21
N LYS B 408 -42.96 -24.87 -8.84
CA LYS B 408 -43.10 -26.31 -8.76
C LYS B 408 -42.68 -26.81 -7.37
N VAL B 409 -43.17 -28.00 -7.03
CA VAL B 409 -42.88 -28.63 -5.75
C VAL B 409 -42.32 -30.02 -6.03
N ALA B 410 -41.14 -30.30 -5.48
CA ALA B 410 -40.53 -31.62 -5.57
C ALA B 410 -40.28 -32.16 -4.18
N LEU B 411 -40.50 -33.46 -4.00
CA LEU B 411 -40.27 -34.11 -2.72
C LEU B 411 -38.81 -34.53 -2.62
N SER B 412 -38.20 -34.25 -1.47
CA SER B 412 -36.79 -34.52 -1.21
C SER B 412 -36.70 -35.61 -0.16
N GLU B 413 -36.17 -36.77 -0.54
CA GLU B 413 -35.97 -37.90 0.35
C GLU B 413 -34.49 -38.27 0.41
N VAL B 414 -33.61 -37.26 0.35
CA VAL B 414 -32.19 -37.52 0.32
C VAL B 414 -31.63 -37.93 1.67
N TRP B 415 -32.34 -37.62 2.77
CA TRP B 415 -31.83 -37.97 4.09
C TRP B 415 -31.81 -39.48 4.29
N ALA B 416 -32.79 -40.19 3.72
CA ALA B 416 -32.88 -41.64 3.89
C ALA B 416 -32.51 -42.43 2.66
N ASN B 417 -32.49 -41.81 1.47
CA ASN B 417 -32.27 -42.52 0.22
C ASN B 417 -31.06 -42.04 -0.57
N GLY B 418 -30.41 -40.95 -0.15
CA GLY B 418 -29.21 -40.54 -0.85
C GLY B 418 -29.54 -39.81 -2.14
N GLY B 419 -28.77 -40.12 -3.18
CA GLY B 419 -28.97 -39.43 -4.44
C GLY B 419 -30.27 -39.78 -5.15
N GLU B 420 -30.80 -40.98 -4.87
CA GLU B 420 -32.07 -41.37 -5.47
C GLU B 420 -33.22 -40.51 -4.95
N GLY B 421 -33.09 -39.97 -3.74
CA GLY B 421 -34.14 -39.17 -3.15
C GLY B 421 -34.25 -37.75 -3.67
N GLY B 422 -33.27 -37.29 -4.44
CA GLY B 422 -33.28 -35.95 -5.00
C GLY B 422 -33.46 -35.85 -6.49
N ILE B 423 -33.84 -36.94 -7.17
CA ILE B 423 -33.98 -36.90 -8.61
C ILE B 423 -35.09 -35.94 -9.03
N GLU B 424 -36.19 -35.91 -8.27
CA GLU B 424 -37.29 -35.02 -8.60
C GLU B 424 -36.89 -33.56 -8.44
N VAL B 425 -36.14 -33.24 -7.38
CA VAL B 425 -35.63 -31.88 -7.22
C VAL B 425 -34.60 -31.57 -8.29
N ALA B 426 -33.70 -32.52 -8.57
CA ALA B 426 -32.64 -32.29 -9.54
C ALA B 426 -33.21 -32.08 -10.94
N ASN B 427 -34.27 -32.82 -11.29
CA ASN B 427 -34.87 -32.62 -12.60
C ASN B 427 -35.59 -31.28 -12.70
N GLU B 428 -36.18 -30.80 -11.61
CA GLU B 428 -36.91 -29.54 -11.66
C GLU B 428 -35.96 -28.35 -11.75
N VAL B 429 -34.82 -28.41 -11.06
CA VAL B 429 -33.86 -27.33 -11.17
C VAL B 429 -33.22 -27.34 -12.55
N LEU B 430 -33.06 -28.51 -13.16
CA LEU B 430 -32.55 -28.57 -14.54
C LEU B 430 -33.54 -27.97 -15.53
N LYS B 431 -34.84 -28.15 -15.29
CA LYS B 431 -35.84 -27.53 -16.16
C LYS B 431 -36.00 -26.04 -15.88
N LEU B 432 -35.69 -25.59 -14.66
CA LEU B 432 -35.69 -24.16 -14.37
C LEU B 432 -34.56 -23.45 -15.10
N ILE B 433 -33.42 -24.11 -15.28
CA ILE B 433 -32.31 -23.50 -16.00
C ILE B 433 -32.56 -23.51 -17.50
N GLU B 434 -33.25 -24.52 -18.02
CA GLU B 434 -33.56 -24.57 -19.44
C GLU B 434 -34.65 -23.55 -19.80
N GLU B 435 -35.81 -23.66 -19.15
CA GLU B 435 -37.00 -22.92 -19.56
C GLU B 435 -37.25 -21.66 -18.75
N GLY B 436 -36.53 -21.45 -17.65
CA GLY B 436 -36.71 -20.29 -16.82
C GLY B 436 -35.71 -19.21 -17.16
N GLU B 437 -36.23 -18.06 -17.58
CA GLU B 437 -35.41 -16.89 -17.86
C GLU B 437 -35.49 -15.94 -16.68
N ASN B 438 -34.34 -15.65 -16.07
CA ASN B 438 -34.31 -14.74 -14.94
C ASN B 438 -33.77 -13.38 -15.37
N ASN B 439 -34.26 -12.34 -14.70
CA ASN B 439 -33.77 -10.97 -14.86
C ASN B 439 -33.23 -10.53 -13.51
N PHE B 440 -32.14 -11.15 -13.08
CA PHE B 440 -31.65 -11.00 -11.71
C PHE B 440 -31.49 -9.53 -11.34
N GLU B 441 -32.11 -9.16 -10.23
CA GLU B 441 -32.24 -7.77 -9.81
C GLU B 441 -31.82 -7.64 -8.36
N TYR B 442 -30.90 -6.72 -8.08
CA TYR B 442 -30.51 -6.45 -6.71
C TYR B 442 -31.67 -5.83 -5.93
N CYS B 443 -31.69 -6.08 -4.62
CA CYS B 443 -32.73 -5.50 -3.79
C CYS B 443 -32.58 -4.00 -3.65
N TYR B 444 -31.34 -3.50 -3.72
CA TYR B 444 -31.06 -2.07 -3.64
C TYR B 444 -29.84 -1.78 -4.50
N GLU B 445 -29.49 -0.50 -4.59
CA GLU B 445 -28.33 -0.08 -5.36
C GLU B 445 -27.32 0.62 -4.45
N GLU B 446 -26.05 0.48 -4.81
CA GLU B 446 -24.95 1.06 -4.04
C GLU B 446 -25.06 2.57 -3.92
N ASP B 447 -25.75 3.23 -4.84
CA ASP B 447 -25.85 4.69 -4.81
C ASP B 447 -26.70 5.18 -3.64
N MET B 448 -27.62 4.36 -3.16
CA MET B 448 -28.52 4.77 -2.09
C MET B 448 -27.76 4.91 -0.78
N THR B 449 -28.31 5.74 0.12
CA THR B 449 -27.70 5.89 1.43
C THR B 449 -27.97 4.66 2.28
N ILE B 450 -27.29 4.59 3.42
CA ILE B 450 -27.41 3.43 4.31
C ILE B 450 -28.85 3.25 4.76
N LYS B 451 -29.53 4.34 5.11
CA LYS B 451 -30.90 4.24 5.58
C LYS B 451 -31.85 3.86 4.45
N GLU B 452 -31.57 4.29 3.22
CA GLU B 452 -32.40 3.86 2.10
C GLU B 452 -32.20 2.39 1.78
N LYS B 453 -30.99 1.86 2.00
CA LYS B 453 -30.75 0.44 1.75
C LYS B 453 -31.42 -0.43 2.80
N LEU B 454 -31.37 -0.02 4.07
CA LEU B 454 -32.04 -0.78 5.12
C LEU B 454 -33.55 -0.76 4.92
N ASN B 455 -34.09 0.37 4.47
CA ASN B 455 -35.52 0.44 4.20
C ASN B 455 -35.91 -0.46 3.03
N ALA B 456 -35.04 -0.55 2.02
CA ALA B 456 -35.33 -1.41 0.87
C ALA B 456 -35.35 -2.89 1.29
N ILE B 457 -34.47 -3.28 2.21
CA ILE B 457 -34.47 -4.65 2.68
C ILE B 457 -35.65 -4.91 3.59
N ALA B 458 -35.92 -3.97 4.51
CA ALA B 458 -36.96 -4.20 5.51
C ALA B 458 -38.35 -4.25 4.88
N THR B 459 -38.59 -3.42 3.86
CA THR B 459 -39.93 -3.38 3.26
C THR B 459 -40.11 -4.45 2.20
N LYS B 460 -39.10 -4.67 1.35
CA LYS B 460 -39.23 -5.64 0.28
C LYS B 460 -39.06 -7.07 0.77
N ILE B 461 -38.02 -7.32 1.58
CA ILE B 461 -37.67 -8.67 1.99
C ILE B 461 -38.39 -9.07 3.27
N TYR B 462 -38.28 -8.24 4.32
CA TYR B 462 -38.88 -8.61 5.59
C TYR B 462 -40.38 -8.38 5.61
N GLY B 463 -40.87 -7.37 4.88
CA GLY B 463 -42.27 -7.02 4.92
C GLY B 463 -42.64 -6.01 5.98
N ALA B 464 -41.69 -5.23 6.47
CA ALA B 464 -41.94 -4.24 7.49
C ALA B 464 -42.43 -2.93 6.87
N ASP B 465 -43.00 -2.08 7.73
CA ASP B 465 -43.44 -0.77 7.28
C ASP B 465 -42.25 0.20 7.13
N GLY B 466 -41.23 0.04 7.95
CA GLY B 466 -40.07 0.92 7.87
C GLY B 466 -39.01 0.48 8.84
N VAL B 467 -38.08 1.40 9.12
CA VAL B 467 -36.98 1.16 10.04
C VAL B 467 -36.93 2.29 11.05
N ASN B 468 -36.83 1.94 12.33
CA ASN B 468 -36.63 2.90 13.40
C ASN B 468 -35.20 2.81 13.92
N TYR B 469 -34.61 3.96 14.23
CA TYR B 469 -33.24 4.04 14.68
C TYR B 469 -33.18 4.68 16.05
N THR B 470 -32.30 4.17 16.91
CA THR B 470 -32.07 4.77 18.22
C THR B 470 -31.21 6.02 18.07
N LYS B 471 -31.07 6.76 19.17
CA LYS B 471 -30.23 7.95 19.17
C LYS B 471 -28.78 7.60 18.87
N GLU B 472 -28.34 6.41 19.30
CA GLU B 472 -26.96 5.99 19.07
C GLU B 472 -26.76 5.47 17.65
N ALA B 473 -27.78 4.81 17.07
CA ALA B 473 -27.65 4.32 15.71
C ALA B 473 -27.62 5.46 14.70
N ASN B 474 -28.44 6.50 14.92
CA ASN B 474 -28.44 7.64 14.01
C ASN B 474 -27.09 8.34 13.98
N LYS B 475 -26.48 8.53 15.16
CA LYS B 475 -25.18 9.16 15.22
C LYS B 475 -24.12 8.31 14.53
N GLN B 476 -24.21 6.98 14.68
CA GLN B 476 -23.21 6.10 14.07
C GLN B 476 -23.36 6.03 12.56
N ILE B 477 -24.60 6.01 12.06
CA ILE B 477 -24.80 5.97 10.61
C ILE B 477 -24.33 7.26 9.96
N ALA B 478 -24.61 8.40 10.60
CA ALA B 478 -24.19 9.68 10.04
C ALA B 478 -22.66 9.79 9.99
N GLU B 479 -21.99 9.25 11.01
CA GLU B 479 -20.53 9.25 11.01
C GLU B 479 -19.98 8.37 9.89
N LEU B 480 -20.58 7.18 9.69
CA LEU B 480 -20.16 6.34 8.58
C LEU B 480 -20.47 6.99 7.24
N GLU B 481 -21.48 7.85 7.19
CA GLU B 481 -21.79 8.57 5.95
C GLU B 481 -20.71 9.60 5.64
N GLU B 482 -20.35 10.44 6.63
CA GLU B 482 -19.36 11.48 6.38
C GLU B 482 -17.97 10.92 6.13
N LEU B 483 -17.68 9.70 6.59
CA LEU B 483 -16.38 9.08 6.32
C LEU B 483 -16.31 8.41 4.96
N GLY B 484 -17.45 8.18 4.30
CA GLY B 484 -17.45 7.66 2.94
C GLY B 484 -17.80 6.20 2.79
N PHE B 485 -18.34 5.56 3.82
CA PHE B 485 -18.71 4.15 3.75
C PHE B 485 -20.16 3.93 3.34
N GLY B 486 -20.83 4.97 2.83
CA GLY B 486 -22.23 4.86 2.44
C GLY B 486 -22.50 4.23 1.10
N ASN B 487 -21.46 3.82 0.37
CA ASN B 487 -21.62 3.18 -0.93
C ASN B 487 -21.49 1.66 -0.84
N LEU B 488 -21.45 1.10 0.36
CA LEU B 488 -21.27 -0.31 0.58
C LEU B 488 -22.61 -1.00 0.80
N PRO B 489 -22.66 -2.33 0.64
CA PRO B 489 -23.87 -3.07 1.01
C PRO B 489 -24.09 -3.02 2.52
N VAL B 490 -25.31 -3.41 2.91
CA VAL B 490 -25.71 -3.40 4.31
C VAL B 490 -25.99 -4.83 4.75
N CYS B 491 -25.50 -5.18 5.94
CA CYS B 491 -25.64 -6.52 6.50
C CYS B 491 -26.46 -6.42 7.78
N VAL B 492 -27.71 -6.86 7.75
CA VAL B 492 -28.63 -6.74 8.87
C VAL B 492 -28.45 -7.94 9.79
N ALA B 493 -28.28 -7.67 11.09
CA ALA B 493 -28.11 -8.70 12.09
C ALA B 493 -29.38 -8.74 12.95
N LYS B 494 -30.29 -9.66 12.63
CA LYS B 494 -31.52 -9.85 13.39
C LYS B 494 -31.72 -11.34 13.63
N THR B 495 -32.78 -11.68 14.35
CA THR B 495 -33.09 -13.06 14.65
C THR B 495 -33.45 -13.82 13.37
N GLN B 496 -33.11 -15.11 13.34
CA GLN B 496 -33.37 -15.94 12.18
C GLN B 496 -34.71 -16.67 12.25
N TYR B 497 -35.36 -16.69 13.42
CA TYR B 497 -36.60 -17.43 13.59
C TYR B 497 -37.83 -16.67 13.14
N SER B 498 -37.69 -15.40 12.72
CA SER B 498 -38.83 -14.58 12.37
C SER B 498 -38.44 -13.64 11.24
N LEU B 499 -39.43 -13.31 10.40
CA LEU B 499 -39.22 -12.28 9.38
C LEU B 499 -39.02 -10.90 10.00
N SER B 500 -39.54 -10.68 11.21
CA SER B 500 -39.35 -9.42 11.92
C SER B 500 -38.07 -9.49 12.75
N ASP B 501 -37.87 -8.50 13.62
CA ASP B 501 -36.77 -8.51 14.58
C ASP B 501 -37.20 -9.04 15.95
N ASP B 502 -38.44 -9.53 16.06
CA ASP B 502 -38.96 -10.13 17.28
C ASP B 502 -39.10 -11.63 17.03
N GLN B 503 -38.32 -12.42 17.74
CA GLN B 503 -38.23 -13.86 17.49
C GLN B 503 -39.50 -14.63 17.86
N THR B 504 -40.54 -13.95 18.36
CA THR B 504 -41.80 -14.62 18.68
C THR B 504 -42.85 -14.46 17.59
N LYS B 505 -42.74 -13.46 16.74
CA LYS B 505 -43.69 -13.25 15.64
C LYS B 505 -43.37 -14.26 14.54
N LEU B 506 -44.04 -15.40 14.58
CA LEU B 506 -43.85 -16.45 13.59
C LEU B 506 -44.77 -16.23 12.40
N GLY B 507 -44.81 -17.18 11.48
CA GLY B 507 -45.62 -17.06 10.28
C GLY B 507 -45.21 -15.93 9.36
N ARG B 508 -46.09 -14.96 9.19
CA ARG B 508 -45.83 -13.81 8.33
C ARG B 508 -46.38 -12.54 8.99
N PRO B 509 -45.57 -11.88 9.81
CA PRO B 509 -46.03 -10.64 10.44
C PRO B 509 -46.20 -9.53 9.41
N THR B 510 -47.00 -8.52 9.78
CA THR B 510 -47.35 -7.45 8.85
C THR B 510 -47.05 -6.07 9.43
N GLY B 511 -47.87 -5.62 10.37
CA GLY B 511 -47.73 -4.28 10.90
C GLY B 511 -46.65 -4.13 11.94
N PHE B 512 -45.40 -4.28 11.53
CA PHE B 512 -44.26 -4.22 12.44
C PHE B 512 -43.19 -3.31 11.87
N THR B 513 -42.15 -3.08 12.67
CA THR B 513 -41.04 -2.22 12.28
C THR B 513 -39.80 -2.68 13.04
N ILE B 514 -38.71 -2.92 12.31
CA ILE B 514 -37.46 -3.33 12.93
C ILE B 514 -36.78 -2.09 13.52
N GLU B 515 -36.08 -2.29 14.63
CA GLU B 515 -35.38 -1.22 15.32
C GLU B 515 -33.88 -1.44 15.24
N VAL B 516 -33.17 -0.46 14.71
CA VAL B 516 -31.72 -0.50 14.64
C VAL B 516 -31.17 0.22 15.86
N ARG B 517 -30.33 -0.47 16.63
CA ARG B 517 -29.72 0.12 17.81
C ARG B 517 -28.22 0.36 17.67
N GLN B 518 -27.58 -0.19 16.63
CA GLN B 518 -26.15 -0.02 16.47
C GLN B 518 -25.77 -0.36 15.04
N ALA B 519 -24.75 0.35 14.54
CA ALA B 519 -24.17 0.08 13.23
C ALA B 519 -22.66 0.30 13.30
N ASN B 520 -21.92 -0.50 12.55
CA ASN B 520 -20.47 -0.36 12.48
C ASN B 520 -19.98 -0.85 11.12
N ILE B 521 -18.71 -0.60 10.87
CA ILE B 521 -18.12 -0.81 9.54
C ILE B 521 -17.26 -2.07 9.53
N SER B 522 -17.39 -2.84 8.46
CA SER B 522 -16.48 -3.92 8.12
C SER B 522 -15.88 -3.61 6.76
N ALA B 523 -15.03 -2.57 6.71
CA ALA B 523 -14.49 -2.12 5.44
C ALA B 523 -13.57 -3.15 4.80
N GLY B 524 -13.11 -4.14 5.56
CA GLY B 524 -12.33 -5.22 4.97
C GLY B 524 -13.18 -6.16 4.16
N ALA B 525 -14.29 -6.63 4.73
CA ALA B 525 -15.22 -7.46 3.98
C ALA B 525 -16.03 -6.64 2.98
N GLY B 526 -16.34 -5.40 3.32
CA GLY B 526 -16.95 -4.48 2.37
C GLY B 526 -18.41 -4.17 2.58
N PHE B 527 -18.87 -4.21 3.84
CA PHE B 527 -20.25 -3.84 4.13
C PHE B 527 -20.31 -3.21 5.52
N VAL B 528 -21.37 -2.46 5.76
CA VAL B 528 -21.65 -1.91 7.08
C VAL B 528 -22.54 -2.89 7.83
N VAL B 529 -22.19 -3.17 9.08
CA VAL B 529 -22.95 -4.09 9.91
C VAL B 529 -23.99 -3.29 10.68
N VAL B 530 -25.23 -3.79 10.70
CA VAL B 530 -26.34 -3.10 11.33
C VAL B 530 -26.95 -4.04 12.36
N MET B 531 -27.06 -3.57 13.60
CA MET B 531 -27.53 -4.38 14.72
C MET B 531 -28.98 -4.05 15.03
N THR B 532 -29.75 -5.09 15.33
CA THR B 532 -31.10 -4.94 15.86
C THR B 532 -31.22 -5.35 17.32
N GLY B 533 -30.32 -6.20 17.79
CA GLY B 533 -30.31 -6.62 19.19
C GLY B 533 -28.89 -6.87 19.63
N GLU B 534 -28.73 -7.71 20.65
CA GLU B 534 -27.42 -8.06 21.17
C GLU B 534 -26.95 -9.35 20.50
N ILE B 535 -25.73 -9.32 19.96
CA ILE B 535 -25.16 -10.44 19.22
C ILE B 535 -24.09 -11.10 20.07
N MET B 536 -24.14 -12.42 20.15
CA MET B 536 -23.13 -13.21 20.85
C MET B 536 -22.06 -13.64 19.87
N LYS B 537 -20.83 -13.16 20.08
CA LYS B 537 -19.69 -13.52 19.24
C LYS B 537 -18.73 -14.46 19.95
N MET B 538 -19.08 -14.93 21.15
CA MET B 538 -18.26 -15.88 21.89
C MET B 538 -19.18 -16.73 22.76
N PRO B 539 -19.56 -17.91 22.31
CA PRO B 539 -20.45 -18.76 23.11
C PRO B 539 -19.71 -19.37 24.30
N GLY B 540 -20.50 -19.84 25.26
CA GLY B 540 -19.98 -20.39 26.50
C GLY B 540 -20.18 -21.89 26.58
N LEU B 541 -19.30 -22.54 27.34
CA LEU B 541 -19.37 -24.00 27.51
C LEU B 541 -20.54 -24.36 28.43
N PRO B 542 -21.22 -25.46 28.16
CA PRO B 542 -22.28 -25.92 29.07
C PRO B 542 -21.72 -26.45 30.38
N LYS B 543 -22.60 -26.82 31.30
CA LYS B 543 -22.15 -27.30 32.61
C LYS B 543 -21.31 -28.57 32.46
N LEU B 544 -21.78 -29.53 31.67
CA LEU B 544 -21.03 -30.74 31.37
C LEU B 544 -20.57 -30.68 29.92
N PRO B 545 -19.38 -30.16 29.65
CA PRO B 545 -18.92 -30.07 28.27
C PRO B 545 -18.68 -31.44 27.65
N ALA B 546 -18.88 -31.51 26.33
CA ALA B 546 -18.66 -32.76 25.62
C ALA B 546 -17.21 -33.20 25.65
N ALA B 547 -16.28 -32.28 25.93
CA ALA B 547 -14.87 -32.65 25.99
C ALA B 547 -14.60 -33.69 27.07
N GLU B 548 -15.43 -33.74 28.11
CA GLU B 548 -15.23 -34.71 29.19
C GLU B 548 -15.43 -36.14 28.72
N ARG B 549 -16.16 -36.36 27.63
CA ARG B 549 -16.39 -37.69 27.10
C ARG B 549 -15.46 -38.06 25.95
N ILE B 550 -14.77 -37.07 25.37
CA ILE B 550 -13.85 -37.35 24.27
C ILE B 550 -12.63 -38.10 24.80
N ASP B 551 -12.23 -39.14 24.07
CA ASP B 551 -11.12 -39.97 24.51
C ASP B 551 -10.37 -40.50 23.29
N VAL B 552 -9.17 -41.01 23.54
CA VAL B 552 -8.30 -41.58 22.51
C VAL B 552 -7.75 -42.90 23.03
N ASP B 553 -7.83 -43.95 22.21
CA ASP B 553 -7.38 -45.27 22.61
C ASP B 553 -5.87 -45.40 22.35
N GLU B 554 -5.34 -46.62 22.53
CA GLU B 554 -3.91 -46.84 22.37
C GLU B 554 -3.48 -46.68 20.92
N ASN B 555 -4.35 -46.99 19.96
CA ASN B 555 -3.99 -46.89 18.56
C ASN B 555 -4.16 -45.49 18.00
N GLY B 556 -4.89 -44.63 18.70
CA GLY B 556 -5.09 -43.27 18.26
C GLY B 556 -6.41 -42.98 17.58
N LYS B 557 -7.44 -43.77 17.83
CA LYS B 557 -8.77 -43.48 17.30
C LYS B 557 -9.57 -42.71 18.34
N ILE B 558 -10.24 -41.66 17.89
CA ILE B 558 -10.96 -40.76 18.78
C ILE B 558 -12.39 -41.25 18.95
N SER B 559 -12.86 -41.26 20.19
CA SER B 559 -14.22 -41.62 20.52
C SER B 559 -14.89 -40.48 21.28
N GLY B 560 -16.22 -40.52 21.32
CA GLY B 560 -16.99 -39.51 22.01
C GLY B 560 -17.16 -38.20 21.27
N LEU B 561 -16.65 -38.08 20.05
CA LEU B 561 -16.83 -36.86 19.28
C LEU B 561 -18.28 -36.66 18.88
N PHE B 562 -19.01 -37.75 18.63
CA PHE B 562 -20.39 -37.66 18.17
C PHE B 562 -21.29 -38.61 18.96
N SER C 2 43.38 23.76 -24.56
CA SER C 2 42.84 24.40 -23.36
C SER C 2 41.83 25.49 -23.72
N HIS C 3 42.18 26.29 -24.72
CA HIS C 3 41.31 27.36 -25.19
C HIS C 3 40.62 26.94 -26.48
N MET C 4 39.45 27.52 -26.73
CA MET C 4 38.67 27.20 -27.91
C MET C 4 39.29 27.89 -29.12
N MET C 5 39.64 27.09 -30.14
CA MET C 5 40.31 27.65 -31.32
C MET C 5 39.38 28.58 -32.08
N GLU C 6 38.22 28.09 -32.47
CA GLU C 6 37.17 28.90 -33.08
C GLU C 6 36.09 29.11 -32.02
N PHE C 7 36.14 30.25 -31.33
CA PHE C 7 35.28 30.48 -30.18
C PHE C 7 33.82 30.60 -30.60
N LYS C 8 32.95 29.89 -29.88
CA LYS C 8 31.51 29.99 -30.04
C LYS C 8 30.88 30.04 -28.66
N THR C 9 29.74 30.70 -28.56
CA THR C 9 29.01 30.71 -27.30
C THR C 9 28.34 29.36 -27.07
N ASP C 10 27.74 29.20 -25.88
CA ASP C 10 27.09 27.95 -25.55
C ASP C 10 25.86 27.70 -26.43
N ILE C 11 25.17 28.76 -26.85
CA ILE C 11 24.04 28.59 -27.75
C ILE C 11 24.51 28.11 -29.11
N GLU C 12 25.51 28.77 -29.69
CA GLU C 12 25.99 28.44 -31.02
C GLU C 12 26.46 26.99 -31.08
N ILE C 13 27.07 26.49 -30.01
CA ILE C 13 27.50 25.10 -29.96
C ILE C 13 26.30 24.18 -29.85
N ALA C 14 25.28 24.59 -29.07
CA ALA C 14 24.14 23.72 -28.83
C ALA C 14 23.24 23.60 -30.06
N GLN C 15 23.03 24.70 -30.79
CA GLN C 15 22.14 24.65 -31.95
C GLN C 15 22.85 24.07 -33.18
N GLU C 16 24.18 24.22 -33.27
CA GLU C 16 24.92 23.56 -34.33
C GLU C 16 25.07 22.06 -34.08
N ALA C 17 24.79 21.60 -32.87
CA ALA C 17 24.88 20.18 -32.58
C ALA C 17 23.72 19.42 -33.23
N ASN C 18 24.01 18.18 -33.63
CA ASN C 18 23.02 17.30 -34.26
C ASN C 18 22.62 16.23 -33.26
N PRO C 19 21.56 16.44 -32.47
CA PRO C 19 21.17 15.44 -31.47
C PRO C 19 20.51 14.24 -32.12
N GLN C 20 20.84 13.06 -31.61
CA GLN C 20 20.23 11.83 -32.08
C GLN C 20 18.81 11.70 -31.55
N ASP C 21 18.03 10.85 -32.19
CA ASP C 21 16.70 10.53 -31.68
C ASP C 21 16.84 9.82 -30.33
N ILE C 22 15.98 10.22 -29.38
CA ILE C 22 16.09 9.71 -28.03
C ILE C 22 15.90 8.20 -27.98
N ARG C 23 15.21 7.62 -28.96
CA ARG C 23 15.11 6.17 -29.04
C ARG C 23 16.45 5.53 -29.40
N ASP C 24 17.29 6.24 -30.16
CA ASP C 24 18.63 5.75 -30.41
C ASP C 24 19.54 5.94 -29.20
N ILE C 25 19.30 6.98 -28.41
CA ILE C 25 20.02 7.13 -27.14
C ILE C 25 19.60 6.03 -26.18
N ALA C 26 18.32 5.64 -26.21
CA ALA C 26 17.83 4.60 -25.32
C ALA C 26 18.41 3.23 -25.66
N LYS C 27 18.66 2.98 -26.94
CA LYS C 27 19.26 1.70 -27.35
C LYS C 27 20.68 1.54 -26.83
N LYS C 28 21.36 2.64 -26.52
CA LYS C 28 22.72 2.55 -25.98
C LYS C 28 22.74 1.97 -24.57
N ILE C 29 21.59 1.93 -23.89
CA ILE C 29 21.52 1.40 -22.53
C ILE C 29 20.46 0.30 -22.46
N ASN C 30 20.26 -0.39 -23.58
CA ASN C 30 19.42 -1.59 -23.64
C ASN C 30 17.98 -1.32 -23.21
N LEU C 31 17.46 -0.15 -23.59
CA LEU C 31 16.09 0.23 -23.30
C LEU C 31 15.29 0.26 -24.60
N SER C 32 14.27 -0.59 -24.68
CA SER C 32 13.41 -0.60 -25.85
C SER C 32 12.34 0.49 -25.74
N GLU C 33 11.61 0.68 -26.84
CA GLU C 33 10.58 1.73 -26.89
C GLU C 33 9.39 1.43 -25.99
N ASP C 34 9.26 0.20 -25.49
CA ASP C 34 8.21 -0.10 -24.52
C ASP C 34 8.57 0.40 -23.13
N ASP C 35 9.84 0.72 -22.88
CA ASP C 35 10.30 1.14 -21.56
C ASP C 35 10.47 2.65 -21.45
N ILE C 36 10.11 3.41 -22.48
CA ILE C 36 10.33 4.85 -22.50
C ILE C 36 9.06 5.56 -22.96
N GLU C 37 8.78 6.71 -22.36
CA GLU C 37 7.72 7.60 -22.80
C GLU C 37 8.37 8.81 -23.48
N LEU C 38 8.05 9.02 -24.75
CA LEU C 38 8.67 10.09 -25.51
C LEU C 38 8.08 11.45 -25.11
N TYR C 39 8.97 12.43 -24.98
CA TYR C 39 8.61 13.84 -24.82
C TYR C 39 9.23 14.61 -25.97
N GLY C 40 8.68 14.40 -27.17
CA GLY C 40 9.37 14.76 -28.38
C GLY C 40 10.36 13.68 -28.74
N LYS C 41 11.21 13.98 -29.72
CA LYS C 41 12.21 13.03 -30.16
C LYS C 41 13.56 13.21 -29.47
N TYR C 42 13.67 14.17 -28.54
CA TYR C 42 14.92 14.42 -27.85
C TYR C 42 14.81 14.33 -26.33
N LYS C 43 13.64 13.99 -25.80
CA LYS C 43 13.44 13.82 -24.37
C LYS C 43 12.61 12.56 -24.14
N ALA C 44 12.90 11.85 -23.06
CA ALA C 44 12.16 10.65 -22.73
C ALA C 44 12.16 10.42 -21.23
N LYS C 45 11.14 9.72 -20.76
CA LYS C 45 11.04 9.28 -19.37
C LYS C 45 11.20 7.78 -19.30
N ILE C 46 12.02 7.32 -18.36
CA ILE C 46 12.32 5.90 -18.21
C ILE C 46 11.42 5.33 -17.12
N ASP C 47 10.64 4.30 -17.48
CA ASP C 47 9.79 3.62 -16.52
C ASP C 47 10.64 3.02 -15.40
N TYR C 48 10.28 3.36 -14.15
CA TYR C 48 11.05 2.85 -13.02
C TYR C 48 10.81 1.37 -12.75
N ASN C 49 9.81 0.77 -13.40
CA ASN C 49 9.62 -0.68 -13.28
C ASN C 49 10.54 -1.48 -14.18
N VAL C 50 11.44 -0.82 -14.92
CA VAL C 50 12.46 -1.52 -15.68
C VAL C 50 13.42 -2.25 -14.75
N LEU C 51 13.71 -1.67 -13.58
CA LEU C 51 14.59 -2.32 -12.61
C LEU C 51 13.98 -3.59 -12.03
N ASN C 52 12.67 -3.78 -12.19
CA ASN C 52 12.01 -5.02 -11.77
C ASN C 52 11.92 -6.04 -12.90
N ARG C 53 12.44 -5.73 -14.08
CA ARG C 53 12.34 -6.61 -15.23
C ARG C 53 13.68 -6.86 -15.91
N THR C 54 14.78 -6.35 -15.36
CA THR C 54 16.09 -6.47 -15.98
C THR C 54 17.14 -6.80 -14.92
N LYS C 55 18.20 -7.48 -15.36
CA LYS C 55 19.31 -7.79 -14.48
C LYS C 55 20.25 -6.59 -14.40
N SER C 56 20.59 -6.18 -13.18
CA SER C 56 21.44 -5.01 -12.99
C SER C 56 22.87 -5.30 -13.43
N ARG C 57 23.48 -4.31 -14.10
CA ARG C 57 24.88 -4.41 -14.50
C ARG C 57 25.84 -4.07 -13.37
N ALA C 58 25.33 -3.65 -12.21
CA ALA C 58 26.16 -3.29 -11.06
C ALA C 58 27.22 -2.26 -11.46
N GLY C 59 26.76 -1.17 -12.05
CA GLY C 59 27.68 -0.17 -12.56
C GLY C 59 28.46 0.52 -11.44
N LYS C 60 29.54 1.16 -11.86
CA LYS C 60 30.40 1.88 -10.93
C LYS C 60 29.90 3.32 -10.77
N LEU C 61 30.13 3.88 -9.59
CA LEU C 61 29.66 5.21 -9.24
C LEU C 61 30.85 6.15 -9.14
N ILE C 62 30.79 7.26 -9.88
CA ILE C 62 31.86 8.25 -9.94
C ILE C 62 31.27 9.58 -9.51
N LEU C 63 31.66 10.06 -8.33
CA LEU C 63 31.18 11.33 -7.81
C LEU C 63 32.12 12.46 -8.24
N THR C 64 31.55 13.52 -8.79
CA THR C 64 32.30 14.70 -9.17
C THR C 64 32.07 15.80 -8.14
N THR C 65 33.13 16.23 -7.48
CA THR C 65 33.04 17.31 -6.50
C THR C 65 34.01 18.42 -6.86
N ALA C 66 34.21 19.37 -5.94
CA ALA C 66 35.10 20.49 -6.21
C ALA C 66 35.54 21.11 -4.90
N ILE C 67 36.48 22.04 -4.99
CA ILE C 67 36.89 22.85 -3.86
C ILE C 67 35.79 23.87 -3.58
N ASN C 68 35.98 24.70 -2.57
CA ASN C 68 34.94 25.66 -2.20
C ASN C 68 34.66 26.62 -3.36
N PRO C 69 33.39 26.91 -3.64
CA PRO C 69 33.07 27.84 -4.74
C PRO C 69 33.78 29.18 -4.59
N THR C 70 34.24 29.71 -5.70
CA THR C 70 34.97 30.96 -5.79
C THR C 70 34.35 31.84 -6.86
N PRO C 71 34.57 33.15 -6.80
CA PRO C 71 34.14 34.04 -7.90
C PRO C 71 34.90 33.80 -9.20
N ALA C 72 35.89 32.91 -9.21
CA ALA C 72 36.63 32.59 -10.42
C ALA C 72 36.07 31.37 -11.16
N GLY C 73 35.23 30.59 -10.52
CA GLY C 73 34.63 29.41 -11.15
C GLY C 73 35.52 28.19 -11.03
N GLU C 74 34.87 27.03 -10.99
CA GLU C 74 35.56 25.74 -10.91
C GLU C 74 35.30 24.87 -12.12
N GLY C 75 34.04 24.63 -12.47
CA GLY C 75 33.72 23.82 -13.63
C GLY C 75 33.38 22.38 -13.29
N LYS C 76 32.63 22.19 -12.20
CA LYS C 76 32.25 20.85 -11.76
C LYS C 76 31.17 20.23 -12.65
N THR C 77 30.28 21.05 -13.21
CA THR C 77 29.24 20.50 -14.08
C THR C 77 29.80 20.11 -15.45
N THR C 78 30.67 20.96 -16.02
CA THR C 78 31.27 20.64 -17.31
C THR C 78 32.19 19.43 -17.21
N THR C 79 32.90 19.30 -16.08
CA THR C 79 33.78 18.15 -15.91
C THR C 79 32.99 16.84 -15.84
N SER C 80 31.81 16.87 -15.24
CA SER C 80 30.97 15.69 -15.19
C SER C 80 30.57 15.22 -16.59
N ILE C 81 30.16 16.16 -17.44
CA ILE C 81 29.78 15.82 -18.80
C ILE C 81 30.99 15.41 -19.62
N GLY C 82 32.12 16.08 -19.41
CA GLY C 82 33.32 15.76 -20.18
C GLY C 82 33.86 14.38 -19.89
N VAL C 83 33.93 14.00 -18.61
CA VAL C 83 34.42 12.68 -18.25
C VAL C 83 33.48 11.60 -18.77
N ALA C 84 32.16 11.86 -18.72
CA ALA C 84 31.20 10.88 -19.24
C ALA C 84 31.35 10.71 -20.74
N ASP C 85 31.52 11.82 -21.47
CA ASP C 85 31.79 11.73 -22.90
C ASP C 85 33.13 11.06 -23.16
N ALA C 86 34.11 11.30 -22.29
CA ALA C 86 35.42 10.66 -22.45
C ALA C 86 35.30 9.15 -22.29
N LEU C 87 34.63 8.68 -21.24
CA LEU C 87 34.43 7.25 -21.05
C LEU C 87 33.71 6.64 -22.24
N ALA C 88 32.78 7.37 -22.86
CA ALA C 88 32.12 6.88 -24.05
C ALA C 88 33.09 6.73 -25.21
N LYS C 89 34.02 7.68 -25.37
CA LYS C 89 35.04 7.57 -26.40
C LYS C 89 35.95 6.37 -26.16
N LEU C 90 36.19 6.02 -24.90
CA LEU C 90 37.04 4.89 -24.53
C LEU C 90 36.31 3.56 -24.63
N GLY C 91 35.11 3.52 -25.19
CA GLY C 91 34.37 2.28 -25.37
C GLY C 91 33.57 1.83 -24.18
N LYS C 92 33.42 2.66 -23.16
CA LYS C 92 32.69 2.28 -21.95
C LYS C 92 31.22 2.63 -22.07
N ASN C 93 30.39 1.79 -21.45
CA ASN C 93 28.95 2.05 -21.35
C ASN C 93 28.71 2.90 -20.12
N VAL C 94 28.40 4.18 -20.33
CA VAL C 94 28.40 5.17 -19.26
C VAL C 94 27.14 6.04 -19.36
N ILE C 95 26.67 6.50 -18.20
CA ILE C 95 25.55 7.43 -18.10
C ILE C 95 25.96 8.58 -17.21
N ALA C 96 25.57 9.79 -17.58
CA ALA C 96 25.81 10.99 -16.77
C ALA C 96 24.52 11.36 -16.05
N ALA C 97 24.56 11.36 -14.73
CA ALA C 97 23.40 11.70 -13.89
C ALA C 97 23.60 13.09 -13.33
N LEU C 98 22.68 14.00 -13.64
CA LEU C 98 22.80 15.40 -13.24
C LEU C 98 21.46 15.89 -12.73
N ARG C 99 21.43 17.13 -12.24
CA ARG C 99 20.23 17.75 -11.72
C ARG C 99 19.51 18.53 -12.82
N GLU C 100 18.23 18.85 -12.55
CA GLU C 100 17.46 19.70 -13.43
C GLU C 100 17.42 21.12 -12.87
N PRO C 101 17.67 22.14 -13.69
CA PRO C 101 17.56 23.52 -13.19
C PRO C 101 16.10 23.89 -12.95
N SER C 102 15.91 24.89 -12.09
CA SER C 102 14.59 25.46 -11.89
C SER C 102 14.38 26.62 -12.86
N MET C 103 13.11 26.85 -13.21
CA MET C 103 12.79 27.90 -14.16
C MET C 103 12.97 29.29 -13.57
N GLY C 104 13.05 29.40 -12.25
CA GLY C 104 13.12 30.67 -11.56
C GLY C 104 14.29 31.55 -11.98
N PRO C 105 15.52 31.10 -11.73
CA PRO C 105 16.69 31.92 -12.07
C PRO C 105 16.80 32.26 -13.55
N VAL C 106 16.05 31.59 -14.43
CA VAL C 106 16.12 31.87 -15.86
C VAL C 106 15.63 33.28 -16.16
N PHE C 107 14.56 33.71 -15.48
CA PHE C 107 14.02 35.05 -15.69
C PHE C 107 14.67 36.10 -14.80
N GLY C 108 15.49 35.68 -13.83
CA GLY C 108 16.20 36.63 -13.01
C GLY C 108 17.42 37.21 -13.68
N ILE C 109 18.50 36.45 -13.73
CA ILE C 109 19.79 36.94 -14.24
C ILE C 109 20.08 36.41 -15.64
N LYS C 110 20.02 35.10 -15.83
CA LYS C 110 20.24 34.52 -17.15
C LYS C 110 19.90 33.04 -17.10
N GLY C 111 19.64 32.48 -18.28
CA GLY C 111 19.58 31.04 -18.44
C GLY C 111 20.97 30.51 -18.77
N GLY C 112 21.27 29.34 -18.22
CA GLY C 112 22.58 28.73 -18.42
C GLY C 112 22.48 27.37 -19.08
N ALA C 113 23.48 27.04 -19.87
CA ALA C 113 23.56 25.71 -20.45
C ALA C 113 23.83 24.68 -19.36
N ALA C 114 23.31 23.47 -19.56
CA ALA C 114 23.61 22.35 -18.67
C ALA C 114 25.07 21.99 -18.89
N GLY C 115 25.94 22.76 -18.25
CA GLY C 115 27.37 22.67 -18.50
C GLY C 115 27.89 23.92 -19.19
N GLY C 116 28.63 23.74 -20.28
CA GLY C 116 29.16 24.87 -21.03
C GLY C 116 30.22 24.47 -22.03
N GLY C 117 30.46 25.33 -23.02
CA GLY C 117 31.44 25.02 -24.04
C GLY C 117 31.01 23.83 -24.86
N TYR C 118 31.90 22.84 -24.97
CA TYR C 118 31.59 21.60 -25.66
C TYR C 118 31.25 20.46 -24.72
N ALA C 119 31.01 20.76 -23.44
CA ALA C 119 30.54 19.80 -22.45
C ALA C 119 29.15 20.26 -21.99
N GLN C 120 28.15 20.04 -22.85
CA GLN C 120 26.81 20.50 -22.61
C GLN C 120 25.82 19.33 -22.70
N VAL C 121 24.60 19.59 -22.26
CA VAL C 121 23.48 18.67 -22.37
C VAL C 121 22.39 19.34 -23.18
N VAL C 122 21.78 18.59 -24.10
CA VAL C 122 20.76 19.12 -25.00
C VAL C 122 19.55 18.22 -24.98
N PRO C 123 18.34 18.71 -25.28
CA PRO C 123 17.97 20.07 -25.69
C PRO C 123 18.07 21.11 -24.57
N MET C 124 18.89 22.13 -24.80
CA MET C 124 19.17 23.12 -23.77
C MET C 124 17.94 23.99 -23.48
N GLU C 125 17.18 24.34 -24.51
CA GLU C 125 16.05 25.25 -24.32
C GLU C 125 14.97 24.63 -23.47
N ASP C 126 14.71 23.33 -23.65
CA ASP C 126 13.64 22.67 -22.89
C ASP C 126 14.06 22.40 -21.45
N ILE C 127 15.33 22.06 -21.23
CA ILE C 127 15.80 21.75 -19.89
C ILE C 127 15.65 22.95 -18.96
N ASN C 128 15.98 24.14 -19.47
CA ASN C 128 15.87 25.35 -18.66
C ASN C 128 14.44 25.85 -18.48
N LEU C 129 13.49 25.30 -19.22
CA LEU C 129 12.09 25.73 -19.16
C LEU C 129 11.26 24.62 -18.51
N HIS C 130 10.14 24.19 -19.09
CA HIS C 130 9.26 23.25 -18.41
C HIS C 130 9.85 21.84 -18.35
N PHE C 131 10.75 21.49 -19.26
CA PHE C 131 11.34 20.14 -19.37
C PHE C 131 10.18 19.15 -19.46
N THR C 132 10.19 18.07 -18.69
CA THR C 132 9.09 17.11 -18.69
C THR C 132 8.08 17.38 -17.57
N GLY C 133 8.15 18.55 -16.94
CA GLY C 133 7.16 18.93 -15.96
C GLY C 133 7.40 18.45 -14.55
N ASP C 134 8.64 18.07 -14.20
CA ASP C 134 8.91 17.59 -12.86
C ASP C 134 8.71 18.69 -11.82
N MET C 135 9.15 19.90 -12.12
CA MET C 135 9.05 21.00 -11.17
C MET C 135 7.59 21.34 -10.88
N HIS C 136 6.73 21.29 -11.90
CA HIS C 136 5.32 21.59 -11.70
C HIS C 136 4.66 20.55 -10.81
N ALA C 137 5.03 19.28 -10.96
CA ALA C 137 4.45 18.23 -10.12
C ALA C 137 4.90 18.36 -8.68
N ILE C 138 6.15 18.79 -8.47
CA ILE C 138 6.63 19.04 -7.11
C ILE C 138 5.84 20.16 -6.47
N GLY C 139 5.64 21.26 -7.20
CA GLY C 139 4.90 22.38 -6.66
C GLY C 139 3.43 22.06 -6.44
N ALA C 140 2.84 21.28 -7.35
CA ALA C 140 1.44 20.89 -7.19
C ALA C 140 1.24 20.06 -5.93
N ALA C 141 2.10 19.07 -5.70
CA ALA C 141 2.00 18.26 -4.50
C ALA C 141 2.29 19.07 -3.24
N ASN C 142 3.21 20.03 -3.33
CA ASN C 142 3.51 20.89 -2.19
C ASN C 142 2.31 21.76 -1.83
N ASN C 143 1.71 22.41 -2.83
CA ASN C 143 0.59 23.29 -2.57
C ASN C 143 -0.70 22.52 -2.31
N LEU C 144 -0.78 21.25 -2.71
CA LEU C 144 -1.92 20.44 -2.32
C LEU C 144 -1.90 20.15 -0.83
N LEU C 145 -0.73 19.83 -0.29
CA LEU C 145 -0.61 19.59 1.14
C LEU C 145 -0.96 20.83 1.95
N ALA C 146 -0.49 21.99 1.49
CA ALA C 146 -0.82 23.24 2.17
C ALA C 146 -2.31 23.53 2.09
N ALA C 147 -2.94 23.20 0.96
CA ALA C 147 -4.37 23.44 0.81
C ALA C 147 -5.18 22.56 1.76
N MET C 148 -4.81 21.29 1.88
CA MET C 148 -5.53 20.40 2.79
C MET C 148 -5.22 20.70 4.24
N LEU C 149 -4.02 21.21 4.52
CA LEU C 149 -3.66 21.62 5.88
C LEU C 149 -4.55 22.77 6.35
N ASP C 150 -4.68 23.80 5.52
CA ASP C 150 -5.56 24.92 5.87
C ASP C 150 -7.02 24.49 5.84
N ASN C 151 -7.39 23.55 4.97
CA ASN C 151 -8.77 23.09 4.94
C ASN C 151 -9.14 22.37 6.23
N HIS C 152 -8.26 21.50 6.73
CA HIS C 152 -8.53 20.79 7.96
C HIS C 152 -8.73 21.76 9.13
N VAL C 153 -7.84 22.76 9.24
CA VAL C 153 -7.93 23.74 10.30
C VAL C 153 -9.23 24.53 10.20
N TYR C 154 -9.69 24.78 8.96
CA TYR C 154 -10.90 25.55 8.76
C TYR C 154 -12.16 24.71 9.00
N GLN C 155 -12.14 23.43 8.60
CA GLN C 155 -13.34 22.61 8.70
C GLN C 155 -13.61 22.19 10.15
N THR C 156 -12.62 21.60 10.81
CA THR C 156 -12.81 21.10 12.17
C THR C 156 -11.64 21.44 13.08
N ASN C 157 -10.42 21.33 12.55
CA ASN C 157 -9.18 21.41 13.33
C ASN C 157 -9.18 20.37 14.45
N SER C 158 -9.71 19.17 14.15
CA SER C 158 -9.72 18.09 15.13
C SER C 158 -8.31 17.61 15.47
N LEU C 159 -7.33 17.89 14.63
CA LEU C 159 -5.94 17.62 14.96
C LEU C 159 -5.35 18.64 15.94
N ASN C 160 -6.14 19.66 16.32
CA ASN C 160 -5.71 20.67 17.29
C ASN C 160 -4.44 21.38 16.83
N ILE C 161 -4.36 21.66 15.54
CA ILE C 161 -3.18 22.34 15.00
C ILE C 161 -3.17 23.79 15.48
N ASN C 162 -2.03 24.22 16.00
CA ASN C 162 -1.83 25.63 16.36
C ASN C 162 -1.43 26.39 15.11
N PRO C 163 -2.26 27.33 14.62
CA PRO C 163 -1.91 28.02 13.37
C PRO C 163 -0.59 28.79 13.44
N LYS C 164 -0.19 29.24 14.63
CA LYS C 164 1.09 29.92 14.77
C LYS C 164 2.28 28.97 14.60
N ARG C 165 2.05 27.66 14.73
CA ARG C 165 3.11 26.67 14.67
C ARG C 165 3.08 25.86 13.39
N ILE C 166 2.58 26.44 12.31
CA ILE C 166 2.54 25.77 11.01
C ILE C 166 3.85 26.07 10.30
N THR C 167 4.68 25.04 10.13
CA THR C 167 5.97 25.19 9.46
C THR C 167 5.89 25.02 7.95
N TRP C 168 4.84 24.36 7.46
CA TRP C 168 4.74 24.09 6.03
C TRP C 168 4.45 25.36 5.25
N ARG C 169 5.19 25.56 4.17
CA ARG C 169 5.06 26.74 3.32
C ARG C 169 4.66 26.32 1.92
N ARG C 170 4.00 27.23 1.21
CA ARG C 170 3.68 27.01 -0.19
C ARG C 170 4.93 27.31 -1.04
N CYS C 171 4.81 27.05 -2.34
CA CYS C 171 5.96 27.24 -3.21
C CYS C 171 5.52 27.70 -4.59
N VAL C 172 6.48 28.27 -5.30
CA VAL C 172 6.29 28.69 -6.69
C VAL C 172 7.67 28.71 -7.35
N ASP C 173 7.71 28.32 -8.62
CA ASP C 173 8.97 28.27 -9.37
C ASP C 173 9.25 29.64 -10.02
N MET C 174 9.37 30.64 -9.15
CA MET C 174 9.65 32.00 -9.58
C MET C 174 10.48 32.69 -8.49
N ASN C 175 11.22 33.71 -8.90
CA ASN C 175 11.96 34.55 -7.95
C ASN C 175 11.05 35.71 -7.60
N ASP C 176 10.32 35.57 -6.48
CA ASP C 176 9.30 36.54 -6.10
C ASP C 176 9.44 36.84 -4.61
N ARG C 177 10.23 37.87 -4.29
CA ARG C 177 10.40 38.30 -2.90
C ARG C 177 9.08 38.76 -2.28
N GLN C 178 8.09 39.13 -3.10
CA GLN C 178 6.82 39.60 -2.58
C GLN C 178 6.11 38.53 -1.77
N LEU C 179 6.38 37.25 -2.06
CA LEU C 179 5.69 36.14 -1.41
C LEU C 179 6.50 35.51 -0.29
N ARG C 180 7.57 36.16 0.17
CA ARG C 180 8.35 35.61 1.28
C ARG C 180 7.55 35.56 2.56
N ASN C 181 6.87 36.66 2.90
CA ASN C 181 6.07 36.75 4.12
C ASN C 181 4.69 37.25 3.74
N VAL C 182 3.68 36.41 3.92
CA VAL C 182 2.30 36.76 3.57
C VAL C 182 1.39 36.48 4.75
N VAL C 183 0.20 37.08 4.69
CA VAL C 183 -0.90 36.75 5.58
C VAL C 183 -2.09 36.41 4.68
N ASP C 184 -2.63 35.21 4.84
CA ASP C 184 -3.75 34.74 4.03
C ASP C 184 -4.92 34.36 4.93
N GLY C 185 -5.98 33.86 4.30
CA GLY C 185 -7.19 33.54 5.05
C GLY C 185 -8.00 34.75 5.42
N LEU C 186 -7.80 35.88 4.75
CA LEU C 186 -8.53 37.10 5.05
C LEU C 186 -9.90 37.09 4.39
N GLY C 187 -10.76 38.00 4.84
CA GLY C 187 -12.08 38.14 4.25
C GLY C 187 -13.18 37.58 5.13
N LYS C 188 -14.23 37.05 4.50
CA LYS C 188 -15.37 36.52 5.23
C LYS C 188 -14.97 35.25 5.97
N LYS C 189 -15.90 34.78 6.81
CA LYS C 189 -15.66 33.55 7.58
C LYS C 189 -15.51 32.33 6.68
N VAL C 190 -15.99 32.40 5.44
CA VAL C 190 -15.94 31.26 4.53
C VAL C 190 -14.64 31.30 3.74
N ASP C 191 -13.75 32.24 4.09
CA ASP C 191 -12.50 32.43 3.38
C ASP C 191 -11.29 31.87 4.14
N GLY C 192 -11.51 30.95 5.06
CA GLY C 192 -10.42 30.27 5.74
C GLY C 192 -10.13 30.80 7.13
N VAL C 193 -8.93 30.50 7.59
CA VAL C 193 -8.46 30.89 8.93
C VAL C 193 -7.25 31.79 8.76
N THR C 194 -7.35 33.00 9.31
CA THR C 194 -6.30 34.00 9.12
C THR C 194 -5.03 33.60 9.85
N ARG C 195 -3.92 33.57 9.12
CA ARG C 195 -2.63 33.20 9.70
C ARG C 195 -1.51 33.70 8.80
N GLU C 196 -0.30 33.78 9.37
CA GLU C 196 0.88 34.13 8.61
C GLU C 196 1.38 32.93 7.82
N ASP C 197 2.00 33.19 6.69
CA ASP C 197 2.43 32.14 5.77
C ASP C 197 3.54 32.70 4.90
N GLY C 198 4.05 31.87 4.01
CA GLY C 198 5.12 32.29 3.11
C GLY C 198 5.29 31.30 1.98
N PHE C 199 6.08 31.71 1.00
CA PHE C 199 6.36 30.90 -0.18
C PHE C 199 7.87 30.70 -0.31
N ASP C 200 8.26 29.47 -0.63
CA ASP C 200 9.62 29.15 -1.01
C ASP C 200 9.67 28.91 -2.50
N ILE C 201 10.89 28.95 -3.05
CA ILE C 201 11.06 28.52 -4.44
C ILE C 201 10.92 27.01 -4.48
N THR C 202 10.34 26.49 -5.58
CA THR C 202 9.89 25.10 -5.61
C THR C 202 11.01 24.13 -5.29
N VAL C 203 12.24 24.43 -5.70
CA VAL C 203 13.35 23.54 -5.40
C VAL C 203 13.74 23.53 -3.92
N ALA C 204 13.23 24.48 -3.14
CA ALA C 204 13.48 24.53 -1.71
C ALA C 204 12.46 23.75 -0.89
N SER C 205 11.40 23.24 -1.53
CA SER C 205 10.38 22.49 -0.82
C SER C 205 10.94 21.17 -0.29
N GLU C 206 10.39 20.73 0.85
CA GLU C 206 10.79 19.43 1.39
C GLU C 206 10.30 18.29 0.51
N VAL C 207 9.22 18.50 -0.24
CA VAL C 207 8.77 17.50 -1.20
C VAL C 207 9.88 17.18 -2.19
N MET C 208 10.60 18.20 -2.65
CA MET C 208 11.72 17.98 -3.56
C MET C 208 12.82 17.17 -2.90
N ALA C 209 13.09 17.43 -1.62
CA ALA C 209 14.13 16.69 -0.91
C ALA C 209 13.72 15.23 -0.73
N ALA C 210 12.47 14.98 -0.34
CA ALA C 210 11.98 13.61 -0.26
C ALA C 210 11.87 12.97 -1.64
N PHE C 211 11.63 13.79 -2.66
CA PHE C 211 11.55 13.27 -4.03
C PHE C 211 12.87 12.64 -4.46
N CYS C 212 13.99 13.23 -4.05
CA CYS C 212 15.31 12.74 -4.46
C CYS C 212 15.83 11.62 -3.58
N LEU C 213 15.25 11.44 -2.38
CA LEU C 213 15.73 10.46 -1.42
C LEU C 213 14.76 9.28 -1.27
N SER C 214 14.02 8.95 -2.32
CA SER C 214 13.09 7.84 -2.31
C SER C 214 13.56 6.80 -3.32
N ASN C 215 13.73 5.56 -2.85
CA ASN C 215 14.20 4.50 -3.73
C ASN C 215 13.14 4.08 -4.74
N ASN C 216 11.87 4.20 -4.39
CA ASN C 216 10.79 3.81 -5.29
C ASN C 216 9.54 4.61 -4.93
N ILE C 217 8.45 4.33 -5.66
CA ILE C 217 7.20 5.04 -5.43
C ILE C 217 6.59 4.67 -4.10
N SER C 218 6.90 3.46 -3.59
CA SER C 218 6.38 3.06 -2.29
C SER C 218 7.07 3.84 -1.17
N GLU C 219 8.40 4.01 -1.27
CA GLU C 219 9.10 4.83 -0.29
C GLU C 219 8.72 6.29 -0.39
N LEU C 220 8.39 6.76 -1.61
CA LEU C 220 7.99 8.15 -1.79
C LEU C 220 6.71 8.43 -1.02
N LYS C 221 5.70 7.57 -1.16
CA LYS C 221 4.45 7.78 -0.45
C LYS C 221 4.65 7.72 1.06
N GLU C 222 5.57 6.87 1.52
CA GLU C 222 5.86 6.79 2.95
C GLU C 222 6.62 8.03 3.42
N ASN C 223 7.61 8.48 2.62
CA ASN C 223 8.36 9.67 3.00
C ASN C 223 7.48 10.91 3.02
N LEU C 224 6.60 11.06 2.03
CA LEU C 224 5.70 12.21 2.02
C LEU C 224 4.74 12.18 3.19
N GLY C 225 4.37 10.98 3.66
CA GLY C 225 3.48 10.89 4.81
C GLY C 225 4.14 11.29 6.11
N ASN C 226 5.46 11.11 6.21
CA ASN C 226 6.17 11.48 7.42
C ASN C 226 6.48 12.97 7.49
N ILE C 227 6.13 13.74 6.47
CA ILE C 227 6.42 15.17 6.46
C ILE C 227 5.71 15.85 7.62
N VAL C 228 6.47 16.55 8.45
CA VAL C 228 5.91 17.35 9.54
C VAL C 228 5.46 18.69 8.99
N VAL C 229 4.17 18.97 9.09
CA VAL C 229 3.61 20.21 8.55
C VAL C 229 3.28 21.23 9.62
N ALA C 230 3.06 20.81 10.87
CA ALA C 230 2.66 21.73 11.93
C ALA C 230 2.87 21.03 13.27
N TYR C 231 2.54 21.76 14.34
CA TYR C 231 2.55 21.23 15.69
C TYR C 231 1.22 21.56 16.36
N ASN C 232 0.71 20.62 17.14
CA ASN C 232 -0.52 20.88 17.86
C ASN C 232 -0.23 21.67 19.14
N TYR C 233 -1.30 22.06 19.84
CA TYR C 233 -1.14 22.83 21.06
C TYR C 233 -0.44 22.04 22.16
N SER C 234 -0.46 20.70 22.09
CA SER C 234 0.26 19.88 23.04
C SER C 234 1.75 19.78 22.74
N GLY C 235 2.19 20.27 21.58
CA GLY C 235 3.58 20.19 21.19
C GLY C 235 3.95 19.02 20.29
N LYS C 236 2.99 18.13 19.99
CA LYS C 236 3.27 16.95 19.20
C LYS C 236 3.24 17.29 17.71
N PRO C 237 4.00 16.57 16.89
CA PRO C 237 4.04 16.88 15.45
C PRO C 237 2.78 16.41 14.74
N VAL C 238 2.37 17.18 13.74
CA VAL C 238 1.26 16.83 12.85
C VAL C 238 1.85 16.56 11.48
N THR C 239 1.59 15.37 10.95
CA THR C 239 2.19 14.92 9.71
C THR C 239 1.20 14.98 8.55
N ALA C 240 1.72 14.85 7.34
CA ALA C 240 0.87 14.77 6.16
C ALA C 240 0.03 13.51 6.17
N ARG C 241 0.54 12.43 6.77
CA ARG C 241 -0.23 11.21 6.92
C ARG C 241 -1.46 11.43 7.79
N ASP C 242 -1.34 12.29 8.80
CA ASP C 242 -2.50 12.64 9.62
C ASP C 242 -3.58 13.33 8.80
N LEU C 243 -3.19 14.02 7.73
CA LEU C 243 -4.13 14.70 6.85
C LEU C 243 -4.65 13.82 5.72
N ASN C 244 -4.18 12.57 5.64
CA ASN C 244 -4.52 11.67 4.54
C ASN C 244 -4.21 12.31 3.19
N ALA C 245 -2.97 12.79 3.06
CA ALA C 245 -2.56 13.55 1.89
C ALA C 245 -1.44 12.90 1.08
N HIS C 246 -0.65 12.00 1.68
CA HIS C 246 0.53 11.48 1.00
C HIS C 246 0.16 10.59 -0.18
N GLY C 247 -1.02 9.97 -0.15
CA GLY C 247 -1.46 9.19 -1.30
C GLY C 247 -1.73 10.07 -2.52
N ALA C 248 -2.37 11.21 -2.30
CA ALA C 248 -2.65 12.13 -3.41
C ALA C 248 -1.37 12.81 -3.89
N MET C 249 -0.44 13.11 -2.97
CA MET C 249 0.82 13.72 -3.37
C MET C 249 1.65 12.77 -4.22
N ALA C 250 1.66 11.48 -3.86
CA ALA C 250 2.39 10.50 -4.66
C ALA C 250 1.76 10.31 -6.03
N ALA C 251 0.44 10.51 -6.12
CA ALA C 251 -0.23 10.42 -7.43
C ALA C 251 0.14 11.60 -8.32
N ILE C 252 0.33 12.78 -7.72
CA ILE C 252 0.80 13.93 -8.49
C ILE C 252 2.23 13.70 -8.96
N LEU C 253 3.03 12.96 -8.19
CA LEU C 253 4.43 12.71 -8.49
C LEU C 253 4.66 11.37 -9.17
N LYS C 254 3.60 10.72 -9.66
CA LYS C 254 3.73 9.40 -10.26
C LYS C 254 4.63 9.43 -11.50
N ASP C 255 4.24 10.22 -12.50
CA ASP C 255 5.04 10.31 -13.72
C ASP C 255 6.36 11.04 -13.46
N ALA C 256 6.34 12.05 -12.58
CA ALA C 256 7.54 12.85 -12.34
C ALA C 256 8.66 12.01 -11.74
N LEU C 257 8.33 10.94 -11.03
CA LEU C 257 9.34 10.09 -10.42
C LEU C 257 10.14 9.30 -11.45
N LYS C 258 9.68 9.24 -12.70
CA LYS C 258 10.43 8.58 -13.75
C LYS C 258 11.58 9.47 -14.21
N PRO C 259 12.82 9.01 -14.18
CA PRO C 259 13.94 9.88 -14.56
C PRO C 259 13.89 10.25 -16.03
N ASN C 260 14.34 11.48 -16.31
CA ASN C 260 14.31 12.02 -17.66
C ASN C 260 15.61 11.64 -18.38
N LEU C 261 15.48 11.17 -19.62
CA LEU C 261 16.63 10.74 -20.41
C LEU C 261 16.88 11.76 -21.51
N VAL C 262 18.03 12.42 -21.45
CA VAL C 262 18.46 13.34 -22.49
C VAL C 262 19.83 12.89 -22.99
N GLN C 263 20.61 13.81 -23.55
CA GLN C 263 21.90 13.43 -24.11
C GLN C 263 22.85 14.61 -24.08
N THR C 264 24.14 14.31 -24.20
CA THR C 264 25.17 15.33 -24.32
C THR C 264 25.39 15.67 -25.80
N LEU C 265 26.32 16.60 -26.06
CA LEU C 265 26.60 17.00 -27.42
C LEU C 265 27.18 15.87 -28.26
N GLU C 266 27.75 14.85 -27.63
CA GLU C 266 28.36 13.73 -28.33
C GLU C 266 27.51 12.48 -28.31
N GLY C 267 26.24 12.59 -27.90
CA GLY C 267 25.34 11.47 -27.92
C GLY C 267 25.40 10.56 -26.72
N THR C 268 26.07 10.97 -25.65
CA THR C 268 26.12 10.11 -24.47
C THR C 268 24.81 10.20 -23.69
N PRO C 269 24.27 9.07 -23.25
CA PRO C 269 23.03 9.11 -22.45
C PRO C 269 23.23 9.93 -21.18
N ALA C 270 22.26 10.81 -20.91
CA ALA C 270 22.30 11.69 -19.75
C ALA C 270 20.94 11.66 -19.07
N ILE C 271 20.94 11.39 -17.77
CA ILE C 271 19.73 11.34 -16.97
C ILE C 271 19.69 12.58 -16.08
N LEU C 272 18.61 13.34 -16.22
CA LEU C 272 18.38 14.54 -15.40
C LEU C 272 17.14 14.30 -14.55
N HIS C 273 17.29 14.38 -13.23
CA HIS C 273 16.20 14.07 -12.32
C HIS C 273 16.42 14.81 -11.02
N GLY C 274 15.48 15.69 -10.65
CA GLY C 274 15.55 16.40 -9.39
C GLY C 274 16.63 17.46 -9.37
N GLY C 275 16.72 18.14 -8.23
CA GLY C 275 17.71 19.18 -8.02
C GLY C 275 17.35 20.12 -6.90
N PRO C 276 17.60 19.70 -5.66
CA PRO C 276 17.30 20.57 -4.50
C PRO C 276 18.51 21.41 -4.09
N PHE C 277 18.36 22.19 -3.04
CA PHE C 277 19.46 23.00 -2.53
C PHE C 277 20.55 22.12 -1.95
N ALA C 278 21.76 22.67 -1.89
CA ALA C 278 22.90 22.00 -1.27
C ALA C 278 23.22 22.54 0.11
N ASN C 279 22.37 23.42 0.66
CA ASN C 279 22.52 23.94 2.01
C ASN C 279 21.42 23.44 2.93
N ILE C 280 20.16 23.70 2.60
CA ILE C 280 19.05 23.15 3.39
C ILE C 280 18.71 21.73 2.98
N ALA C 281 19.28 21.23 1.89
CA ALA C 281 19.10 19.84 1.47
C ALA C 281 20.47 19.30 1.09
N HIS C 282 20.49 18.19 0.37
CA HIS C 282 21.74 17.51 0.03
C HIS C 282 22.33 17.93 -1.30
N GLY C 283 21.53 18.54 -2.18
CA GLY C 283 22.06 19.04 -3.44
C GLY C 283 22.50 17.98 -4.43
N CYS C 284 21.80 16.85 -4.48
CA CYS C 284 22.11 15.77 -5.40
C CYS C 284 20.92 15.50 -6.30
N ASN C 285 21.19 14.84 -7.43
CA ASN C 285 20.09 14.32 -8.23
C ASN C 285 19.44 13.15 -7.48
N SER C 286 18.29 12.71 -8.00
CA SER C 286 17.49 11.74 -7.28
C SER C 286 18.22 10.42 -7.11
N ILE C 287 17.85 9.68 -6.06
CA ILE C 287 18.43 8.36 -5.83
C ILE C 287 18.04 7.40 -6.94
N ILE C 288 16.77 7.46 -7.38
CA ILE C 288 16.30 6.53 -8.39
C ILE C 288 17.01 6.78 -9.72
N ALA C 289 17.42 8.01 -9.99
CA ALA C 289 18.20 8.28 -11.20
C ALA C 289 19.58 7.66 -11.10
N THR C 290 20.25 7.80 -9.94
CA THR C 290 21.55 7.17 -9.75
C THR C 290 21.43 5.66 -9.73
N LYS C 291 20.37 5.13 -9.10
CA LYS C 291 20.11 3.70 -9.14
C LYS C 291 19.82 3.24 -10.57
N MET C 292 19.11 4.07 -11.35
CA MET C 292 18.80 3.72 -12.72
C MET C 292 20.06 3.60 -13.58
N GLY C 293 20.98 4.55 -13.43
CA GLY C 293 22.22 4.49 -14.19
C GLY C 293 23.07 3.29 -13.83
N MET C 294 23.23 3.04 -12.52
CA MET C 294 23.99 1.88 -12.08
C MET C 294 23.33 0.57 -12.48
N HIS C 295 22.03 0.59 -12.77
CA HIS C 295 21.33 -0.60 -13.20
C HIS C 295 21.49 -0.83 -14.71
N MET C 296 21.68 0.23 -15.49
CA MET C 296 21.73 0.13 -16.94
C MET C 296 23.10 0.40 -17.53
N ALA C 297 24.06 0.88 -16.75
CA ALA C 297 25.38 1.23 -17.26
C ALA C 297 26.45 0.56 -16.41
N ASP C 298 27.68 0.58 -16.93
CA ASP C 298 28.84 0.10 -16.19
C ASP C 298 29.50 1.20 -15.37
N TYR C 299 29.29 2.47 -15.74
CA TYR C 299 29.86 3.59 -15.01
C TYR C 299 28.84 4.72 -14.99
N VAL C 300 28.74 5.40 -13.85
CA VAL C 300 27.80 6.50 -13.65
C VAL C 300 28.58 7.71 -13.13
N VAL C 301 28.44 8.84 -13.83
CA VAL C 301 29.10 10.08 -13.45
C VAL C 301 28.02 11.02 -12.93
N THR C 302 28.07 11.34 -11.63
CA THR C 302 27.15 12.26 -11.00
C THR C 302 27.94 13.32 -10.25
N GLU C 303 27.22 14.34 -9.77
CA GLU C 303 27.86 15.45 -9.07
C GLU C 303 27.04 15.83 -7.85
N ALA C 304 27.63 16.69 -7.03
CA ALA C 304 26.97 17.26 -5.86
C ALA C 304 27.28 18.74 -5.80
N GLY C 305 26.30 19.51 -5.31
CA GLY C 305 26.42 20.95 -5.32
C GLY C 305 27.47 21.48 -4.35
N PHE C 306 27.96 22.67 -4.66
CA PHE C 306 28.97 23.36 -3.85
C PHE C 306 30.24 22.54 -3.71
N GLY C 307 31.06 22.85 -2.71
CA GLY C 307 32.31 22.16 -2.50
C GLY C 307 32.13 20.81 -1.83
N ALA C 308 33.26 20.12 -1.67
CA ALA C 308 33.25 18.79 -1.06
C ALA C 308 32.86 18.84 0.41
N ASP C 309 32.98 20.00 1.06
CA ASP C 309 32.60 20.12 2.47
C ASP C 309 31.09 20.09 2.67
N LEU C 310 30.31 20.40 1.63
CA LEU C 310 28.86 20.47 1.73
C LEU C 310 28.20 19.38 0.87
N GLY C 311 28.32 19.47 -0.46
CA GLY C 311 27.61 18.55 -1.32
C GLY C 311 28.12 17.13 -1.25
N ALA C 312 29.46 16.96 -1.27
CA ALA C 312 30.03 15.63 -1.18
C ALA C 312 29.78 15.01 0.19
N GLU C 313 29.80 15.81 1.25
CA GLU C 313 29.50 15.30 2.58
C GLU C 313 28.05 14.83 2.65
N LYS C 314 27.12 15.60 2.09
CA LYS C 314 25.72 15.21 2.09
C LYS C 314 25.43 14.10 1.08
N PHE C 315 26.24 14.00 0.02
CA PHE C 315 26.12 12.84 -0.87
C PHE C 315 26.46 11.56 -0.14
N LEU C 316 27.50 11.58 0.69
CA LEU C 316 27.98 10.37 1.34
C LEU C 316 27.21 10.07 2.62
N ASP C 317 26.94 11.08 3.45
CA ASP C 317 26.33 10.85 4.75
C ASP C 317 24.81 10.80 4.71
N ILE C 318 24.18 11.34 3.66
CA ILE C 318 22.73 11.34 3.53
C ILE C 318 22.27 10.44 2.37
N LYS C 319 22.65 10.80 1.14
CA LYS C 319 22.17 10.06 -0.02
C LYS C 319 22.70 8.63 -0.04
N CYS C 320 24.02 8.47 0.10
CA CYS C 320 24.61 7.13 0.07
C CYS C 320 24.09 6.27 1.22
N ARG C 321 23.76 6.88 2.35
CA ARG C 321 23.24 6.12 3.47
C ARG C 321 21.84 5.60 3.18
N LYS C 322 20.97 6.45 2.62
CA LYS C 322 19.59 6.06 2.36
C LYS C 322 19.41 5.26 1.08
N ALA C 323 20.39 5.28 0.18
CA ALA C 323 20.33 4.50 -1.05
C ALA C 323 21.04 3.17 -0.94
N GLY C 324 22.03 3.03 -0.06
CA GLY C 324 22.77 1.80 0.02
C GLY C 324 23.84 1.64 -1.05
N ILE C 325 24.38 2.74 -1.55
CA ILE C 325 25.39 2.72 -2.60
C ILE C 325 26.68 3.29 -2.03
N ARG C 326 27.76 3.12 -2.81
CA ARG C 326 29.10 3.53 -2.40
C ARG C 326 29.84 4.06 -3.63
N PRO C 327 30.41 5.26 -3.56
CA PRO C 327 31.18 5.78 -4.69
C PRO C 327 32.50 5.04 -4.83
N ASP C 328 32.82 4.66 -6.07
CA ASP C 328 34.06 3.95 -6.35
C ASP C 328 35.23 4.90 -6.61
N ALA C 329 34.95 6.09 -7.14
CA ALA C 329 35.98 7.09 -7.38
C ALA C 329 35.37 8.47 -7.24
N VAL C 330 36.19 9.42 -6.80
CA VAL C 330 35.77 10.80 -6.56
C VAL C 330 36.64 11.72 -7.39
N ILE C 331 36.01 12.66 -8.09
CA ILE C 331 36.71 13.64 -8.91
C ILE C 331 36.60 14.99 -8.21
N ILE C 332 37.74 15.50 -7.75
CA ILE C 332 37.81 16.81 -7.11
C ILE C 332 38.27 17.82 -8.16
N VAL C 333 37.36 18.70 -8.56
CA VAL C 333 37.63 19.67 -9.61
C VAL C 333 38.12 20.97 -8.97
N ALA C 334 39.19 21.54 -9.52
CA ALA C 334 39.73 22.80 -9.03
C ALA C 334 40.38 23.53 -10.18
N THR C 335 40.49 24.85 -10.03
CA THR C 335 41.18 25.70 -10.99
C THR C 335 42.32 26.43 -10.28
N VAL C 336 43.35 26.77 -11.05
CA VAL C 336 44.50 27.48 -10.49
C VAL C 336 44.11 28.88 -10.05
N ARG C 337 43.18 29.52 -10.78
CA ARG C 337 42.76 30.87 -10.41
C ARG C 337 41.94 30.88 -9.13
N ALA C 338 41.18 29.81 -8.87
CA ALA C 338 40.42 29.73 -7.63
C ALA C 338 41.34 29.55 -6.42
N LEU C 339 42.36 28.70 -6.55
CA LEU C 339 43.30 28.50 -5.46
C LEU C 339 44.14 29.75 -5.22
N LYS C 340 44.42 30.52 -6.27
CA LYS C 340 45.08 31.81 -6.08
C LYS C 340 44.14 32.85 -5.49
N TYR C 341 42.82 32.65 -5.60
CA TYR C 341 41.87 33.52 -4.93
C TYR C 341 41.83 33.24 -3.43
N ASN C 342 41.94 31.96 -3.04
CA ASN C 342 42.06 31.63 -1.63
C ASN C 342 43.37 32.12 -1.03
N GLY C 343 44.38 32.38 -1.86
CA GLY C 343 45.65 32.90 -1.40
C GLY C 343 45.70 34.39 -1.16
N GLY C 344 44.63 35.12 -1.45
CA GLY C 344 44.55 36.54 -1.19
C GLY C 344 44.54 37.42 -2.41
N VAL C 345 44.62 36.85 -3.61
CA VAL C 345 44.62 37.64 -4.84
C VAL C 345 43.21 38.12 -5.14
N ALA C 346 43.08 39.40 -5.50
CA ALA C 346 41.79 39.95 -5.87
C ALA C 346 41.28 39.33 -7.16
N LYS C 347 39.99 39.53 -7.43
CA LYS C 347 39.38 38.92 -8.61
C LYS C 347 39.95 39.45 -9.91
N ASP C 348 40.46 40.68 -9.91
CA ASP C 348 41.00 41.29 -11.12
C ASP C 348 42.46 40.95 -11.38
N GLN C 349 43.17 40.37 -10.39
CA GLN C 349 44.58 40.03 -10.52
C GLN C 349 44.80 38.54 -10.64
N LEU C 350 43.76 37.77 -10.99
CA LEU C 350 43.85 36.31 -10.98
C LEU C 350 44.63 35.76 -12.16
N ASN C 351 44.87 36.55 -13.20
CA ASN C 351 45.53 36.05 -14.41
C ASN C 351 47.05 36.23 -14.38
N ASN C 352 47.60 36.81 -13.32
CA ASN C 352 49.04 36.91 -13.17
C ASN C 352 49.58 35.67 -12.47
N GLU C 353 50.73 35.18 -12.94
CA GLU C 353 51.37 34.03 -12.30
C GLU C 353 51.82 34.42 -10.90
N ASN C 354 51.25 33.76 -9.89
CA ASN C 354 51.55 34.04 -8.49
C ASN C 354 51.81 32.71 -7.80
N LEU C 355 53.08 32.31 -7.74
CA LEU C 355 53.42 30.99 -7.19
C LEU C 355 53.25 30.96 -5.67
N GLU C 356 53.40 32.09 -4.99
CA GLU C 356 53.26 32.07 -3.54
C GLU C 356 51.80 32.09 -3.11
N ALA C 357 50.96 32.89 -3.80
CA ALA C 357 49.54 32.88 -3.50
C ALA C 357 48.89 31.55 -3.86
N LEU C 358 49.46 30.84 -4.84
CA LEU C 358 48.96 29.51 -5.18
C LEU C 358 49.18 28.54 -4.02
N GLU C 359 50.32 28.67 -3.32
CA GLU C 359 50.59 27.79 -2.19
C GLU C 359 49.87 28.22 -0.93
N LYS C 360 49.41 29.47 -0.84
CA LYS C 360 48.62 29.89 0.31
C LYS C 360 47.17 29.45 0.21
N GLY C 361 46.67 29.28 -1.02
CA GLY C 361 45.30 28.84 -1.21
C GLY C 361 45.19 27.35 -1.44
N LEU C 362 46.32 26.71 -1.76
CA LEU C 362 46.33 25.25 -1.93
C LEU C 362 45.86 24.47 -0.70
N PRO C 363 46.12 24.90 0.56
CA PRO C 363 45.59 24.14 1.71
C PRO C 363 44.09 23.89 1.67
N ASN C 364 43.35 24.65 0.85
CA ASN C 364 41.93 24.36 0.68
C ASN C 364 41.72 23.06 -0.09
N LEU C 365 42.40 22.92 -1.23
CA LEU C 365 42.31 21.68 -2.01
C LEU C 365 42.86 20.49 -1.22
N LEU C 366 43.95 20.70 -0.50
CA LEU C 366 44.54 19.61 0.28
C LEU C 366 43.62 19.15 1.41
N LYS C 367 42.80 20.05 1.94
CA LYS C 367 41.85 19.67 2.99
C LYS C 367 40.76 18.76 2.44
N HIS C 368 40.23 19.08 1.26
CA HIS C 368 39.20 18.25 0.65
C HIS C 368 39.75 16.89 0.23
N ILE C 369 41.03 16.82 -0.13
CA ILE C 369 41.64 15.53 -0.45
C ILE C 369 41.73 14.65 0.78
N GLU C 370 42.13 15.22 1.92
CA GLU C 370 42.20 14.47 3.15
C GLU C 370 40.81 14.01 3.62
N ASN C 371 39.78 14.79 3.33
CA ASN C 371 38.43 14.37 3.70
C ASN C 371 37.96 13.20 2.84
N ILE C 372 38.24 13.24 1.54
CA ILE C 372 37.78 12.18 0.66
C ILE C 372 38.61 10.91 0.87
N THR C 373 39.91 11.05 1.07
CA THR C 373 40.80 9.90 1.10
C THR C 373 41.06 9.35 2.50
N GLN C 374 41.06 10.20 3.53
CA GLN C 374 41.43 9.77 4.88
C GLN C 374 40.28 9.69 5.85
N VAL C 375 39.12 10.29 5.53
CA VAL C 375 37.92 10.20 6.35
C VAL C 375 36.93 9.18 5.75
N TYR C 376 36.47 9.41 4.52
CA TYR C 376 35.59 8.47 3.86
C TYR C 376 36.37 7.34 3.17
N LYS C 377 37.68 7.52 2.96
CA LYS C 377 38.57 6.49 2.41
C LYS C 377 38.09 6.03 1.04
N ILE C 378 37.93 6.99 0.14
CA ILE C 378 37.53 6.73 -1.25
C ILE C 378 38.68 7.15 -2.15
N PRO C 379 39.07 6.34 -3.14
CA PRO C 379 40.07 6.79 -4.10
C PRO C 379 39.61 8.06 -4.82
N ALA C 380 40.50 9.04 -4.88
CA ALA C 380 40.18 10.35 -5.45
C ALA C 380 41.16 10.69 -6.56
N VAL C 381 40.82 11.74 -7.31
CA VAL C 381 41.69 12.30 -8.35
C VAL C 381 41.36 13.78 -8.48
N VAL C 382 42.39 14.61 -8.54
CA VAL C 382 42.22 16.05 -8.71
C VAL C 382 42.20 16.35 -10.21
N ALA C 383 41.10 16.94 -10.66
CA ALA C 383 40.93 17.31 -12.07
C ALA C 383 41.07 18.83 -12.17
N ILE C 384 42.20 19.28 -12.68
CA ILE C 384 42.45 20.71 -12.86
C ILE C 384 41.75 21.17 -14.13
N ASN C 385 40.80 22.09 -13.98
CA ASN C 385 40.16 22.73 -15.13
C ASN C 385 41.14 23.76 -15.68
N ARG C 386 41.85 23.39 -16.74
CA ARG C 386 42.97 24.19 -17.21
C ARG C 386 42.48 25.43 -17.96
N PHE C 387 43.19 26.53 -17.77
CA PHE C 387 42.98 27.78 -18.48
C PHE C 387 44.24 28.17 -19.26
N PRO C 388 44.10 28.95 -20.34
CA PRO C 388 45.27 29.21 -21.20
C PRO C 388 46.43 29.88 -20.48
N LEU C 389 46.17 30.74 -19.50
CA LEU C 389 47.22 31.49 -18.84
C LEU C 389 47.84 30.75 -17.66
N ASP C 390 47.46 29.49 -17.44
CA ASP C 390 48.06 28.69 -16.37
C ASP C 390 49.45 28.27 -16.79
N THR C 391 50.47 28.80 -16.11
CA THR C 391 51.85 28.48 -16.44
C THR C 391 52.19 27.07 -15.98
N ASP C 392 53.26 26.52 -16.57
CA ASP C 392 53.70 25.17 -16.21
C ASP C 392 54.22 25.12 -14.78
N ALA C 393 54.72 26.25 -14.26
CA ALA C 393 55.17 26.28 -12.87
C ALA C 393 54.00 26.20 -11.90
N GLU C 394 52.87 26.82 -12.26
CA GLU C 394 51.68 26.73 -11.42
C GLU C 394 51.11 25.32 -11.43
N LEU C 395 51.03 24.71 -12.61
CA LEU C 395 50.49 23.36 -12.71
C LEU C 395 51.39 22.34 -12.04
N ALA C 396 52.70 22.57 -12.04
CA ALA C 396 53.63 21.67 -11.39
C ALA C 396 53.62 21.81 -9.87
N LEU C 397 53.20 22.97 -9.36
CA LEU C 397 53.11 23.15 -7.91
C LEU C 397 51.90 22.43 -7.33
N VAL C 398 50.76 22.49 -8.03
CA VAL C 398 49.56 21.78 -7.57
C VAL C 398 49.81 20.27 -7.61
N ARG C 399 50.44 19.79 -8.70
CA ARG C 399 50.71 18.36 -8.81
C ARG C 399 51.71 17.90 -7.75
N SER C 400 52.66 18.76 -7.39
CA SER C 400 53.63 18.40 -6.36
C SER C 400 52.97 18.25 -4.99
N LYS C 401 52.18 19.26 -4.59
CA LYS C 401 51.57 19.25 -3.27
C LYS C 401 50.50 18.17 -3.16
N CYS C 402 49.79 17.87 -4.25
CA CYS C 402 48.73 16.87 -4.18
C CYS C 402 49.26 15.46 -4.15
N GLU C 403 50.37 15.19 -4.85
CA GLU C 403 50.94 13.84 -4.84
C GLU C 403 51.56 13.49 -3.50
N GLU C 404 51.66 14.44 -2.57
CA GLU C 404 52.11 14.10 -1.22
C GLU C 404 51.03 13.35 -0.45
N LEU C 405 49.77 13.65 -0.71
CA LEU C 405 48.65 12.94 -0.10
C LEU C 405 48.30 11.65 -0.83
N GLY C 406 49.08 11.26 -1.83
CA GLY C 406 48.83 10.04 -2.57
C GLY C 406 47.74 10.12 -3.59
N VAL C 407 47.59 11.26 -4.26
CA VAL C 407 46.52 11.49 -5.23
C VAL C 407 47.12 12.12 -6.48
N LYS C 408 46.76 11.59 -7.65
CA LYS C 408 47.24 12.10 -8.92
C LYS C 408 46.46 13.36 -9.31
N VAL C 409 47.05 14.14 -10.23
CA VAL C 409 46.45 15.36 -10.74
C VAL C 409 46.38 15.23 -12.25
N ALA C 410 45.16 15.11 -12.78
CA ALA C 410 44.92 15.00 -14.22
C ALA C 410 44.37 16.32 -14.73
N LEU C 411 44.90 16.79 -15.85
CA LEU C 411 44.44 18.03 -16.47
C LEU C 411 43.15 17.78 -17.25
N SER C 412 42.29 18.81 -17.26
CA SER C 412 40.99 18.73 -17.92
C SER C 412 40.84 19.88 -18.89
N GLU C 413 40.49 19.57 -20.13
CA GLU C 413 40.22 20.56 -21.17
C GLU C 413 38.89 20.24 -21.86
N VAL C 414 37.88 19.84 -21.07
CA VAL C 414 36.62 19.41 -21.64
C VAL C 414 35.81 20.58 -22.18
N TRP C 415 36.04 21.78 -21.66
CA TRP C 415 35.26 22.94 -22.09
C TRP C 415 35.57 23.30 -23.54
N ALA C 416 36.84 23.20 -23.94
CA ALA C 416 37.24 23.56 -25.29
C ALA C 416 37.31 22.37 -26.24
N ASN C 417 37.55 21.16 -25.73
CA ASN C 417 37.76 20.01 -26.58
C ASN C 417 36.66 18.96 -26.50
N GLY C 418 35.83 18.99 -25.47
CA GLY C 418 34.72 18.04 -25.37
C GLY C 418 35.17 16.74 -24.74
N GLY C 419 34.78 15.63 -25.34
CA GLY C 419 35.07 14.32 -24.77
C GLY C 419 36.55 13.99 -24.74
N GLU C 420 37.27 14.35 -25.81
CA GLU C 420 38.71 14.06 -25.85
C GLU C 420 39.51 14.97 -24.92
N GLY C 421 38.91 16.03 -24.38
CA GLY C 421 39.55 16.83 -23.37
C GLY C 421 39.44 16.28 -21.97
N GLY C 422 38.79 15.13 -21.80
CA GLY C 422 38.67 14.50 -20.50
C GLY C 422 39.16 13.06 -20.49
N ILE C 423 39.90 12.68 -21.52
CA ILE C 423 40.44 11.32 -21.57
C ILE C 423 41.42 11.09 -20.43
N GLU C 424 42.28 12.08 -20.15
CA GLU C 424 43.28 11.92 -19.11
C GLU C 424 42.63 11.79 -17.73
N VAL C 425 41.59 12.58 -17.45
CA VAL C 425 40.88 12.46 -16.20
C VAL C 425 40.15 11.11 -16.13
N ALA C 426 39.45 10.75 -17.19
CA ALA C 426 38.66 9.52 -17.20
C ALA C 426 39.54 8.30 -17.02
N ASN C 427 40.69 8.26 -17.72
CA ASN C 427 41.60 7.13 -17.56
C ASN C 427 42.22 7.10 -16.17
N GLU C 428 42.46 8.27 -15.58
CA GLU C 428 42.89 8.30 -14.18
C GLU C 428 41.81 7.75 -13.25
N VAL C 429 40.54 7.96 -13.61
CA VAL C 429 39.45 7.42 -12.80
C VAL C 429 39.34 5.91 -12.99
N LEU C 430 39.54 5.43 -14.23
CA LEU C 430 39.51 3.99 -14.47
C LEU C 430 40.60 3.26 -13.71
N LYS C 431 41.74 3.91 -13.48
CA LYS C 431 42.80 3.29 -12.69
C LYS C 431 42.43 3.20 -11.22
N LEU C 432 41.72 4.21 -10.70
CA LEU C 432 41.33 4.21 -9.30
C LEU C 432 40.30 3.12 -9.00
N ILE C 433 39.40 2.87 -9.94
CA ILE C 433 38.36 1.87 -9.73
C ILE C 433 38.94 0.47 -9.80
N GLU C 434 39.90 0.24 -10.71
CA GLU C 434 40.42 -1.10 -10.93
C GLU C 434 41.53 -1.47 -9.95
N GLU C 435 42.25 -0.47 -9.43
CA GLU C 435 43.42 -0.73 -8.59
C GLU C 435 43.18 -0.38 -7.13
N GLY C 436 42.92 0.88 -6.81
CA GLY C 436 42.82 1.29 -5.43
C GLY C 436 41.66 0.62 -4.70
N GLU C 437 41.88 0.35 -3.42
CA GLU C 437 40.86 -0.26 -2.59
C GLU C 437 39.93 0.82 -2.03
N ASN C 438 38.72 0.39 -1.69
CA ASN C 438 37.67 1.29 -1.19
C ASN C 438 37.22 0.78 0.18
N ASN C 439 37.66 1.48 1.23
CA ASN C 439 37.20 1.19 2.58
C ASN C 439 36.25 2.29 3.04
N PHE C 440 35.12 2.41 2.34
CA PHE C 440 34.20 3.52 2.57
C PHE C 440 33.65 3.51 3.99
N GLU C 441 33.74 4.66 4.65
CA GLU C 441 33.21 4.85 5.99
C GLU C 441 32.38 6.12 6.03
N TYR C 442 31.30 6.09 6.80
CA TYR C 442 30.52 7.28 7.04
C TYR C 442 31.24 8.20 8.03
N CYS C 443 30.91 9.48 7.96
CA CYS C 443 31.50 10.44 8.90
C CYS C 443 30.97 10.25 10.30
N TYR C 444 29.74 9.76 10.44
CA TYR C 444 29.13 9.48 11.74
C TYR C 444 28.16 8.32 11.56
N GLU C 445 27.57 7.88 12.66
CA GLU C 445 26.61 6.79 12.62
C GLU C 445 25.28 7.23 13.22
N GLU C 446 24.26 6.38 12.99
CA GLU C 446 22.89 6.72 13.33
C GLU C 446 22.68 6.88 14.84
N ASP C 447 23.40 6.10 15.65
CA ASP C 447 23.14 6.05 17.08
C ASP C 447 23.52 7.33 17.82
N MET C 448 24.43 8.12 17.26
CA MET C 448 24.90 9.31 17.94
C MET C 448 23.78 10.34 18.07
N THR C 449 23.93 11.22 19.06
CA THR C 449 22.97 12.31 19.21
C THR C 449 23.15 13.33 18.09
N ILE C 450 22.20 14.26 18.01
CA ILE C 450 22.29 15.32 17.00
C ILE C 450 23.54 16.15 17.21
N LYS C 451 23.84 16.50 18.46
CA LYS C 451 25.02 17.31 18.75
C LYS C 451 26.32 16.54 18.55
N GLU C 452 26.28 15.21 18.64
CA GLU C 452 27.48 14.41 18.36
C GLU C 452 27.73 14.32 16.86
N LYS C 453 26.67 14.21 16.06
CA LYS C 453 26.83 14.19 14.61
C LYS C 453 27.30 15.54 14.09
N LEU C 454 26.77 16.64 14.65
CA LEU C 454 27.25 17.96 14.27
C LEU C 454 28.70 18.18 14.68
N ASN C 455 29.13 17.57 15.79
CA ASN C 455 30.53 17.69 16.19
C ASN C 455 31.45 16.89 15.28
N ALA C 456 31.02 15.69 14.88
CA ALA C 456 31.85 14.88 13.99
C ALA C 456 32.00 15.53 12.62
N ILE C 457 31.00 16.26 12.16
CA ILE C 457 31.11 16.94 10.87
C ILE C 457 32.00 18.16 10.97
N ALA C 458 31.82 18.97 12.03
CA ALA C 458 32.57 20.21 12.14
C ALA C 458 34.05 19.97 12.34
N THR C 459 34.43 18.92 13.07
CA THR C 459 35.83 18.66 13.34
C THR C 459 36.51 17.88 12.20
N LYS C 460 35.87 16.81 11.71
CA LYS C 460 36.50 15.99 10.69
C LYS C 460 36.47 16.67 9.32
N ILE C 461 35.31 17.19 8.92
CA ILE C 461 35.13 17.71 7.57
C ILE C 461 35.52 19.18 7.48
N TYR C 462 34.96 20.02 8.35
CA TYR C 462 35.20 21.46 8.25
C TYR C 462 36.55 21.85 8.84
N GLY C 463 37.02 21.12 9.85
CA GLY C 463 38.25 21.47 10.54
C GLY C 463 38.06 22.34 11.75
N ALA C 464 36.84 22.46 12.27
CA ALA C 464 36.56 23.29 13.43
C ALA C 464 36.97 22.57 14.71
N ASP C 465 37.09 23.34 15.79
CA ASP C 465 37.40 22.79 17.09
C ASP C 465 36.15 22.39 17.88
N GLY C 466 35.00 22.94 17.53
CA GLY C 466 33.77 22.60 18.23
C GLY C 466 32.58 23.27 17.57
N VAL C 467 31.42 23.07 18.19
CA VAL C 467 30.16 23.63 17.71
C VAL C 467 29.53 24.40 18.85
N ASN C 468 29.23 25.68 18.61
CA ASN C 468 28.52 26.52 19.58
C ASN C 468 27.06 26.64 19.19
N TYR C 469 26.19 26.61 20.19
CA TYR C 469 24.75 26.63 19.99
C TYR C 469 24.15 27.85 20.71
N THR C 470 23.22 28.52 20.05
CA THR C 470 22.47 29.58 20.71
C THR C 470 21.50 29.00 21.73
N LYS C 471 20.90 29.89 22.52
CA LYS C 471 19.85 29.47 23.44
C LYS C 471 18.66 28.91 22.67
N GLU C 472 18.31 29.54 21.54
CA GLU C 472 17.18 29.08 20.74
C GLU C 472 17.50 27.75 20.06
N ALA C 473 18.78 27.49 19.75
CA ALA C 473 19.15 26.24 19.12
C ALA C 473 19.16 25.08 20.13
N ASN C 474 19.62 25.34 21.35
CA ASN C 474 19.68 24.27 22.35
C ASN C 474 18.29 23.72 22.67
N LYS C 475 17.28 24.58 22.70
CA LYS C 475 15.93 24.11 22.95
C LYS C 475 15.40 23.31 21.77
N GLN C 476 15.58 23.83 20.55
CA GLN C 476 15.06 23.15 19.37
C GLN C 476 15.70 21.79 19.18
N ILE C 477 17.01 21.66 19.44
CA ILE C 477 17.65 20.36 19.39
C ILE C 477 17.00 19.40 20.39
N ALA C 478 16.73 19.89 21.61
CA ALA C 478 16.13 19.05 22.63
C ALA C 478 14.68 18.69 22.27
N GLU C 479 13.95 19.60 21.64
CA GLU C 479 12.59 19.27 21.22
C GLU C 479 12.60 18.17 20.17
N LEU C 480 13.57 18.19 19.26
CA LEU C 480 13.69 17.11 18.28
C LEU C 480 14.13 15.81 18.93
N GLU C 481 14.98 15.89 19.97
CA GLU C 481 15.41 14.69 20.67
C GLU C 481 14.23 14.04 21.41
N GLU C 482 13.38 14.86 22.04
CA GLU C 482 12.24 14.32 22.77
C GLU C 482 11.21 13.72 21.82
N LEU C 483 11.11 14.24 20.60
CA LEU C 483 10.13 13.76 19.64
C LEU C 483 10.63 12.58 18.80
N GLY C 484 11.84 12.10 19.06
CA GLY C 484 12.32 10.90 18.41
C GLY C 484 12.99 11.08 17.07
N PHE C 485 13.51 12.28 16.78
CA PHE C 485 14.20 12.54 15.53
C PHE C 485 15.72 12.51 15.69
N GLY C 486 16.23 11.99 16.81
CA GLY C 486 17.65 11.95 17.08
C GLY C 486 18.45 10.90 16.36
N ASN C 487 17.79 10.00 15.63
CA ASN C 487 18.48 8.96 14.86
C ASN C 487 18.42 9.21 13.37
N LEU C 488 18.46 10.48 12.96
CA LEU C 488 18.48 10.85 11.56
C LEU C 488 19.78 11.58 11.24
N PRO C 489 20.25 11.50 9.98
CA PRO C 489 21.41 12.29 9.59
C PRO C 489 21.14 13.79 9.74
N VAL C 490 22.22 14.56 9.70
CA VAL C 490 22.15 16.01 9.87
C VAL C 490 22.63 16.68 8.59
N CYS C 491 22.01 17.81 8.25
CA CYS C 491 22.28 18.56 7.03
C CYS C 491 22.63 19.99 7.44
N VAL C 492 23.92 20.27 7.56
CA VAL C 492 24.36 21.59 7.99
C VAL C 492 24.17 22.59 6.86
N ALA C 493 23.51 23.70 7.16
CA ALA C 493 23.25 24.77 6.20
C ALA C 493 24.16 25.95 6.57
N LYS C 494 25.36 25.97 6.00
CA LYS C 494 26.32 27.04 6.21
C LYS C 494 26.75 27.59 4.85
N THR C 495 27.63 28.59 4.89
CA THR C 495 28.12 29.20 3.66
C THR C 495 28.93 28.18 2.86
N GLN C 496 28.92 28.35 1.54
CA GLN C 496 29.66 27.46 0.66
C GLN C 496 31.04 28.00 0.30
N TYR C 497 31.27 29.29 0.49
CA TYR C 497 32.52 29.93 0.07
C TYR C 497 33.69 29.65 1.02
N SER C 498 33.46 28.93 2.11
CA SER C 498 34.53 28.66 3.06
C SER C 498 34.23 27.38 3.82
N LEU C 499 35.28 26.81 4.43
CA LEU C 499 35.12 25.63 5.25
C LEU C 499 34.47 25.94 6.60
N SER C 500 34.47 27.20 7.01
CA SER C 500 33.84 27.64 8.25
C SER C 500 32.45 28.19 7.95
N ASP C 501 31.79 28.69 8.99
CA ASP C 501 30.54 29.42 8.83
C ASP C 501 30.76 30.90 8.56
N ASP C 502 32.00 31.30 8.29
CA ASP C 502 32.36 32.69 7.98
C ASP C 502 32.67 32.78 6.49
N GLN C 503 31.99 33.69 5.80
CA GLN C 503 32.12 33.78 4.35
C GLN C 503 33.52 34.24 3.94
N THR C 504 34.21 34.96 4.81
CA THR C 504 35.45 35.63 4.42
C THR C 504 36.70 34.81 4.70
N LYS C 505 36.65 33.82 5.59
CA LYS C 505 37.84 33.06 5.96
C LYS C 505 38.11 32.03 4.88
N LEU C 506 38.92 32.42 3.89
CA LEU C 506 39.24 31.58 2.76
C LEU C 506 40.47 30.73 3.05
N GLY C 507 40.84 29.87 2.10
CA GLY C 507 41.97 28.98 2.28
C GLY C 507 41.64 27.81 3.19
N ARG C 508 42.34 27.71 4.32
CA ARG C 508 42.11 26.65 5.29
C ARG C 508 42.13 27.25 6.68
N PRO C 509 40.99 27.75 7.16
CA PRO C 509 40.93 28.26 8.53
C PRO C 509 41.11 27.14 9.55
N THR C 510 41.59 27.51 10.73
CA THR C 510 41.93 26.52 11.75
C THR C 510 41.20 26.77 13.06
N GLY C 511 41.71 27.70 13.87
CA GLY C 511 41.16 27.94 15.19
C GLY C 511 39.84 28.68 15.17
N PHE C 512 38.78 28.03 14.70
CA PHE C 512 37.46 28.63 14.64
C PHE C 512 36.43 27.66 15.22
N THR C 513 35.18 28.12 15.26
CA THR C 513 34.06 27.32 15.76
C THR C 513 32.81 27.74 15.00
N ILE C 514 31.99 26.76 14.64
CA ILE C 514 30.74 27.03 13.94
C ILE C 514 29.66 27.31 14.98
N GLU C 515 28.71 28.17 14.63
CA GLU C 515 27.72 28.69 15.56
C GLU C 515 26.34 28.37 15.04
N VAL C 516 25.68 27.39 15.67
CA VAL C 516 24.35 26.95 15.26
C VAL C 516 23.31 27.88 15.85
N ARG C 517 22.40 28.36 15.00
CA ARG C 517 21.40 29.32 15.41
C ARG C 517 19.97 28.81 15.28
N GLN C 518 19.75 27.70 14.57
CA GLN C 518 18.40 27.16 14.42
C GLN C 518 18.52 25.71 13.97
N ALA C 519 17.46 24.93 14.23
CA ALA C 519 17.43 23.52 13.88
C ALA C 519 16.00 23.13 13.54
N ASN C 520 15.78 22.77 12.28
CA ASN C 520 14.48 22.33 11.78
C ASN C 520 14.51 20.83 11.53
N ILE C 521 13.32 20.27 11.26
CA ILE C 521 13.17 18.84 10.99
C ILE C 521 12.56 18.67 9.60
N SER C 522 13.22 17.86 8.77
CA SER C 522 12.68 17.44 7.49
C SER C 522 12.42 15.94 7.54
N ALA C 523 11.38 15.56 8.27
CA ALA C 523 11.08 14.15 8.51
C ALA C 523 10.68 13.42 7.23
N GLY C 524 10.29 14.14 6.19
CA GLY C 524 9.97 13.51 4.92
C GLY C 524 11.22 13.09 4.17
N ALA C 525 12.21 13.98 4.10
CA ALA C 525 13.47 13.63 3.48
C ALA C 525 14.32 12.74 4.39
N GLY C 526 14.16 12.87 5.70
CA GLY C 526 14.83 12.02 6.64
C GLY C 526 16.08 12.56 7.29
N PHE C 527 16.24 13.87 7.37
CA PHE C 527 17.38 14.46 8.05
C PHE C 527 16.93 15.67 8.87
N VAL C 528 17.80 16.08 9.79
CA VAL C 528 17.56 17.23 10.65
C VAL C 528 18.35 18.42 10.10
N VAL C 529 17.65 19.49 9.73
CA VAL C 529 18.29 20.66 9.17
C VAL C 529 18.88 21.49 10.29
N VAL C 530 20.13 21.93 10.10
CA VAL C 530 20.85 22.74 11.09
C VAL C 530 21.41 23.96 10.37
N MET C 531 21.20 25.14 10.93
CA MET C 531 21.53 26.39 10.28
C MET C 531 22.54 27.18 11.10
N THR C 532 23.53 27.75 10.41
CA THR C 532 24.51 28.64 11.01
C THR C 532 24.27 30.10 10.63
N GLY C 533 23.20 30.38 9.91
CA GLY C 533 22.87 31.75 9.54
C GLY C 533 21.46 31.84 9.02
N GLU C 534 21.17 32.94 8.35
CA GLU C 534 19.86 33.13 7.72
C GLU C 534 19.90 32.62 6.29
N ILE C 535 18.90 31.86 5.90
CA ILE C 535 18.84 31.21 4.60
C ILE C 535 17.80 31.92 3.73
N MET C 536 18.15 32.13 2.46
CA MET C 536 17.25 32.73 1.49
C MET C 536 16.61 31.59 0.70
N LYS C 537 15.38 31.23 1.07
CA LYS C 537 14.62 30.21 0.37
C LYS C 537 13.84 30.77 -0.81
N MET C 538 13.91 32.07 -1.05
CA MET C 538 13.17 32.71 -2.14
C MET C 538 13.99 33.89 -2.64
N PRO C 539 14.72 33.74 -3.73
CA PRO C 539 15.49 34.86 -4.27
C PRO C 539 14.60 35.88 -4.93
N GLY C 540 15.13 37.10 -5.04
CA GLY C 540 14.41 38.21 -5.64
C GLY C 540 14.89 38.50 -7.04
N LEU C 541 14.09 39.26 -7.78
CA LEU C 541 14.47 39.66 -9.13
C LEU C 541 15.38 40.87 -9.09
N PRO C 542 16.35 40.96 -10.00
CA PRO C 542 17.21 42.15 -10.06
C PRO C 542 16.49 43.35 -10.65
N LYS C 543 17.16 44.50 -10.70
CA LYS C 543 16.54 45.73 -11.17
C LYS C 543 16.11 45.60 -12.63
N LEU C 544 16.91 44.89 -13.45
CA LEU C 544 16.58 44.63 -14.85
C LEU C 544 16.57 43.12 -15.04
N PRO C 545 15.44 42.46 -14.83
CA PRO C 545 15.40 41.00 -14.96
C PRO C 545 15.69 40.55 -16.39
N ALA C 546 16.21 39.33 -16.51
CA ALA C 546 16.53 38.77 -17.82
C ALA C 546 15.28 38.52 -18.65
N ALA C 547 14.11 38.48 -18.04
CA ALA C 547 12.86 38.24 -18.77
C ALA C 547 12.55 39.36 -19.77
N GLU C 548 13.05 40.57 -19.53
CA GLU C 548 12.79 41.67 -20.45
C GLU C 548 13.47 41.46 -21.81
N ARG C 549 14.47 40.60 -21.88
CA ARG C 549 15.18 40.32 -23.12
C ARG C 549 14.66 39.11 -23.87
N ILE C 550 13.87 38.26 -23.21
CA ILE C 550 13.38 37.03 -23.84
C ILE C 550 12.27 37.37 -24.83
N ASP C 551 12.34 36.75 -26.01
CA ASP C 551 11.40 37.05 -27.08
C ASP C 551 11.08 35.78 -27.87
N VAL C 552 9.95 35.82 -28.55
CA VAL C 552 9.51 34.73 -29.42
C VAL C 552 9.13 35.32 -30.77
N ASP C 553 9.53 34.66 -31.86
CA ASP C 553 9.29 35.19 -33.20
C ASP C 553 8.00 34.61 -33.77
N GLU C 554 7.74 34.88 -35.05
CA GLU C 554 6.50 34.45 -35.68
C GLU C 554 6.40 32.94 -35.83
N ASN C 555 7.53 32.23 -35.80
CA ASN C 555 7.54 30.78 -35.97
C ASN C 555 7.67 30.03 -34.65
N GLY C 556 7.77 30.74 -33.53
CA GLY C 556 7.90 30.09 -32.24
C GLY C 556 9.32 29.78 -31.83
N LYS C 557 10.29 30.58 -32.25
CA LYS C 557 11.68 30.40 -31.83
C LYS C 557 11.99 31.41 -30.74
N ILE C 558 12.57 30.91 -29.64
CA ILE C 558 12.84 31.75 -28.46
C ILE C 558 14.26 32.29 -28.57
N SER C 559 14.41 33.59 -28.33
CA SER C 559 15.71 34.25 -28.29
C SER C 559 15.85 35.01 -26.99
N GLY C 560 17.07 35.45 -26.71
CA GLY C 560 17.34 36.16 -25.47
C GLY C 560 17.34 35.30 -24.22
N LEU C 561 17.22 33.98 -24.37
CA LEU C 561 17.17 33.11 -23.20
C LEU C 561 18.55 32.97 -22.56
N PHE C 562 19.59 32.82 -23.36
CA PHE C 562 20.94 32.67 -22.85
C PHE C 562 21.84 33.79 -23.35
N SER D 2 35.46 -22.30 5.95
CA SER D 2 35.90 -21.43 4.87
C SER D 2 34.77 -20.51 4.42
N HIS D 3 35.05 -19.69 3.41
CA HIS D 3 34.07 -18.75 2.88
C HIS D 3 33.39 -19.33 1.64
N MET D 4 32.22 -18.79 1.34
CA MET D 4 31.47 -19.21 0.16
C MET D 4 32.09 -18.60 -1.09
N MET D 5 32.41 -19.45 -2.07
CA MET D 5 33.08 -18.97 -3.27
C MET D 5 32.19 -18.02 -4.07
N GLU D 6 31.07 -18.52 -4.57
CA GLU D 6 30.05 -17.70 -5.21
C GLU D 6 28.98 -17.42 -4.17
N PHE D 7 29.00 -16.23 -3.58
CA PHE D 7 28.12 -15.92 -2.47
C PHE D 7 26.66 -15.89 -2.92
N LYS D 8 25.81 -16.52 -2.12
CA LYS D 8 24.36 -16.52 -2.33
C LYS D 8 23.67 -16.44 -0.98
N THR D 9 22.52 -15.78 -0.94
CA THR D 9 21.76 -15.66 0.28
C THR D 9 21.08 -17.00 0.60
N ASP D 10 20.47 -17.06 1.79
CA ASP D 10 19.80 -18.29 2.22
C ASP D 10 18.61 -18.60 1.31
N ILE D 11 17.77 -17.59 1.03
CA ILE D 11 16.63 -17.80 0.15
C ILE D 11 17.10 -18.12 -1.27
N GLU D 12 18.20 -17.52 -1.71
CA GLU D 12 18.71 -17.79 -3.05
C GLU D 12 19.10 -19.26 -3.19
N ILE D 13 19.78 -19.82 -2.19
CA ILE D 13 20.17 -21.22 -2.23
C ILE D 13 18.93 -22.12 -2.17
N ALA D 14 17.94 -21.73 -1.36
CA ALA D 14 16.72 -22.52 -1.24
C ALA D 14 15.84 -22.44 -2.48
N GLN D 15 15.95 -21.36 -3.27
CA GLN D 15 15.11 -21.23 -4.45
C GLN D 15 15.63 -22.07 -5.61
N GLU D 16 16.94 -22.10 -5.84
CA GLU D 16 17.52 -22.94 -6.87
C GLU D 16 17.87 -24.34 -6.36
N ALA D 17 17.23 -24.77 -5.28
CA ALA D 17 17.33 -26.15 -4.82
C ALA D 17 16.21 -26.98 -5.45
N ASN D 18 16.50 -28.26 -5.69
CA ASN D 18 15.55 -29.19 -6.30
C ASN D 18 15.15 -30.25 -5.28
N PRO D 19 14.12 -30.00 -4.47
CA PRO D 19 13.71 -31.00 -3.48
C PRO D 19 13.06 -32.20 -4.15
N GLN D 20 13.42 -33.39 -3.68
CA GLN D 20 12.79 -34.60 -4.18
C GLN D 20 11.37 -34.73 -3.62
N ASP D 21 10.57 -35.56 -4.29
CA ASP D 21 9.24 -35.88 -3.79
C ASP D 21 9.37 -36.54 -2.43
N ILE D 22 8.53 -36.11 -1.48
CA ILE D 22 8.69 -36.55 -0.09
C ILE D 22 8.53 -38.06 0.02
N ARG D 23 7.79 -38.66 -0.92
CA ARG D 23 7.66 -40.12 -0.93
C ARG D 23 8.96 -40.81 -1.35
N ASP D 24 9.81 -40.11 -2.10
CA ASP D 24 11.15 -40.65 -2.39
C ASP D 24 12.06 -40.51 -1.18
N ILE D 25 11.92 -39.42 -0.43
CA ILE D 25 12.66 -39.26 0.82
C ILE D 25 12.27 -40.37 1.79
N ALA D 26 10.99 -40.72 1.83
CA ALA D 26 10.53 -41.77 2.74
C ALA D 26 11.07 -43.13 2.34
N LYS D 27 11.28 -43.37 1.04
CA LYS D 27 11.83 -44.64 0.59
C LYS D 27 13.27 -44.85 1.07
N LYS D 28 13.97 -43.78 1.44
CA LYS D 28 15.33 -43.91 1.94
C LYS D 28 15.39 -44.50 3.34
N ILE D 29 14.28 -44.50 4.07
CA ILE D 29 14.23 -45.05 5.41
C ILE D 29 13.17 -46.13 5.50
N ASN D 30 12.88 -46.77 4.37
CA ASN D 30 11.96 -47.91 4.30
C ASN D 30 10.57 -47.55 4.83
N LEU D 31 9.99 -46.50 4.25
CA LEU D 31 8.64 -46.07 4.59
C LEU D 31 7.75 -46.15 3.36
N SER D 32 6.72 -46.98 3.43
CA SER D 32 5.75 -47.08 2.35
C SER D 32 4.81 -45.88 2.36
N GLU D 33 4.14 -45.67 1.23
CA GLU D 33 3.18 -44.57 1.12
C GLU D 33 1.99 -44.75 2.04
N ASP D 34 1.74 -45.97 2.51
CA ASP D 34 0.69 -46.20 3.51
C ASP D 34 1.15 -45.89 4.93
N ASP D 35 2.45 -45.69 5.14
CA ASP D 35 2.99 -45.36 6.45
C ASP D 35 3.10 -43.86 6.69
N ILE D 36 2.88 -43.04 5.67
CA ILE D 36 3.00 -41.59 5.78
C ILE D 36 1.71 -40.93 5.32
N GLU D 37 1.49 -39.71 5.80
CA GLU D 37 0.38 -38.87 5.38
C GLU D 37 0.95 -37.64 4.68
N LEU D 38 0.55 -37.43 3.44
CA LEU D 38 1.16 -36.38 2.63
C LEU D 38 0.59 -35.00 2.97
N TYR D 39 1.48 -34.01 3.03
CA TYR D 39 1.12 -32.60 3.15
C TYR D 39 1.77 -31.86 1.98
N GLY D 40 1.21 -32.02 0.80
CA GLY D 40 1.89 -31.64 -0.41
C GLY D 40 2.83 -32.74 -0.85
N LYS D 41 3.74 -32.39 -1.75
CA LYS D 41 4.75 -33.34 -2.23
C LYS D 41 6.11 -33.15 -1.56
N TYR D 42 6.22 -32.21 -0.62
CA TYR D 42 7.49 -31.96 0.05
C TYR D 42 7.42 -32.10 1.57
N LYS D 43 6.24 -32.41 2.12
CA LYS D 43 6.08 -32.60 3.55
C LYS D 43 5.23 -33.84 3.80
N ALA D 44 5.48 -34.49 4.93
CA ALA D 44 4.72 -35.68 5.30
C ALA D 44 4.80 -35.88 6.80
N LYS D 45 3.80 -36.57 7.34
CA LYS D 45 3.78 -36.98 8.73
C LYS D 45 3.82 -38.50 8.81
N ILE D 46 4.61 -39.01 9.73
CA ILE D 46 4.87 -40.44 9.85
C ILE D 46 3.97 -41.01 10.95
N ASP D 47 3.13 -41.97 10.58
CA ASP D 47 2.27 -42.65 11.55
C ASP D 47 3.13 -43.32 12.62
N TYR D 48 2.89 -42.97 13.89
CA TYR D 48 3.66 -43.54 14.98
C TYR D 48 3.39 -45.02 15.18
N ASN D 49 2.35 -45.58 14.55
CA ASN D 49 2.13 -47.02 14.60
C ASN D 49 3.16 -47.80 13.77
N VAL D 50 4.10 -47.11 13.11
CA VAL D 50 5.10 -47.80 12.31
C VAL D 50 6.12 -48.49 13.20
N LEU D 51 6.31 -48.00 14.44
CA LEU D 51 7.27 -48.61 15.34
C LEU D 51 6.77 -49.90 15.96
N ASN D 52 5.48 -50.21 15.84
CA ASN D 52 4.91 -51.43 16.39
C ASN D 52 4.65 -52.49 15.33
N ARG D 53 5.07 -52.26 14.08
CA ARG D 53 4.94 -53.26 13.04
C ARG D 53 6.22 -53.39 12.21
N THR D 54 7.34 -52.88 12.70
CA THR D 54 8.62 -52.99 12.02
C THR D 54 9.70 -53.31 13.03
N LYS D 55 10.78 -53.93 12.55
CA LYS D 55 11.91 -54.24 13.41
C LYS D 55 12.84 -53.05 13.52
N SER D 56 13.19 -52.68 14.75
CA SER D 56 14.04 -51.52 14.97
C SER D 56 15.46 -51.78 14.48
N ARG D 57 16.06 -50.76 13.87
CA ARG D 57 17.45 -50.84 13.43
C ARG D 57 18.44 -50.49 14.53
N ALA D 58 17.97 -49.99 15.67
CA ALA D 58 18.80 -49.64 16.82
C ALA D 58 19.92 -48.69 16.42
N GLY D 59 19.51 -47.56 15.84
CA GLY D 59 20.48 -46.61 15.33
C GLY D 59 21.25 -45.90 16.43
N LYS D 60 22.40 -45.36 16.06
CA LYS D 60 23.23 -44.60 16.97
C LYS D 60 22.70 -43.18 17.13
N LEU D 61 22.87 -42.63 18.33
CA LEU D 61 22.37 -41.31 18.66
C LEU D 61 23.54 -40.33 18.73
N ILE D 62 23.47 -39.28 17.92
CA ILE D 62 24.52 -38.26 17.86
C ILE D 62 23.91 -36.95 18.35
N LEU D 63 24.41 -36.45 19.47
CA LEU D 63 23.91 -35.20 20.06
C LEU D 63 24.82 -34.06 19.64
N THR D 64 24.22 -32.98 19.15
CA THR D 64 24.94 -31.79 18.74
C THR D 64 24.69 -30.69 19.78
N THR D 65 25.76 -30.22 20.40
CA THR D 65 25.65 -29.14 21.37
C THR D 65 26.63 -28.03 21.02
N ALA D 66 26.81 -27.07 21.91
CA ALA D 66 27.70 -25.95 21.65
C ALA D 66 28.16 -25.36 22.98
N ILE D 67 29.10 -24.42 22.89
CA ILE D 67 29.52 -23.64 24.04
C ILE D 67 28.43 -22.61 24.32
N ASN D 68 28.62 -21.82 25.37
CA ASN D 68 27.61 -20.84 25.75
C ASN D 68 27.35 -19.88 24.60
N PRO D 69 26.08 -19.60 24.26
CA PRO D 69 25.80 -18.68 23.16
C PRO D 69 26.39 -17.30 23.40
N THR D 70 26.96 -16.73 22.35
CA THR D 70 27.59 -15.42 22.37
C THR D 70 27.04 -14.60 21.21
N PRO D 71 27.19 -13.28 21.24
CA PRO D 71 26.82 -12.46 20.07
C PRO D 71 27.66 -12.75 18.84
N ALA D 72 28.66 -13.64 18.91
CA ALA D 72 29.49 -13.98 17.76
C ALA D 72 28.94 -15.14 16.95
N GLY D 73 28.05 -15.93 17.52
CA GLY D 73 27.46 -17.06 16.81
C GLY D 73 28.35 -18.29 16.81
N GLU D 74 27.74 -19.47 16.86
CA GLU D 74 28.46 -20.73 16.87
C GLU D 74 28.12 -21.63 15.70
N GLY D 75 26.86 -21.69 15.29
CA GLY D 75 26.46 -22.51 14.16
C GLY D 75 26.13 -23.94 14.54
N LYS D 76 25.29 -24.10 15.56
CA LYS D 76 24.97 -25.43 16.07
C LYS D 76 23.94 -26.15 15.20
N THR D 77 22.95 -25.41 14.69
CA THR D 77 21.93 -26.03 13.86
C THR D 77 22.47 -26.35 12.47
N THR D 78 23.25 -25.44 11.88
CA THR D 78 23.85 -25.70 10.58
C THR D 78 24.83 -26.86 10.64
N THR D 79 25.53 -27.02 11.77
CA THR D 79 26.44 -28.15 11.91
C THR D 79 25.68 -29.48 11.95
N SER D 80 24.50 -29.48 12.58
CA SER D 80 23.69 -30.70 12.62
C SER D 80 23.27 -31.13 11.22
N ILE D 81 22.78 -30.19 10.42
CA ILE D 81 22.35 -30.52 9.07
C ILE D 81 23.55 -30.89 8.20
N GLY D 82 24.69 -30.24 8.42
CA GLY D 82 25.87 -30.55 7.63
C GLY D 82 26.42 -31.93 7.89
N VAL D 83 26.48 -32.33 9.17
CA VAL D 83 26.95 -33.66 9.51
C VAL D 83 25.97 -34.72 9.02
N ALA D 84 24.67 -34.41 9.05
CA ALA D 84 23.67 -35.33 8.53
C ALA D 84 23.85 -35.56 7.04
N ASP D 85 24.13 -34.48 6.29
CA ASP D 85 24.40 -34.63 4.86
C ASP D 85 25.76 -35.30 4.62
N ALA D 86 26.71 -35.10 5.53
CA ALA D 86 28.02 -35.72 5.37
C ALA D 86 27.94 -37.24 5.53
N LEU D 87 27.25 -37.70 6.57
CA LEU D 87 27.06 -39.14 6.76
C LEU D 87 26.36 -39.77 5.56
N ALA D 88 25.45 -39.02 4.91
CA ALA D 88 24.79 -39.53 3.72
C ALA D 88 25.75 -39.67 2.55
N LYS D 89 26.74 -38.77 2.43
CA LYS D 89 27.73 -38.90 1.37
C LYS D 89 28.64 -40.10 1.61
N LEU D 90 28.81 -40.51 2.86
CA LEU D 90 29.63 -41.67 3.20
C LEU D 90 28.86 -42.98 3.15
N GLY D 91 27.65 -42.97 2.56
CA GLY D 91 26.88 -44.19 2.40
C GLY D 91 26.13 -44.65 3.63
N LYS D 92 25.96 -43.77 4.62
CA LYS D 92 25.28 -44.15 5.85
C LYS D 92 23.79 -43.81 5.78
N ASN D 93 22.98 -44.63 6.46
CA ASN D 93 21.55 -44.37 6.60
C ASN D 93 21.36 -43.47 7.82
N VAL D 94 21.04 -42.20 7.57
CA VAL D 94 21.06 -41.17 8.61
C VAL D 94 19.80 -40.33 8.52
N ILE D 95 19.26 -39.94 9.67
CA ILE D 95 18.14 -39.01 9.79
C ILE D 95 18.56 -37.86 10.69
N ALA D 96 18.15 -36.65 10.33
CA ALA D 96 18.38 -35.47 11.15
C ALA D 96 17.09 -35.13 11.89
N ALA D 97 17.16 -35.06 13.21
CA ALA D 97 16.01 -34.74 14.06
C ALA D 97 16.22 -33.36 14.66
N LEU D 98 15.31 -32.44 14.33
CA LEU D 98 15.42 -31.05 14.78
C LEU D 98 14.07 -30.56 15.26
N ARG D 99 14.06 -29.36 15.80
CA ARG D 99 12.86 -28.71 16.31
C ARG D 99 12.16 -27.92 15.20
N GLU D 100 10.85 -27.71 15.37
CA GLU D 100 10.08 -26.82 14.50
C GLU D 100 10.11 -25.40 15.05
N PRO D 101 10.39 -24.40 14.22
CA PRO D 101 10.48 -23.03 14.73
C PRO D 101 9.10 -22.46 15.05
N SER D 102 9.08 -21.51 15.98
CA SER D 102 7.86 -20.81 16.31
C SER D 102 7.50 -19.81 15.23
N MET D 103 6.21 -19.61 15.02
CA MET D 103 5.74 -18.63 14.04
C MET D 103 5.79 -17.20 14.56
N GLY D 104 5.81 -17.02 15.87
CA GLY D 104 5.85 -15.71 16.48
C GLY D 104 7.05 -14.88 16.08
N PRO D 105 8.26 -15.37 16.34
CA PRO D 105 9.46 -14.59 16.00
C PRO D 105 9.60 -14.25 14.53
N VAL D 106 8.87 -14.94 13.64
CA VAL D 106 8.97 -14.67 12.21
C VAL D 106 8.53 -13.24 11.91
N PHE D 107 7.50 -12.76 12.60
CA PHE D 107 6.96 -11.43 12.35
C PHE D 107 7.62 -10.34 13.20
N GLY D 108 8.56 -10.71 14.06
CA GLY D 108 9.20 -9.73 14.94
C GLY D 108 10.59 -9.32 14.47
N ILE D 109 11.60 -10.13 14.79
CA ILE D 109 12.99 -9.78 14.55
C ILE D 109 13.61 -10.67 13.47
N LYS D 110 13.63 -11.98 13.69
CA LYS D 110 14.37 -12.90 12.85
C LYS D 110 13.42 -13.86 12.13
N GLY D 111 13.44 -13.80 10.80
CA GLY D 111 12.86 -14.84 9.98
C GLY D 111 13.96 -15.51 9.16
N GLY D 112 14.38 -16.70 9.58
CA GLY D 112 15.52 -17.34 8.98
C GLY D 112 15.25 -18.79 8.63
N ALA D 113 16.11 -19.32 7.77
CA ALA D 113 15.98 -20.70 7.33
C ALA D 113 16.37 -21.66 8.44
N ALA D 114 15.94 -22.92 8.29
CA ALA D 114 16.33 -23.99 9.20
C ALA D 114 17.80 -24.30 8.93
N GLY D 115 18.68 -23.48 9.51
CA GLY D 115 20.10 -23.53 9.22
C GLY D 115 20.54 -22.33 8.42
N GLY D 116 21.44 -22.53 7.47
CA GLY D 116 21.92 -21.43 6.66
C GLY D 116 22.93 -21.93 5.65
N GLY D 117 23.20 -21.08 4.66
CA GLY D 117 24.14 -21.45 3.62
C GLY D 117 23.65 -22.66 2.85
N TYR D 118 24.51 -23.67 2.73
CA TYR D 118 24.17 -24.93 2.10
C TYR D 118 23.83 -26.02 3.10
N ALA D 119 23.52 -25.64 4.34
CA ALA D 119 23.10 -26.57 5.38
C ALA D 119 21.71 -26.15 5.86
N GLN D 120 20.73 -26.27 4.98
CA GLN D 120 19.35 -25.85 5.26
C GLN D 120 18.42 -27.04 5.19
N VAL D 121 17.18 -26.79 5.60
CA VAL D 121 16.08 -27.75 5.50
C VAL D 121 14.99 -27.10 4.64
N VAL D 122 14.33 -27.91 3.82
CA VAL D 122 13.31 -27.42 2.88
C VAL D 122 12.06 -28.28 3.01
N PRO D 123 10.85 -27.72 2.76
CA PRO D 123 10.57 -26.34 2.33
C PRO D 123 10.67 -25.32 3.46
N MET D 124 11.43 -24.24 3.22
CA MET D 124 11.73 -23.29 4.28
C MET D 124 10.53 -22.41 4.62
N GLU D 125 9.75 -22.00 3.62
CA GLU D 125 8.65 -21.08 3.88
C GLU D 125 7.52 -21.74 4.66
N ASP D 126 7.30 -23.04 4.47
CA ASP D 126 6.27 -23.73 5.23
C ASP D 126 6.75 -24.02 6.66
N ILE D 127 8.03 -24.33 6.82
CA ILE D 127 8.57 -24.68 8.13
C ILE D 127 8.41 -23.52 9.10
N ASN D 128 8.70 -22.30 8.65
CA ASN D 128 8.60 -21.13 9.52
C ASN D 128 7.16 -20.67 9.72
N LEU D 129 6.24 -21.07 8.85
CA LEU D 129 4.85 -20.65 8.99
C LEU D 129 3.99 -21.72 9.66
N HIS D 130 2.98 -22.22 8.95
CA HIS D 130 2.06 -23.17 9.57
C HIS D 130 2.62 -24.58 9.63
N PHE D 131 3.50 -24.93 8.70
CA PHE D 131 4.09 -26.29 8.59
C PHE D 131 2.92 -27.28 8.48
N THR D 132 2.86 -28.30 9.33
CA THR D 132 1.75 -29.26 9.32
C THR D 132 0.71 -28.95 10.39
N GLY D 133 0.79 -27.79 11.03
CA GLY D 133 -0.20 -27.39 12.00
C GLY D 133 0.01 -27.89 13.41
N ASP D 134 1.25 -28.27 13.76
CA ASP D 134 1.50 -28.79 15.11
C ASP D 134 1.38 -27.69 16.16
N MET D 135 1.87 -26.50 15.85
CA MET D 135 1.84 -25.41 16.82
C MET D 135 0.42 -24.98 17.15
N HIS D 136 -0.50 -25.11 16.19
CA HIS D 136 -1.90 -24.78 16.45
C HIS D 136 -2.55 -25.83 17.33
N ALA D 137 -2.18 -27.10 17.14
CA ALA D 137 -2.75 -28.16 17.97
C ALA D 137 -2.30 -28.03 19.42
N ILE D 138 -1.04 -27.65 19.64
CA ILE D 138 -0.56 -27.37 20.99
C ILE D 138 -1.37 -26.22 21.59
N GLY D 139 -1.58 -25.16 20.82
CA GLY D 139 -2.33 -24.03 21.33
C GLY D 139 -3.78 -24.35 21.60
N ALA D 140 -4.41 -25.14 20.73
CA ALA D 140 -5.81 -25.50 20.93
C ALA D 140 -5.99 -26.35 22.18
N ALA D 141 -5.09 -27.32 22.40
CA ALA D 141 -5.19 -28.16 23.60
C ALA D 141 -4.91 -27.35 24.86
N ASN D 142 -3.99 -26.38 24.78
CA ASN D 142 -3.72 -25.52 25.92
C ASN D 142 -4.93 -24.68 26.27
N ASN D 143 -5.51 -24.00 25.28
CA ASN D 143 -6.62 -23.10 25.52
C ASN D 143 -7.93 -23.84 25.77
N LEU D 144 -8.03 -25.11 25.38
CA LEU D 144 -9.18 -25.91 25.79
C LEU D 144 -9.13 -26.20 27.28
N LEU D 145 -7.95 -26.58 27.79
CA LEU D 145 -7.78 -26.79 29.22
C LEU D 145 -8.05 -25.50 30.00
N ALA D 146 -7.68 -24.36 29.42
CA ALA D 146 -7.96 -23.08 30.07
C ALA D 146 -9.45 -22.77 30.06
N ALA D 147 -10.13 -23.07 28.96
CA ALA D 147 -11.56 -22.81 28.87
C ALA D 147 -12.34 -23.73 29.82
N MET D 148 -11.93 -24.99 29.92
CA MET D 148 -12.62 -25.92 30.81
C MET D 148 -12.32 -25.62 32.28
N LEU D 149 -11.15 -25.04 32.56
CA LEU D 149 -10.83 -24.66 33.94
C LEU D 149 -11.73 -23.53 34.42
N ASP D 150 -11.83 -22.46 33.62
CA ASP D 150 -12.70 -21.35 34.00
C ASP D 150 -14.16 -21.74 33.98
N ASN D 151 -14.55 -22.69 33.13
CA ASN D 151 -15.93 -23.16 33.12
C ASN D 151 -16.27 -23.88 34.41
N HIS D 152 -15.36 -24.73 34.90
CA HIS D 152 -15.63 -25.44 36.15
C HIS D 152 -15.77 -24.48 37.32
N VAL D 153 -14.89 -23.47 37.40
CA VAL D 153 -14.99 -22.48 38.47
C VAL D 153 -16.28 -21.68 38.36
N TYR D 154 -16.72 -21.42 37.13
CA TYR D 154 -17.94 -20.64 36.91
C TYR D 154 -19.19 -21.46 37.20
N GLN D 155 -19.21 -22.73 36.77
CA GLN D 155 -20.43 -23.53 36.90
C GLN D 155 -20.67 -23.96 38.35
N THR D 156 -19.70 -24.66 38.95
CA THR D 156 -19.87 -25.17 40.30
C THR D 156 -18.66 -24.91 41.19
N ASN D 157 -17.44 -25.00 40.64
CA ASN D 157 -16.21 -24.94 41.43
C ASN D 157 -16.24 -25.98 42.55
N SER D 158 -16.75 -27.17 42.22
CA SER D 158 -16.81 -28.25 43.19
C SER D 158 -15.42 -28.74 43.60
N LEU D 159 -14.41 -28.49 42.78
CA LEU D 159 -13.03 -28.76 43.15
C LEU D 159 -12.46 -27.72 44.10
N ASN D 160 -13.24 -26.69 44.43
CA ASN D 160 -12.84 -25.64 45.38
C ASN D 160 -11.54 -24.97 44.94
N ILE D 161 -11.45 -24.64 43.65
CA ILE D 161 -10.26 -24.01 43.11
C ILE D 161 -10.21 -22.55 43.57
N ASN D 162 -9.05 -22.14 44.08
CA ASN D 162 -8.83 -20.74 44.45
C ASN D 162 -8.36 -19.98 43.21
N PRO D 163 -9.15 -19.02 42.72
CA PRO D 163 -8.76 -18.31 41.50
C PRO D 163 -7.44 -17.58 41.60
N LYS D 164 -7.06 -17.12 42.79
CA LYS D 164 -5.76 -16.49 42.98
C LYS D 164 -4.61 -17.48 42.85
N ARG D 165 -4.89 -18.78 42.94
CA ARG D 165 -3.87 -19.81 42.86
C ARG D 165 -3.95 -20.61 41.56
N ILE D 166 -4.41 -19.97 40.49
CA ILE D 166 -4.49 -20.61 39.18
C ILE D 166 -3.19 -20.35 38.44
N THR D 167 -2.41 -21.41 38.23
CA THR D 167 -1.13 -21.29 37.55
C THR D 167 -1.22 -21.43 36.04
N TRP D 168 -2.26 -22.08 35.53
CA TRP D 168 -2.36 -22.35 34.10
C TRP D 168 -2.62 -21.06 33.33
N ARG D 169 -1.88 -20.87 32.25
CA ARG D 169 -1.98 -19.68 31.42
C ARG D 169 -2.33 -20.09 29.99
N ARG D 170 -3.07 -19.21 29.31
CA ARG D 170 -3.38 -19.43 27.92
C ARG D 170 -2.14 -19.15 27.05
N CYS D 171 -2.26 -19.42 25.76
CA CYS D 171 -1.11 -19.27 24.87
C CYS D 171 -1.56 -18.76 23.50
N VAL D 172 -0.59 -18.23 22.77
CA VAL D 172 -0.79 -17.79 21.40
C VAL D 172 0.57 -17.76 20.74
N ASP D 173 0.61 -18.08 19.45
CA ASP D 173 1.87 -18.14 18.70
C ASP D 173 2.20 -16.77 18.09
N MET D 174 2.26 -15.77 18.95
CA MET D 174 2.57 -14.41 18.56
C MET D 174 3.38 -13.74 19.67
N ASN D 175 4.23 -12.80 19.27
CA ASN D 175 4.99 -11.98 20.21
C ASN D 175 4.11 -10.78 20.56
N ASP D 176 3.32 -10.92 21.63
CA ASP D 176 2.34 -9.90 22.01
C ASP D 176 2.50 -9.60 23.50
N ARG D 177 3.28 -8.57 23.82
CA ARG D 177 3.46 -8.16 25.21
C ARG D 177 2.16 -7.70 25.84
N GLN D 178 1.14 -7.39 25.03
CA GLN D 178 -0.13 -6.91 25.56
C GLN D 178 -0.82 -7.97 26.40
N LEU D 179 -0.58 -9.25 26.11
CA LEU D 179 -1.27 -10.35 26.78
C LEU D 179 -0.44 -10.98 27.89
N ARG D 180 0.62 -10.31 28.35
CA ARG D 180 1.40 -10.85 29.45
C ARG D 180 0.59 -10.92 30.74
N ASN D 181 -0.08 -9.83 31.08
CA ASN D 181 -0.91 -9.75 32.29
C ASN D 181 -2.27 -9.21 31.91
N VAL D 182 -3.31 -10.02 32.10
CA VAL D 182 -4.67 -9.63 31.77
C VAL D 182 -5.60 -9.92 32.94
N VAL D 183 -6.73 -9.23 32.95
CA VAL D 183 -7.86 -9.55 33.81
C VAL D 183 -9.03 -9.89 32.91
N ASP D 184 -9.54 -11.11 33.02
CA ASP D 184 -10.66 -11.56 32.21
C ASP D 184 -11.84 -11.95 33.11
N GLY D 185 -12.90 -12.42 32.48
CA GLY D 185 -14.12 -12.72 33.22
C GLY D 185 -14.96 -11.52 33.57
N LEU D 186 -14.73 -10.39 32.90
CA LEU D 186 -15.47 -9.16 33.17
C LEU D 186 -16.83 -9.19 32.45
N GLY D 187 -17.73 -8.33 32.90
CA GLY D 187 -19.02 -8.20 32.26
C GLY D 187 -20.18 -8.65 33.12
N LYS D 188 -21.15 -9.31 32.50
CA LYS D 188 -22.34 -9.76 33.21
C LYS D 188 -22.00 -10.92 34.14
N LYS D 189 -23.00 -11.37 34.90
CA LYS D 189 -22.84 -12.56 35.72
C LYS D 189 -22.60 -13.81 34.87
N VAL D 190 -23.02 -13.80 33.61
CA VAL D 190 -22.90 -14.95 32.73
C VAL D 190 -21.62 -14.87 31.93
N ASP D 191 -20.76 -13.90 32.25
CA ASP D 191 -19.52 -13.67 31.52
C ASP D 191 -18.30 -14.24 32.23
N GLY D 192 -18.50 -15.11 33.21
CA GLY D 192 -17.40 -15.81 33.84
C GLY D 192 -17.12 -15.30 35.24
N VAL D 193 -15.92 -15.64 35.73
CA VAL D 193 -15.46 -15.27 37.07
C VAL D 193 -14.24 -14.38 36.90
N THR D 194 -14.29 -13.18 37.47
CA THR D 194 -13.24 -12.20 37.27
C THR D 194 -11.97 -12.62 38.01
N ARG D 195 -10.86 -12.71 37.28
CA ARG D 195 -9.59 -13.10 37.87
C ARG D 195 -8.46 -12.62 36.97
N GLU D 196 -7.27 -12.54 37.56
CA GLU D 196 -6.07 -12.19 36.80
C GLU D 196 -5.57 -13.41 36.02
N ASP D 197 -4.95 -13.15 34.88
CA ASP D 197 -4.52 -14.21 33.97
C ASP D 197 -3.42 -13.65 33.07
N GLY D 198 -2.97 -14.47 32.13
CA GLY D 198 -1.93 -14.04 31.21
C GLY D 198 -1.72 -15.07 30.13
N PHE D 199 -0.98 -14.66 29.11
CA PHE D 199 -0.68 -15.50 27.96
C PHE D 199 0.82 -15.72 27.86
N ASP D 200 1.19 -16.91 27.39
CA ASP D 200 2.55 -17.23 27.01
C ASP D 200 2.59 -17.50 25.50
N ILE D 201 3.79 -17.50 24.94
CA ILE D 201 3.92 -18.01 23.58
C ILE D 201 3.73 -19.52 23.60
N THR D 202 3.15 -20.06 22.52
CA THR D 202 2.67 -21.43 22.55
C THR D 202 3.79 -22.42 22.87
N VAL D 203 5.02 -22.14 22.40
CA VAL D 203 6.13 -23.03 22.67
C VAL D 203 6.55 -23.04 24.13
N ALA D 204 6.08 -22.09 24.93
CA ALA D 204 6.37 -22.06 26.36
C ALA D 204 5.30 -22.77 27.19
N SER D 205 4.21 -23.21 26.57
CA SER D 205 3.17 -23.93 27.28
C SER D 205 3.68 -25.27 27.79
N GLU D 206 3.12 -25.72 28.90
CA GLU D 206 3.48 -27.03 29.42
C GLU D 206 2.99 -28.17 28.54
N VAL D 207 1.93 -27.93 27.76
CA VAL D 207 1.48 -28.94 26.80
C VAL D 207 2.59 -29.27 25.82
N MET D 208 3.35 -28.26 25.39
CA MET D 208 4.47 -28.48 24.49
C MET D 208 5.56 -29.32 25.16
N ALA D 209 5.82 -29.07 26.44
CA ALA D 209 6.85 -29.83 27.15
C ALA D 209 6.43 -31.29 27.32
N ALA D 210 5.18 -31.52 27.72
CA ALA D 210 4.67 -32.89 27.79
C ALA D 210 4.55 -33.50 26.39
N PHE D 211 4.31 -32.68 25.37
CA PHE D 211 4.24 -33.16 24.00
C PHE D 211 5.56 -33.78 23.56
N CYS D 212 6.68 -33.15 23.93
CA CYS D 212 7.99 -33.61 23.53
C CYS D 212 8.52 -34.74 24.40
N LEU D 213 8.01 -34.89 25.62
CA LEU D 213 8.48 -35.90 26.56
C LEU D 213 7.48 -37.06 26.70
N SER D 214 6.79 -37.41 25.62
CA SER D 214 5.84 -38.50 25.60
C SER D 214 6.27 -39.53 24.58
N ASN D 215 6.29 -40.81 24.98
CA ASN D 215 6.77 -41.87 24.09
C ASN D 215 5.70 -42.33 23.12
N ASN D 216 4.43 -42.17 23.46
CA ASN D 216 3.34 -42.60 22.59
C ASN D 216 2.09 -41.80 22.96
N ILE D 217 0.99 -42.10 22.26
CA ILE D 217 -0.25 -41.37 22.49
C ILE D 217 -0.82 -41.70 23.87
N SER D 218 -0.58 -42.91 24.37
CA SER D 218 -1.08 -43.28 25.69
C SER D 218 -0.32 -42.53 26.78
N GLU D 219 1.01 -42.43 26.66
CA GLU D 219 1.77 -41.65 27.62
C GLU D 219 1.44 -40.17 27.53
N LEU D 220 1.05 -39.69 26.36
CA LEU D 220 0.65 -38.28 26.22
C LEU D 220 -0.61 -38.00 27.03
N LYS D 221 -1.63 -38.84 26.86
CA LYS D 221 -2.89 -38.62 27.59
C LYS D 221 -2.68 -38.68 29.09
N GLU D 222 -1.79 -39.57 29.55
CA GLU D 222 -1.52 -39.66 30.98
C GLU D 222 -0.76 -38.44 31.48
N ASN D 223 0.24 -37.99 30.72
CA ASN D 223 1.00 -36.81 31.12
C ASN D 223 0.13 -35.57 31.13
N LEU D 224 -0.77 -35.44 30.15
CA LEU D 224 -1.68 -34.31 30.13
C LEU D 224 -2.60 -34.29 31.34
N GLY D 225 -2.99 -35.48 31.83
CA GLY D 225 -3.84 -35.54 33.01
C GLY D 225 -3.13 -35.12 34.28
N ASN D 226 -1.81 -35.32 34.34
CA ASN D 226 -1.04 -34.96 35.52
C ASN D 226 -0.69 -33.48 35.58
N ILE D 227 -1.03 -32.70 34.54
CA ILE D 227 -0.75 -31.27 34.54
C ILE D 227 -1.49 -30.62 35.69
N VAL D 228 -0.75 -29.89 36.52
CA VAL D 228 -1.33 -29.12 37.62
C VAL D 228 -1.75 -27.76 37.09
N VAL D 229 -3.04 -27.45 37.20
CA VAL D 229 -3.58 -26.23 36.62
C VAL D 229 -3.79 -25.17 37.70
N ALA D 230 -4.03 -25.61 38.93
CA ALA D 230 -4.35 -24.68 40.01
C ALA D 230 -4.19 -25.40 41.35
N TYR D 231 -4.44 -24.66 42.42
CA TYR D 231 -4.45 -25.20 43.77
C TYR D 231 -5.76 -24.81 44.44
N ASN D 232 -6.30 -25.72 45.24
CA ASN D 232 -7.54 -25.45 45.94
C ASN D 232 -7.27 -24.58 47.17
N TYR D 233 -8.34 -24.26 47.91
CA TYR D 233 -8.18 -23.45 49.10
C TYR D 233 -7.43 -24.21 50.20
N SER D 234 -7.51 -25.53 50.20
CA SER D 234 -6.76 -26.34 51.15
C SER D 234 -5.29 -26.50 50.76
N GLY D 235 -4.89 -26.05 49.58
CA GLY D 235 -3.52 -26.15 49.13
C GLY D 235 -3.21 -27.38 48.30
N LYS D 236 -4.17 -28.26 48.07
CA LYS D 236 -3.92 -29.44 47.27
C LYS D 236 -3.94 -29.11 45.78
N PRO D 237 -3.13 -29.78 44.98
CA PRO D 237 -3.08 -29.48 43.54
C PRO D 237 -4.34 -29.97 42.83
N VAL D 238 -4.78 -29.17 41.87
CA VAL D 238 -5.88 -29.54 40.97
C VAL D 238 -5.27 -29.82 39.60
N THR D 239 -5.61 -30.96 39.02
CA THR D 239 -5.00 -31.42 37.79
C THR D 239 -6.01 -31.43 36.65
N ALA D 240 -5.48 -31.52 35.42
CA ALA D 240 -6.33 -31.60 34.24
C ALA D 240 -7.18 -32.85 34.25
N ARG D 241 -6.69 -33.93 34.86
CA ARG D 241 -7.47 -35.15 35.00
C ARG D 241 -8.69 -34.91 35.88
N ASP D 242 -8.56 -34.07 36.91
CA ASP D 242 -9.70 -33.75 37.75
C ASP D 242 -10.79 -33.02 36.95
N LEU D 243 -10.41 -32.28 35.92
CA LEU D 243 -11.37 -31.61 35.05
C LEU D 243 -11.82 -32.50 33.90
N ASN D 244 -11.31 -33.73 33.81
CA ASN D 244 -11.63 -34.65 32.71
C ASN D 244 -11.35 -34.00 31.36
N ALA D 245 -10.19 -33.33 31.26
CA ALA D 245 -9.83 -32.61 30.05
C ALA D 245 -8.73 -33.28 29.24
N HIS D 246 -7.98 -34.22 29.83
CA HIS D 246 -6.81 -34.78 29.14
C HIS D 246 -7.21 -35.69 27.99
N GLY D 247 -8.40 -36.28 28.05
CA GLY D 247 -8.87 -37.08 26.91
C GLY D 247 -9.12 -36.23 25.69
N ALA D 248 -9.70 -35.04 25.87
CA ALA D 248 -9.95 -34.15 24.74
C ALA D 248 -8.67 -33.50 24.26
N MET D 249 -7.75 -33.18 25.18
CA MET D 249 -6.47 -32.58 24.79
C MET D 249 -5.66 -33.56 23.93
N ALA D 250 -5.69 -34.84 24.28
CA ALA D 250 -4.98 -35.83 23.48
C ALA D 250 -5.62 -36.01 22.11
N ALA D 251 -6.94 -35.85 22.02
CA ALA D 251 -7.61 -35.92 20.73
C ALA D 251 -7.23 -34.75 19.84
N ILE D 252 -6.96 -33.58 20.43
CA ILE D 252 -6.49 -32.44 19.64
C ILE D 252 -5.08 -32.70 19.13
N LEU D 253 -4.25 -33.37 19.93
CA LEU D 253 -2.85 -33.62 19.59
C LEU D 253 -2.64 -34.95 18.88
N LYS D 254 -3.71 -35.68 18.56
CA LYS D 254 -3.59 -37.01 17.97
C LYS D 254 -2.78 -36.99 16.68
N ASP D 255 -3.15 -36.11 15.75
CA ASP D 255 -2.41 -36.02 14.49
C ASP D 255 -1.06 -35.35 14.70
N ALA D 256 -1.01 -34.31 15.52
CA ALA D 256 0.23 -33.54 15.69
C ALA D 256 1.34 -34.39 16.28
N LEU D 257 1.00 -35.45 17.02
CA LEU D 257 2.02 -36.30 17.61
C LEU D 257 2.80 -37.09 16.58
N LYS D 258 2.30 -37.17 15.35
CA LYS D 258 3.03 -37.85 14.29
C LYS D 258 4.21 -36.97 13.84
N PRO D 259 5.44 -37.49 13.86
CA PRO D 259 6.58 -36.67 13.46
C PRO D 259 6.49 -36.24 12.00
N ASN D 260 7.01 -35.05 11.72
CA ASN D 260 6.97 -34.48 10.38
C ASN D 260 8.25 -34.83 9.64
N LEU D 261 8.12 -35.33 8.41
CA LEU D 261 9.26 -35.72 7.58
C LEU D 261 9.50 -34.67 6.52
N VAL D 262 10.73 -34.14 6.49
CA VAL D 262 11.16 -33.20 5.45
C VAL D 262 12.50 -33.67 4.92
N GLN D 263 13.29 -32.74 4.37
CA GLN D 263 14.56 -33.09 3.78
C GLN D 263 15.50 -31.90 3.83
N THR D 264 16.79 -32.17 3.71
CA THR D 264 17.79 -31.13 3.58
C THR D 264 17.97 -30.77 2.11
N LEU D 265 18.90 -29.85 1.83
CA LEU D 265 19.17 -29.46 0.45
C LEU D 265 19.73 -30.61 -0.38
N GLU D 266 20.33 -31.61 0.26
CA GLU D 266 20.93 -32.73 -0.44
C GLU D 266 20.09 -34.00 -0.37
N GLY D 267 18.84 -33.90 0.08
CA GLY D 267 17.95 -35.03 0.08
C GLY D 267 18.04 -35.94 1.29
N THR D 268 18.71 -35.51 2.35
CA THR D 268 18.80 -36.34 3.55
C THR D 268 17.49 -36.28 4.31
N PRO D 269 16.94 -37.42 4.74
CA PRO D 269 15.68 -37.39 5.50
C PRO D 269 15.84 -36.60 6.80
N ALA D 270 14.94 -35.64 7.00
CA ALA D 270 14.94 -34.80 8.17
C ALA D 270 13.59 -34.87 8.86
N ILE D 271 13.60 -35.01 10.19
CA ILE D 271 12.39 -35.05 10.99
C ILE D 271 12.37 -33.82 11.89
N LEU D 272 11.29 -33.06 11.80
CA LEU D 272 11.10 -31.86 12.62
C LEU D 272 9.85 -32.06 13.47
N HIS D 273 10.01 -31.96 14.79
CA HIS D 273 8.92 -32.27 15.71
C HIS D 273 9.19 -31.57 17.03
N GLY D 274 8.24 -30.74 17.48
CA GLY D 274 8.36 -30.05 18.75
C GLY D 274 9.34 -28.90 18.70
N GLY D 275 9.50 -28.26 19.85
CA GLY D 275 10.43 -27.16 19.99
C GLY D 275 10.11 -26.24 21.14
N PRO D 276 10.36 -26.69 22.37
CA PRO D 276 10.12 -25.83 23.54
C PRO D 276 11.34 -25.00 23.90
N PHE D 277 11.23 -24.22 24.96
CA PHE D 277 12.36 -23.42 25.43
C PHE D 277 13.45 -24.31 26.00
N ALA D 278 14.65 -23.75 26.10
CA ALA D 278 15.79 -24.42 26.72
C ALA D 278 16.08 -23.92 28.12
N ASN D 279 15.23 -23.07 28.68
CA ASN D 279 15.37 -22.58 30.04
C ASN D 279 14.27 -23.12 30.94
N ILE D 280 13.01 -22.82 30.64
CA ILE D 280 11.91 -23.38 31.41
C ILE D 280 11.59 -24.82 31.00
N ALA D 281 12.06 -25.26 29.85
CA ALA D 281 11.88 -26.64 29.40
C ALA D 281 13.26 -27.20 29.07
N HIS D 282 13.28 -28.29 28.31
CA HIS D 282 14.53 -28.99 28.00
C HIS D 282 15.14 -28.58 26.66
N GLY D 283 14.41 -27.86 25.82
CA GLY D 283 14.97 -27.37 24.58
C GLY D 283 15.36 -28.43 23.58
N CYS D 284 14.65 -29.57 23.55
CA CYS D 284 14.93 -30.65 22.63
C CYS D 284 13.70 -30.93 21.78
N ASN D 285 13.92 -31.57 20.63
CA ASN D 285 12.81 -32.06 19.86
C ASN D 285 12.15 -33.23 20.57
N SER D 286 10.99 -33.66 20.05
CA SER D 286 10.17 -34.63 20.75
C SER D 286 10.89 -35.98 20.88
N ILE D 287 10.53 -36.72 21.93
CA ILE D 287 11.09 -38.05 22.13
C ILE D 287 10.65 -38.99 21.02
N ILE D 288 9.39 -38.90 20.60
CA ILE D 288 8.87 -39.79 19.58
C ILE D 288 9.59 -39.58 18.26
N ALA D 289 10.11 -38.37 18.02
CA ALA D 289 10.86 -38.11 16.79
C ALA D 289 12.25 -38.76 16.86
N THR D 290 12.96 -38.57 17.98
CA THR D 290 14.25 -39.22 18.15
C THR D 290 14.11 -40.74 18.16
N LYS D 291 13.07 -41.25 18.85
CA LYS D 291 12.79 -42.68 18.79
C LYS D 291 12.46 -43.12 17.37
N MET D 292 11.77 -42.27 16.60
CA MET D 292 11.45 -42.60 15.22
C MET D 292 12.70 -42.71 14.37
N GLY D 293 13.66 -41.81 14.58
CA GLY D 293 14.89 -41.86 13.80
C GLY D 293 15.73 -43.09 14.09
N MET D 294 15.93 -43.39 15.38
CA MET D 294 16.70 -44.57 15.76
C MET D 294 16.03 -45.86 15.34
N HIS D 295 14.71 -45.84 15.11
CA HIS D 295 14.00 -47.02 14.66
C HIS D 295 14.09 -47.23 13.16
N MET D 296 14.37 -46.17 12.39
CA MET D 296 14.38 -46.24 10.94
C MET D 296 15.74 -45.99 10.31
N ALA D 297 16.70 -45.46 11.05
CA ALA D 297 18.03 -45.16 10.51
C ALA D 297 19.09 -45.74 11.42
N ASP D 298 20.31 -45.80 10.88
CA ASP D 298 21.46 -46.27 11.64
C ASP D 298 22.15 -45.17 12.42
N TYR D 299 21.94 -43.90 12.05
CA TYR D 299 22.53 -42.76 12.74
C TYR D 299 21.51 -41.64 12.80
N VAL D 300 21.38 -41.03 13.98
CA VAL D 300 20.45 -39.92 14.19
C VAL D 300 21.23 -38.72 14.69
N VAL D 301 21.05 -37.57 14.04
CA VAL D 301 21.71 -36.33 14.42
C VAL D 301 20.63 -35.38 14.94
N THR D 302 20.65 -35.15 16.25
CA THR D 302 19.74 -34.22 16.90
C THR D 302 20.55 -33.12 17.59
N GLU D 303 19.86 -32.20 18.25
CA GLU D 303 20.52 -31.09 18.92
C GLU D 303 19.69 -30.61 20.09
N ALA D 304 20.31 -29.79 20.93
CA ALA D 304 19.66 -29.18 22.07
C ALA D 304 20.02 -27.69 22.11
N GLY D 305 19.06 -26.87 22.56
CA GLY D 305 19.23 -25.44 22.50
C GLY D 305 20.22 -24.91 23.52
N PHE D 306 20.76 -23.72 23.22
CA PHE D 306 21.73 -23.02 24.05
C PHE D 306 22.99 -23.84 24.23
N GLY D 307 23.76 -23.55 25.28
CA GLY D 307 25.02 -24.21 25.50
C GLY D 307 24.87 -25.59 26.12
N ALA D 308 26.01 -26.27 26.25
CA ALA D 308 26.02 -27.60 26.85
C ALA D 308 25.63 -27.59 28.32
N ASP D 309 25.70 -26.42 28.97
CA ASP D 309 25.31 -26.31 30.37
C ASP D 309 23.79 -26.33 30.56
N LEU D 310 23.03 -26.02 29.51
CA LEU D 310 21.57 -25.97 29.58
C LEU D 310 20.94 -27.07 28.74
N GLY D 311 21.06 -27.00 27.41
CA GLY D 311 20.38 -27.95 26.56
C GLY D 311 20.92 -29.37 26.71
N ALA D 312 22.24 -29.51 26.72
CA ALA D 312 22.83 -30.84 26.82
C ALA D 312 22.57 -31.47 28.19
N GLU D 313 22.60 -30.64 29.24
CA GLU D 313 22.28 -31.15 30.58
C GLU D 313 20.84 -31.66 30.64
N LYS D 314 19.90 -30.91 30.07
CA LYS D 314 18.50 -31.32 30.07
C LYS D 314 18.21 -32.41 29.06
N PHE D 315 19.02 -32.53 28.00
CA PHE D 315 18.89 -33.68 27.10
C PHE D 315 19.22 -34.98 27.82
N LEU D 316 20.27 -34.96 28.65
CA LEU D 316 20.78 -36.16 29.30
C LEU D 316 20.07 -36.47 30.61
N ASP D 317 19.73 -35.45 31.40
CA ASP D 317 19.13 -35.65 32.70
C ASP D 317 17.61 -35.68 32.68
N ILE D 318 16.98 -35.27 31.58
CA ILE D 318 15.51 -35.26 31.51
C ILE D 318 15.05 -36.14 30.35
N LYS D 319 15.45 -35.78 29.13
CA LYS D 319 14.96 -36.51 27.96
C LYS D 319 15.48 -37.94 27.93
N CYS D 320 16.79 -38.12 28.12
CA CYS D 320 17.37 -39.46 28.08
C CYS D 320 16.87 -40.33 29.23
N ARG D 321 16.46 -39.70 30.35
CA ARG D 321 15.93 -40.46 31.46
C ARG D 321 14.51 -40.95 31.17
N LYS D 322 13.67 -40.09 30.60
CA LYS D 322 12.29 -40.45 30.31
C LYS D 322 12.14 -41.27 29.04
N ALA D 323 13.12 -41.22 28.14
CA ALA D 323 13.05 -41.99 26.90
C ALA D 323 13.76 -43.33 26.98
N GLY D 324 14.71 -43.48 27.90
CA GLY D 324 15.48 -44.71 27.98
C GLY D 324 16.52 -44.86 26.90
N ILE D 325 17.01 -43.74 26.37
CA ILE D 325 18.02 -43.76 25.32
C ILE D 325 19.32 -43.17 25.87
N ARG D 326 20.40 -43.35 25.10
CA ARG D 326 21.72 -42.89 25.49
C ARG D 326 22.46 -42.41 24.25
N PRO D 327 23.05 -41.22 24.29
CA PRO D 327 23.86 -40.77 23.14
C PRO D 327 25.16 -41.57 23.04
N ASP D 328 25.53 -41.87 21.80
CA ASP D 328 26.78 -42.58 21.54
C ASP D 328 27.95 -41.64 21.27
N ALA D 329 27.67 -40.40 20.87
CA ALA D 329 28.70 -39.40 20.64
C ALA D 329 28.07 -38.02 20.73
N VAL D 330 28.88 -37.05 21.16
CA VAL D 330 28.44 -35.68 21.33
C VAL D 330 29.32 -34.77 20.50
N ILE D 331 28.69 -33.82 19.79
CA ILE D 331 29.40 -32.85 18.96
C ILE D 331 29.29 -31.50 19.65
N ILE D 332 30.42 -30.96 20.09
CA ILE D 332 30.47 -29.65 20.74
C ILE D 332 30.90 -28.64 19.69
N VAL D 333 29.98 -27.75 19.30
CA VAL D 333 30.25 -26.76 18.28
C VAL D 333 30.79 -25.49 18.94
N ALA D 334 31.84 -24.92 18.37
CA ALA D 334 32.43 -23.69 18.88
C ALA D 334 33.08 -22.94 17.74
N THR D 335 33.27 -21.64 17.94
CA THR D 335 33.94 -20.78 16.98
C THR D 335 35.09 -20.05 17.66
N VAL D 336 36.11 -19.72 16.88
CA VAL D 336 37.25 -18.99 17.41
C VAL D 336 36.85 -17.59 17.84
N ARG D 337 35.87 -16.99 17.16
CA ARG D 337 35.43 -15.65 17.53
C ARG D 337 34.68 -15.66 18.86
N ALA D 338 33.91 -16.72 19.12
CA ALA D 338 33.19 -16.81 20.38
C ALA D 338 34.13 -17.05 21.55
N LEU D 339 35.22 -17.78 21.33
CA LEU D 339 36.20 -18.01 22.39
C LEU D 339 36.98 -16.73 22.69
N LYS D 340 37.31 -15.96 21.65
CA LYS D 340 37.95 -14.67 21.86
C LYS D 340 37.01 -13.66 22.50
N TYR D 341 35.69 -13.84 22.33
CA TYR D 341 34.73 -12.98 23.03
C TYR D 341 34.70 -13.31 24.52
N ASN D 342 34.81 -14.59 24.87
CA ASN D 342 34.92 -14.99 26.28
C ASN D 342 36.24 -14.56 26.88
N GLY D 343 37.21 -14.16 26.08
CA GLY D 343 38.50 -13.69 26.55
C GLY D 343 38.57 -12.20 26.83
N GLY D 344 37.50 -11.46 26.54
CA GLY D 344 37.44 -10.04 26.83
C GLY D 344 37.44 -9.14 25.61
N VAL D 345 37.46 -9.69 24.40
CA VAL D 345 37.46 -8.88 23.19
C VAL D 345 36.04 -8.41 22.90
N ALA D 346 35.90 -7.14 22.55
CA ALA D 346 34.60 -6.58 22.21
C ALA D 346 34.08 -7.16 20.89
N LYS D 347 32.84 -6.81 20.56
CA LYS D 347 32.20 -7.35 19.36
C LYS D 347 32.86 -6.85 18.08
N ASP D 348 33.52 -5.70 18.11
CA ASP D 348 34.09 -5.12 16.89
C ASP D 348 35.52 -5.58 16.63
N GLN D 349 36.23 -6.07 17.64
CA GLN D 349 37.62 -6.50 17.50
C GLN D 349 37.76 -8.01 17.40
N LEU D 350 36.67 -8.72 17.07
CA LEU D 350 36.68 -10.18 17.05
C LEU D 350 37.37 -10.75 15.81
N ASN D 351 37.67 -9.95 14.81
CA ASN D 351 38.27 -10.44 13.58
C ASN D 351 39.78 -10.26 13.53
N ASN D 352 40.38 -9.69 14.57
CA ASN D 352 41.83 -9.58 14.67
C ASN D 352 42.39 -10.82 15.35
N GLU D 353 43.56 -11.27 14.89
CA GLU D 353 44.21 -12.42 15.52
C GLU D 353 44.60 -12.06 16.95
N ASN D 354 44.03 -12.79 17.92
CA ASN D 354 44.26 -12.53 19.34
C ASN D 354 44.50 -13.88 20.01
N LEU D 355 45.77 -14.28 20.08
CA LEU D 355 46.11 -15.57 20.68
C LEU D 355 46.01 -15.53 22.21
N GLU D 356 46.17 -14.35 22.80
CA GLU D 356 46.08 -14.25 24.25
C GLU D 356 44.64 -14.30 24.74
N ALA D 357 43.74 -13.59 24.08
CA ALA D 357 42.33 -13.64 24.44
C ALA D 357 41.69 -14.97 24.06
N LEU D 358 42.27 -15.68 23.08
CA LEU D 358 41.75 -16.99 22.72
C LEU D 358 41.97 -18.01 23.84
N GLU D 359 43.13 -17.95 24.49
CA GLU D 359 43.40 -18.86 25.60
C GLU D 359 42.73 -18.43 26.90
N LYS D 360 42.28 -17.19 26.99
CA LYS D 360 41.53 -16.76 28.17
C LYS D 360 40.07 -17.17 28.10
N GLY D 361 39.52 -17.30 26.89
CA GLY D 361 38.14 -17.73 26.73
C GLY D 361 38.02 -19.22 26.48
N LEU D 362 39.14 -19.85 26.13
CA LEU D 362 39.16 -21.30 25.94
C LEU D 362 38.69 -22.10 27.15
N PRO D 363 38.91 -21.68 28.42
CA PRO D 363 38.36 -22.44 29.56
C PRO D 363 36.86 -22.69 29.47
N ASN D 364 36.14 -21.87 28.70
CA ASN D 364 34.71 -22.12 28.49
C ASN D 364 34.49 -23.41 27.72
N LEU D 365 35.16 -23.56 26.58
CA LEU D 365 35.05 -24.80 25.81
C LEU D 365 35.60 -25.99 26.60
N LEU D 366 36.69 -25.77 27.34
CA LEU D 366 37.30 -26.87 28.11
C LEU D 366 36.40 -27.33 29.24
N LYS D 367 35.54 -26.44 29.78
CA LYS D 367 34.63 -26.85 30.83
C LYS D 367 33.52 -27.75 30.28
N HIS D 368 32.97 -27.40 29.11
CA HIS D 368 31.93 -28.24 28.51
C HIS D 368 32.48 -29.59 28.07
N ILE D 369 33.75 -29.66 27.71
CA ILE D 369 34.37 -30.95 27.38
C ILE D 369 34.46 -31.83 28.62
N GLU D 370 34.87 -31.25 29.76
CA GLU D 370 34.94 -32.00 31.00
C GLU D 370 33.56 -32.47 31.44
N ASN D 371 32.53 -31.68 31.19
CA ASN D 371 31.17 -32.10 31.57
C ASN D 371 30.71 -33.27 30.72
N ILE D 372 30.99 -33.24 29.42
CA ILE D 372 30.51 -34.30 28.54
C ILE D 372 31.32 -35.59 28.73
N THR D 373 32.64 -35.45 28.83
CA THR D 373 33.51 -36.63 28.82
C THR D 373 33.82 -37.18 30.20
N GLN D 374 33.80 -36.36 31.25
CA GLN D 374 34.16 -36.81 32.59
C GLN D 374 32.97 -36.95 33.53
N VAL D 375 31.94 -36.14 33.38
CA VAL D 375 30.76 -36.25 34.23
C VAL D 375 29.74 -37.22 33.65
N TYR D 376 29.39 -37.05 32.38
CA TYR D 376 28.50 -37.98 31.71
C TYR D 376 29.23 -39.14 31.04
N LYS D 377 30.53 -39.02 30.83
CA LYS D 377 31.36 -40.10 30.28
C LYS D 377 30.87 -40.52 28.89
N ILE D 378 30.73 -39.54 28.01
CA ILE D 378 30.29 -39.78 26.63
C ILE D 378 31.42 -39.35 25.69
N PRO D 379 31.74 -40.12 24.65
CA PRO D 379 32.73 -39.68 23.68
C PRO D 379 32.28 -38.40 22.99
N ALA D 380 33.18 -37.41 22.95
CA ALA D 380 32.87 -36.10 22.40
C ALA D 380 33.94 -35.70 21.39
N VAL D 381 33.56 -34.80 20.48
CA VAL D 381 34.46 -34.23 19.49
C VAL D 381 34.12 -32.76 19.33
N VAL D 382 35.14 -31.92 19.28
CA VAL D 382 34.97 -30.48 19.11
C VAL D 382 34.90 -30.16 17.63
N ALA D 383 33.80 -29.57 17.20
CA ALA D 383 33.59 -29.15 15.82
C ALA D 383 33.73 -27.64 15.76
N ILE D 384 34.83 -27.17 15.17
CA ILE D 384 35.10 -25.74 15.05
C ILE D 384 34.45 -25.24 13.78
N ASN D 385 33.41 -24.42 13.92
CA ASN D 385 32.82 -23.74 12.78
C ASN D 385 33.82 -22.72 12.26
N ARG D 386 34.51 -23.08 11.18
CA ARG D 386 35.64 -22.29 10.70
C ARG D 386 35.17 -21.07 9.92
N PHE D 387 35.83 -19.95 10.17
CA PHE D 387 35.59 -18.69 9.49
C PHE D 387 36.83 -18.28 8.69
N PRO D 388 36.68 -17.43 7.67
CA PRO D 388 37.83 -17.14 6.79
C PRO D 388 39.03 -16.55 7.49
N LEU D 389 38.82 -15.69 8.49
CA LEU D 389 39.91 -14.97 9.13
C LEU D 389 40.53 -15.72 10.30
N ASP D 390 40.10 -16.96 10.56
CA ASP D 390 40.70 -17.77 11.61
C ASP D 390 42.10 -18.21 11.16
N THR D 391 43.13 -17.71 11.82
CA THR D 391 44.49 -18.04 11.46
C THR D 391 44.82 -19.48 11.87
N ASP D 392 45.90 -20.00 11.29
CA ASP D 392 46.32 -21.36 11.62
C ASP D 392 46.85 -21.46 13.05
N ALA D 393 47.41 -20.37 13.58
CA ALA D 393 47.87 -20.38 14.96
C ALA D 393 46.70 -20.42 15.94
N GLU D 394 45.57 -19.80 15.58
CA GLU D 394 44.39 -19.87 16.43
C GLU D 394 43.80 -21.28 16.42
N LEU D 395 43.71 -21.90 15.24
CA LEU D 395 43.17 -23.26 15.17
C LEU D 395 44.09 -24.26 15.84
N ALA D 396 45.41 -24.05 15.76
CA ALA D 396 46.35 -24.94 16.41
C ALA D 396 46.33 -24.77 17.93
N LEU D 397 46.00 -23.57 18.41
CA LEU D 397 45.93 -23.36 19.86
C LEU D 397 44.69 -24.01 20.44
N VAL D 398 43.55 -23.91 19.75
CA VAL D 398 42.33 -24.56 20.22
C VAL D 398 42.50 -26.08 20.19
N ARG D 399 43.16 -26.60 19.15
CA ARG D 399 43.42 -28.03 19.07
C ARG D 399 44.34 -28.48 20.19
N SER D 400 45.43 -27.74 20.42
CA SER D 400 46.44 -28.14 21.39
C SER D 400 45.82 -28.35 22.77
N LYS D 401 45.06 -27.38 23.26
CA LYS D 401 44.46 -27.50 24.59
C LYS D 401 43.36 -28.55 24.64
N CYS D 402 42.73 -28.87 23.52
CA CYS D 402 41.68 -29.88 23.52
C CYS D 402 42.25 -31.30 23.44
N GLU D 403 43.43 -31.47 22.83
CA GLU D 403 44.06 -32.79 22.83
C GLU D 403 44.51 -33.22 24.22
N GLU D 404 44.68 -32.28 25.14
CA GLU D 404 45.10 -32.62 26.50
C GLU D 404 43.96 -33.18 27.33
N LEU D 405 42.71 -32.91 26.96
CA LEU D 405 41.56 -33.55 27.59
C LEU D 405 41.16 -34.84 26.88
N GLY D 406 41.92 -35.27 25.88
CA GLY D 406 41.60 -36.48 25.15
C GLY D 406 40.48 -36.36 24.15
N VAL D 407 40.34 -35.19 23.52
CA VAL D 407 39.24 -34.92 22.60
C VAL D 407 39.82 -34.33 21.32
N LYS D 408 39.45 -34.93 20.18
CA LYS D 408 39.90 -34.43 18.89
C LYS D 408 39.16 -33.15 18.52
N VAL D 409 39.70 -32.45 17.52
CA VAL D 409 39.11 -31.21 17.00
C VAL D 409 39.01 -31.34 15.49
N ALA D 410 37.80 -31.30 14.97
CA ALA D 410 37.55 -31.38 13.54
C ALA D 410 37.00 -30.05 13.04
N LEU D 411 37.55 -29.57 11.93
CA LEU D 411 37.10 -28.31 11.35
C LEU D 411 35.84 -28.53 10.54
N SER D 412 34.90 -27.60 10.67
CA SER D 412 33.60 -27.68 10.00
C SER D 412 33.45 -26.53 9.03
N GLU D 413 33.09 -26.85 7.79
CA GLU D 413 32.84 -25.88 6.73
C GLU D 413 31.51 -26.16 6.05
N VAL D 414 30.52 -26.57 6.84
CA VAL D 414 29.25 -27.01 6.27
C VAL D 414 28.45 -25.83 5.71
N TRP D 415 28.68 -24.63 6.22
CA TRP D 415 27.90 -23.48 5.77
C TRP D 415 28.19 -23.14 4.32
N ALA D 416 29.45 -23.28 3.89
CA ALA D 416 29.83 -22.92 2.54
C ALA D 416 29.85 -24.11 1.59
N ASN D 417 30.14 -25.31 2.09
CA ASN D 417 30.37 -26.47 1.24
C ASN D 417 29.30 -27.55 1.38
N GLY D 418 28.30 -27.35 2.25
CA GLY D 418 27.27 -28.37 2.39
C GLY D 418 27.80 -29.60 3.10
N GLY D 419 27.35 -30.77 2.65
CA GLY D 419 27.78 -32.02 3.26
C GLY D 419 29.26 -32.28 3.13
N GLU D 420 29.90 -31.74 2.09
CA GLU D 420 31.34 -31.91 1.93
C GLU D 420 32.10 -31.21 3.05
N GLY D 421 31.52 -30.16 3.62
CA GLY D 421 32.16 -29.46 4.74
C GLY D 421 32.04 -30.16 6.07
N GLY D 422 31.29 -31.25 6.15
CA GLY D 422 31.14 -32.02 7.37
C GLY D 422 31.74 -33.40 7.36
N ILE D 423 32.56 -33.74 6.36
CA ILE D 423 33.14 -35.08 6.28
C ILE D 423 34.11 -35.30 7.43
N GLU D 424 34.95 -34.30 7.73
CA GLU D 424 35.93 -34.46 8.80
C GLU D 424 35.26 -34.63 10.16
N VAL D 425 34.18 -33.87 10.40
CA VAL D 425 33.45 -34.02 11.66
C VAL D 425 32.76 -35.38 11.71
N ALA D 426 32.11 -35.77 10.61
CA ALA D 426 31.36 -37.02 10.59
C ALA D 426 32.27 -38.23 10.78
N ASN D 427 33.44 -38.22 10.13
CA ASN D 427 34.37 -39.33 10.28
C ASN D 427 34.90 -39.42 11.70
N GLU D 428 35.11 -38.28 12.35
CA GLU D 428 35.50 -38.29 13.76
C GLU D 428 34.38 -38.88 14.63
N VAL D 429 33.13 -38.56 14.30
CA VAL D 429 32.00 -39.11 15.05
C VAL D 429 31.91 -40.62 14.82
N LEU D 430 32.05 -41.07 13.57
CA LEU D 430 32.05 -42.50 13.29
C LEU D 430 33.19 -43.21 14.01
N LYS D 431 34.31 -42.52 14.23
CA LYS D 431 35.42 -43.12 14.95
C LYS D 431 35.11 -43.25 16.45
N LEU D 432 34.38 -42.27 16.99
CA LEU D 432 34.05 -42.31 18.42
C LEU D 432 33.00 -43.38 18.71
N ILE D 433 32.04 -43.57 17.80
CA ILE D 433 30.99 -44.56 18.01
C ILE D 433 31.57 -45.97 17.97
N GLU D 434 32.60 -46.20 17.15
CA GLU D 434 33.17 -47.53 16.97
C GLU D 434 34.28 -47.84 17.97
N GLU D 435 35.00 -46.83 18.44
CA GLU D 435 36.18 -47.04 19.29
C GLU D 435 36.04 -46.48 20.69
N GLY D 436 35.35 -45.34 20.86
CA GLY D 436 35.26 -44.74 22.17
C GLY D 436 34.42 -45.57 23.13
N GLU D 437 34.84 -45.59 24.38
CA GLU D 437 34.12 -46.31 25.42
C GLU D 437 33.06 -45.39 26.03
N ASN D 438 31.83 -45.90 26.13
CA ASN D 438 30.69 -45.13 26.62
C ASN D 438 30.23 -45.71 27.95
N ASN D 439 30.44 -44.96 29.03
CA ASN D 439 29.93 -45.32 30.35
C ASN D 439 28.99 -44.23 30.85
N PHE D 440 27.87 -44.05 30.15
CA PHE D 440 26.99 -42.92 30.42
C PHE D 440 26.39 -43.00 31.82
N GLU D 441 26.50 -41.91 32.56
CA GLU D 441 25.90 -41.78 33.88
C GLU D 441 25.15 -40.47 33.96
N TYR D 442 24.01 -40.49 34.67
CA TYR D 442 23.27 -39.26 34.89
C TYR D 442 24.00 -38.37 35.89
N CYS D 443 23.66 -37.08 35.86
CA CYS D 443 24.30 -36.13 36.77
C CYS D 443 23.80 -36.30 38.21
N TYR D 444 22.58 -36.79 38.38
CA TYR D 444 22.02 -37.03 39.70
C TYR D 444 21.06 -38.22 39.61
N GLU D 445 20.51 -38.60 40.76
CA GLU D 445 19.55 -39.69 40.84
C GLU D 445 18.20 -39.17 41.32
N GLU D 446 17.15 -39.92 40.99
CA GLU D 446 15.79 -39.49 41.31
C GLU D 446 15.50 -39.50 42.80
N ASP D 447 16.22 -40.30 43.58
CA ASP D 447 15.95 -40.40 45.01
C ASP D 447 16.45 -39.19 45.79
N MET D 448 17.34 -38.40 45.22
CA MET D 448 17.85 -37.22 45.91
C MET D 448 16.76 -36.16 46.04
N THR D 449 16.96 -35.26 46.99
CA THR D 449 16.01 -34.18 47.18
C THR D 449 16.16 -33.14 46.06
N ILE D 450 15.21 -32.20 46.02
CA ILE D 450 15.28 -31.14 45.02
C ILE D 450 16.52 -30.28 45.26
N LYS D 451 16.85 -30.02 46.52
CA LYS D 451 18.04 -29.21 46.82
C LYS D 451 19.33 -29.99 46.56
N GLU D 452 19.28 -31.32 46.62
CA GLU D 452 20.46 -32.12 46.29
C GLU D 452 20.65 -32.25 44.79
N LYS D 453 19.56 -32.37 44.03
CA LYS D 453 19.66 -32.38 42.57
C LYS D 453 20.14 -31.03 42.05
N LEU D 454 19.69 -29.93 42.66
CA LEU D 454 20.15 -28.61 42.27
C LEU D 454 21.62 -28.40 42.63
N ASN D 455 22.07 -29.01 43.73
CA ASN D 455 23.48 -28.87 44.10
C ASN D 455 24.38 -29.72 43.20
N ALA D 456 23.89 -30.88 42.78
CA ALA D 456 24.67 -31.72 41.87
C ALA D 456 24.83 -31.07 40.51
N ILE D 457 23.83 -30.31 40.05
CA ILE D 457 23.92 -29.63 38.77
C ILE D 457 24.83 -28.42 38.87
N ALA D 458 24.70 -27.65 39.95
CA ALA D 458 25.47 -26.40 40.07
C ALA D 458 26.95 -26.67 40.25
N THR D 459 27.32 -27.71 41.01
CA THR D 459 28.72 -27.98 41.27
C THR D 459 29.38 -28.75 40.13
N LYS D 460 28.72 -29.79 39.63
CA LYS D 460 29.33 -30.64 38.61
C LYS D 460 29.31 -29.97 37.24
N ILE D 461 28.19 -29.36 36.86
CA ILE D 461 28.02 -28.84 35.50
C ILE D 461 28.38 -27.37 35.43
N TYR D 462 27.86 -26.55 36.33
CA TYR D 462 28.09 -25.12 36.26
C TYR D 462 29.44 -24.72 36.86
N GLY D 463 29.94 -25.49 37.81
CA GLY D 463 31.15 -25.14 38.52
C GLY D 463 30.95 -24.26 39.73
N ALA D 464 29.73 -24.19 40.26
CA ALA D 464 29.44 -23.34 41.40
C ALA D 464 29.87 -24.01 42.70
N ASP D 465 30.08 -23.18 43.72
CA ASP D 465 30.41 -23.70 45.05
C ASP D 465 29.17 -24.18 45.79
N GLY D 466 28.01 -23.62 45.48
CA GLY D 466 26.78 -24.01 46.14
C GLY D 466 25.60 -23.28 45.55
N VAL D 467 24.44 -23.50 46.15
CA VAL D 467 23.18 -22.89 45.71
C VAL D 467 22.55 -22.18 46.90
N ASN D 468 22.12 -20.94 46.68
CA ASN D 468 21.39 -20.17 47.67
C ASN D 468 19.92 -20.09 47.27
N TYR D 469 19.05 -20.11 48.28
CA TYR D 469 17.62 -20.04 48.07
C TYR D 469 17.03 -18.87 48.84
N THR D 470 16.09 -18.18 48.22
CA THR D 470 15.36 -17.13 48.93
C THR D 470 14.34 -17.75 49.87
N LYS D 471 13.71 -16.91 50.69
CA LYS D 471 12.72 -17.42 51.64
C LYS D 471 11.51 -17.98 50.91
N GLU D 472 11.06 -17.30 49.84
CA GLU D 472 9.97 -17.84 49.04
C GLU D 472 10.38 -19.09 48.28
N ALA D 473 11.66 -19.18 47.90
CA ALA D 473 12.14 -20.39 47.23
C ALA D 473 12.11 -21.58 48.16
N ASN D 474 12.56 -21.40 49.42
CA ASN D 474 12.54 -22.50 50.37
C ASN D 474 11.12 -22.95 50.66
N LYS D 475 10.17 -22.02 50.71
CA LYS D 475 8.78 -22.38 50.96
C LYS D 475 8.20 -23.19 49.80
N GLN D 476 8.50 -22.78 48.57
CA GLN D 476 7.98 -23.49 47.40
C GLN D 476 8.60 -24.87 47.27
N ILE D 477 9.91 -24.99 47.53
CA ILE D 477 10.57 -26.28 47.47
C ILE D 477 9.98 -27.24 48.50
N ALA D 478 9.80 -26.76 49.73
CA ALA D 478 9.25 -27.60 50.79
C ALA D 478 7.81 -28.00 50.47
N GLU D 479 7.03 -27.08 49.91
CA GLU D 479 5.66 -27.42 49.53
C GLU D 479 5.63 -28.45 48.41
N LEU D 480 6.56 -28.35 47.46
CA LEU D 480 6.66 -29.37 46.41
C LEU D 480 7.13 -30.70 46.98
N GLU D 481 7.95 -30.67 48.04
CA GLU D 481 8.37 -31.92 48.67
C GLU D 481 7.20 -32.59 49.39
N GLU D 482 6.31 -31.80 50.00
CA GLU D 482 5.20 -32.40 50.73
C GLU D 482 4.13 -32.95 49.78
N LEU D 483 3.99 -32.36 48.60
CA LEU D 483 2.99 -32.82 47.64
C LEU D 483 3.44 -34.02 46.82
N GLY D 484 4.68 -34.48 47.00
CA GLY D 484 5.14 -35.66 46.31
C GLY D 484 5.81 -35.41 44.97
N PHE D 485 6.45 -34.26 44.78
CA PHE D 485 7.14 -33.95 43.55
C PHE D 485 8.65 -33.93 43.71
N GLY D 486 9.17 -34.47 44.82
CA GLY D 486 10.59 -34.46 45.07
C GLY D 486 11.39 -35.51 44.31
N ASN D 487 10.73 -36.50 43.74
CA ASN D 487 11.40 -37.54 42.95
C ASN D 487 11.43 -37.21 41.46
N LEU D 488 11.24 -35.95 41.09
CA LEU D 488 11.26 -35.57 39.69
C LEU D 488 12.57 -34.89 39.32
N PRO D 489 12.99 -34.96 38.06
CA PRO D 489 14.15 -34.21 37.62
C PRO D 489 13.94 -32.71 37.80
N VAL D 490 15.03 -31.97 37.74
CA VAL D 490 15.02 -30.52 37.94
C VAL D 490 15.46 -29.83 36.66
N CYS D 491 14.78 -28.74 36.32
CA CYS D 491 15.04 -27.98 35.10
C CYS D 491 15.45 -26.57 35.51
N VAL D 492 16.75 -26.32 35.55
CA VAL D 492 17.28 -25.02 35.98
C VAL D 492 17.08 -24.01 34.87
N ALA D 493 16.34 -22.94 35.15
CA ALA D 493 16.07 -21.88 34.19
C ALA D 493 16.96 -20.69 34.55
N LYS D 494 18.15 -20.65 33.96
CA LYS D 494 19.11 -19.57 34.18
C LYS D 494 19.52 -18.98 32.84
N THR D 495 20.43 -18.02 32.89
CA THR D 495 20.92 -17.40 31.66
C THR D 495 21.78 -18.38 30.87
N GLN D 496 21.77 -18.20 29.55
CA GLN D 496 22.52 -19.07 28.66
C GLN D 496 23.89 -18.51 28.28
N TYR D 497 24.13 -17.23 28.53
CA TYR D 497 25.38 -16.59 28.11
C TYR D 497 26.54 -16.87 29.04
N SER D 498 26.35 -17.66 30.10
CA SER D 498 27.42 -17.92 31.04
C SER D 498 27.12 -19.22 31.78
N LEU D 499 28.18 -19.81 32.34
CA LEU D 499 28.03 -21.01 33.17
C LEU D 499 27.37 -20.69 34.51
N SER D 500 27.37 -19.44 34.93
CA SER D 500 26.75 -19.01 36.16
C SER D 500 25.36 -18.44 35.87
N ASP D 501 24.73 -17.87 36.89
CA ASP D 501 23.46 -17.17 36.73
C ASP D 501 23.65 -15.69 36.42
N ASP D 502 24.89 -15.23 36.29
CA ASP D 502 25.20 -13.85 35.93
C ASP D 502 25.64 -13.84 34.46
N GLN D 503 24.93 -13.05 33.64
CA GLN D 503 25.19 -13.03 32.20
C GLN D 503 26.47 -12.31 31.82
N THR D 504 27.18 -11.70 32.78
CA THR D 504 28.39 -10.96 32.48
C THR D 504 29.67 -11.74 32.79
N LYS D 505 29.58 -12.83 33.55
CA LYS D 505 30.75 -13.64 33.90
C LYS D 505 31.02 -14.62 32.76
N LEU D 506 31.78 -14.18 31.78
CA LEU D 506 32.11 -15.02 30.63
C LEU D 506 33.28 -15.93 30.98
N GLY D 507 33.74 -16.70 29.98
CA GLY D 507 34.84 -17.61 30.19
C GLY D 507 34.48 -18.78 31.07
N ARG D 508 35.18 -18.93 32.19
CA ARG D 508 34.92 -20.01 33.15
C ARG D 508 34.96 -19.42 34.56
N PRO D 509 33.82 -18.91 35.03
CA PRO D 509 33.78 -18.39 36.41
C PRO D 509 33.94 -19.51 37.42
N THR D 510 34.61 -19.17 38.53
CA THR D 510 34.96 -20.16 39.54
C THR D 510 34.27 -19.89 40.86
N GLY D 511 34.64 -18.81 41.56
CA GLY D 511 34.07 -18.54 42.87
C GLY D 511 32.76 -17.77 42.84
N PHE D 512 31.67 -18.46 42.54
CA PHE D 512 30.35 -17.84 42.47
C PHE D 512 29.34 -18.77 43.15
N THR D 513 28.09 -18.33 43.18
CA THR D 513 27.01 -19.09 43.81
C THR D 513 25.71 -18.81 43.06
N ILE D 514 24.95 -19.87 42.81
CA ILE D 514 23.65 -19.73 42.16
C ILE D 514 22.61 -19.38 43.23
N GLU D 515 21.76 -18.40 42.91
CA GLU D 515 20.70 -17.96 43.82
C GLU D 515 19.36 -18.31 43.21
N VAL D 516 18.65 -19.25 43.82
CA VAL D 516 17.34 -19.67 43.36
C VAL D 516 16.29 -18.75 43.96
N ARG D 517 15.41 -18.22 43.09
CA ARG D 517 14.39 -17.28 43.50
C ARG D 517 12.98 -17.85 43.46
N GLN D 518 12.74 -18.90 42.69
CA GLN D 518 11.38 -19.39 42.47
C GLN D 518 11.43 -20.84 42.05
N ALA D 519 10.32 -21.54 42.27
CA ALA D 519 10.21 -22.94 41.90
C ALA D 519 8.76 -23.26 41.54
N ASN D 520 8.56 -23.87 40.38
CA ASN D 520 7.24 -24.27 39.90
C ASN D 520 7.28 -25.75 39.56
N ILE D 521 6.09 -26.31 39.33
CA ILE D 521 5.95 -27.72 39.03
C ILE D 521 5.37 -27.87 37.62
N SER D 522 6.06 -28.61 36.77
CA SER D 522 5.54 -29.03 35.48
C SER D 522 5.27 -30.54 35.55
N ALA D 523 4.21 -30.89 36.28
CA ALA D 523 3.94 -32.30 36.55
C ALA D 523 3.57 -33.06 35.28
N GLY D 524 3.03 -32.38 34.28
CA GLY D 524 2.73 -33.03 33.02
C GLY D 524 3.99 -33.43 32.26
N ALA D 525 4.93 -32.50 32.15
CA ALA D 525 6.22 -32.83 31.54
C ALA D 525 7.02 -33.78 32.43
N GLY D 526 7.01 -33.56 33.73
CA GLY D 526 7.63 -34.46 34.66
C GLY D 526 8.91 -33.95 35.30
N PHE D 527 9.03 -32.63 35.43
CA PHE D 527 10.18 -32.03 36.11
C PHE D 527 9.73 -30.82 36.90
N VAL D 528 10.61 -30.37 37.80
CA VAL D 528 10.38 -29.19 38.62
C VAL D 528 11.19 -28.04 38.05
N VAL D 529 10.51 -26.96 37.69
CA VAL D 529 11.17 -25.78 37.14
C VAL D 529 11.74 -24.95 38.27
N VAL D 530 12.97 -24.45 38.08
CA VAL D 530 13.68 -23.67 39.08
C VAL D 530 14.20 -22.40 38.42
N MET D 531 13.84 -21.25 38.98
CA MET D 531 14.21 -19.96 38.41
C MET D 531 15.41 -19.37 39.13
N THR D 532 16.29 -18.72 38.37
CA THR D 532 17.35 -17.90 38.94
C THR D 532 17.18 -16.42 38.63
N GLY D 533 16.19 -16.06 37.81
CA GLY D 533 15.87 -14.68 37.53
C GLY D 533 14.46 -14.60 37.00
N GLU D 534 14.14 -13.46 36.38
CA GLU D 534 12.85 -13.29 35.73
C GLU D 534 12.94 -13.82 34.30
N ILE D 535 11.92 -14.57 33.90
CA ILE D 535 11.85 -15.20 32.60
C ILE D 535 10.84 -14.47 31.74
N MET D 536 11.10 -14.45 30.43
CA MET D 536 10.21 -13.83 29.46
C MET D 536 9.52 -14.94 28.67
N LYS D 537 8.38 -15.39 29.19
CA LYS D 537 7.56 -16.39 28.51
C LYS D 537 6.73 -15.80 27.37
N MET D 538 6.84 -14.49 27.12
CA MET D 538 6.08 -13.84 26.06
C MET D 538 6.89 -12.64 25.58
N PRO D 539 7.65 -12.78 24.49
CA PRO D 539 8.44 -11.66 23.99
C PRO D 539 7.57 -10.63 23.28
N GLY D 540 8.13 -9.42 23.15
CA GLY D 540 7.45 -8.33 22.50
C GLY D 540 7.94 -8.07 21.09
N LEU D 541 7.19 -7.25 20.36
CA LEU D 541 7.56 -6.87 19.00
C LEU D 541 8.48 -5.65 19.02
N PRO D 542 9.41 -5.57 18.05
CA PRO D 542 10.27 -4.38 17.96
C PRO D 542 9.54 -3.17 17.41
N LYS D 543 10.23 -2.03 17.35
CA LYS D 543 9.60 -0.81 16.87
C LYS D 543 9.18 -0.93 15.41
N LEU D 544 9.99 -1.61 14.60
CA LEU D 544 9.67 -1.88 13.19
C LEU D 544 9.63 -3.39 13.00
N PRO D 545 8.48 -4.02 13.19
CA PRO D 545 8.40 -5.48 13.07
C PRO D 545 8.72 -5.94 11.66
N ALA D 546 9.25 -7.17 11.57
CA ALA D 546 9.58 -7.74 10.26
C ALA D 546 8.34 -8.05 9.44
N ALA D 547 7.16 -8.07 10.07
CA ALA D 547 5.92 -8.29 9.34
C ALA D 547 5.61 -7.17 8.35
N GLU D 548 6.14 -5.97 8.58
CA GLU D 548 5.89 -4.85 7.68
C GLU D 548 6.54 -5.04 6.31
N ARG D 549 7.49 -5.96 6.20
CA ARG D 549 8.17 -6.22 4.93
C ARG D 549 7.65 -7.46 4.23
N ILE D 550 6.90 -8.33 4.92
CA ILE D 550 6.38 -9.54 4.30
C ILE D 550 5.27 -9.17 3.32
N ASP D 551 5.31 -9.77 2.13
CA ASP D 551 4.36 -9.45 1.08
C ASP D 551 4.05 -10.70 0.27
N VAL D 552 2.95 -10.63 -0.47
CA VAL D 552 2.52 -11.71 -1.37
C VAL D 552 2.19 -11.10 -2.72
N ASP D 553 2.63 -11.75 -3.79
CA ASP D 553 2.35 -11.28 -5.13
C ASP D 553 1.04 -11.87 -5.65
N GLU D 554 0.71 -11.58 -6.91
CA GLU D 554 -0.56 -11.99 -7.47
C GLU D 554 -0.66 -13.49 -7.73
N ASN D 555 0.45 -14.22 -7.65
CA ASN D 555 0.44 -15.67 -7.83
C ASN D 555 0.57 -16.42 -6.52
N GLY D 556 0.74 -15.72 -5.40
CA GLY D 556 0.85 -16.38 -4.11
C GLY D 556 2.27 -16.79 -3.76
N LYS D 557 3.24 -15.93 -4.07
CA LYS D 557 4.63 -16.14 -3.68
C LYS D 557 4.97 -15.14 -2.58
N ILE D 558 5.45 -15.66 -1.45
CA ILE D 558 5.71 -14.84 -0.28
C ILE D 558 7.13 -14.28 -0.36
N SER D 559 7.25 -12.97 -0.17
CA SER D 559 8.54 -12.29 -0.12
C SER D 559 8.65 -11.53 1.19
N GLY D 560 9.90 -11.26 1.58
CA GLY D 560 10.16 -10.51 2.79
C GLY D 560 10.38 -11.34 4.04
N LEU D 561 10.48 -12.66 3.91
CA LEU D 561 10.75 -13.52 5.05
C LEU D 561 12.25 -13.56 5.36
K K E . -5.84 18.87 -16.56
PG ATP F . -21.40 20.70 -17.63
O1G ATP F . -21.56 20.51 -16.14
O2G ATP F . -19.97 20.86 -18.11
O3G ATP F . -22.38 21.68 -18.23
PB ATP F . -22.35 19.07 -19.76
O1B ATP F . -21.16 19.18 -20.67
O2B ATP F . -23.58 19.92 -19.99
O3B ATP F . -21.85 19.27 -18.24
PA ATP F . -21.73 16.35 -19.82
O1A ATP F . -20.50 16.76 -19.04
O2A ATP F . -21.58 15.93 -21.27
O3A ATP F . -22.81 17.52 -19.70
O5' ATP F . -22.45 15.17 -19.00
C5' ATP F . -22.15 15.00 -17.62
C4' ATP F . -22.48 13.58 -17.19
O4' ATP F . -23.82 13.23 -17.55
C3' ATP F . -21.56 12.57 -17.86
O3' ATP F . -20.64 12.04 -16.92
C2' ATP F . -22.46 11.48 -18.39
O2' ATP F . -22.09 10.22 -17.82
C1' ATP F . -23.87 11.87 -17.95
N9 ATP F . -24.82 11.67 -19.07
C8 ATP F . -24.86 12.37 -20.22
N7 ATP F . -25.86 11.94 -21.03
C5 ATP F . -26.48 10.93 -20.39
C6 ATP F . -27.61 10.02 -20.69
N6 ATP F . -28.31 10.11 -21.86
N1 ATP F . -27.95 9.10 -19.76
C2 ATP F . -27.27 9.01 -18.60
N3 ATP F . -26.23 9.78 -18.27
C4 ATP F . -25.79 10.76 -19.11
K K G . -13.20 -27.38 11.62
PG ATP H . -28.81 -25.36 10.47
O1G ATP H . -27.79 -26.46 10.59
O2G ATP H . -28.33 -24.17 9.69
O3G ATP H . -29.52 -25.03 11.77
PB ATP H . -29.67 -26.68 8.13
O1B ATP H . -30.59 -26.04 7.11
O2B ATP H . -28.18 -26.72 7.87
O3B ATP H . -29.98 -25.98 9.55
PA ATP H . -29.24 -29.47 8.26
O1A ATP H . -28.01 -29.24 9.10
O2A ATP H . -29.07 -29.84 6.80
O3A ATP H . -30.20 -28.19 8.40
O5' ATP H . -30.13 -30.59 8.99
C5' ATP H . -30.12 -30.65 10.41
C4' ATP H . -30.34 -32.08 10.85
O4' ATP H . -31.63 -32.55 10.45
C3' ATP H . -29.30 -33.00 10.22
O3' ATP H . -28.38 -33.44 11.21
C2' ATP H . -30.10 -34.18 9.66
O2' ATP H . -29.60 -35.41 10.22
C1' ATP H . -31.53 -33.93 10.08
N9 ATP H . -32.47 -34.26 8.98
C8 ATP H . -32.52 -33.65 7.78
N7 ATP H . -33.50 -34.19 7.00
C5 ATP H . -34.10 -35.15 7.72
C6 ATP H . -35.21 -36.12 7.51
N6 ATP H . -35.90 -36.15 6.34
N1 ATP H . -35.52 -36.95 8.52
C2 ATP H . -34.85 -36.93 9.69
N3 ATP H . -33.83 -36.09 9.95
C4 ATP H . -33.43 -35.20 9.02
O6 BU3 I . -40.70 -16.46 -11.72
C3 BU3 I . -39.40 -16.58 -12.31
C4 BU3 I . -38.46 -15.58 -11.66
C2 BU3 I . -39.50 -16.36 -13.81
O5 BU3 I . -40.87 -16.40 -14.22
C1 BU3 I . -38.72 -17.42 -14.58
O6 BU3 J . -28.35 -6.26 -10.84
C3 BU3 J . -27.94 -5.73 -12.12
C4 BU3 J . -29.18 -5.29 -12.90
C2 BU3 J . -27.18 -6.81 -12.88
O5 BU3 J . -26.22 -7.42 -12.00
C1 BU3 J . -26.44 -6.20 -14.07
O6 BU3 K . -17.58 6.62 14.96
C3 BU3 K . -17.28 5.80 13.83
C4 BU3 K . -16.95 6.72 12.66
C2 BU3 K . -18.45 4.90 13.50
O5 BU3 K . -19.40 5.64 12.71
C1 BU3 K . -19.15 4.40 14.77
O6 BU3 L . -18.99 -4.90 -4.12
C3 BU3 L . -18.18 -4.39 -5.19
C4 BU3 L . -18.46 -5.16 -6.47
C2 BU3 L . -16.71 -4.46 -4.83
O5 BU3 L . -15.93 -4.32 -6.02
C1 BU3 L . -16.35 -5.79 -4.15
O6 BU3 M . -14.34 -1.57 -0.39
C3 BU3 M . -14.48 -2.85 -1.04
C4 BU3 M . -15.85 -3.45 -0.79
C2 BU3 M . -13.36 -3.78 -0.56
O5 BU3 M . -13.08 -3.56 0.83
C1 BU3 M . -12.12 -3.52 -1.41
K K N . 13.55 23.37 -15.64
PG ATP O . 27.48 26.08 -11.67
O1G ATP O . 28.15 27.22 -12.40
O2G ATP O . 26.22 25.58 -12.35
O3G ATP O . 27.37 26.25 -10.18
PB ATP O . 30.08 25.05 -11.53
O1B ATP O . 30.64 23.72 -11.09
O2B ATP O . 30.23 26.25 -10.62
O3B ATP O . 28.51 24.85 -11.86
PA ATP O . 30.13 25.00 -14.40
O1A ATP O . 28.62 25.15 -14.44
O2A ATP O . 30.74 23.70 -14.84
O3A ATP O . 30.72 25.43 -12.96
O5' ATP O . 30.69 26.19 -15.30
C5' ATP O . 29.91 27.38 -15.45
C4' ATP O . 30.38 28.17 -16.66
O4' ATP O . 31.82 28.22 -16.68
C3' ATP O . 29.95 27.49 -17.95
O3' ATP O . 29.01 28.31 -18.64
C2' ATP O . 31.20 27.33 -18.78
O2' ATP O . 31.03 27.91 -20.07
C1' ATP O . 32.29 28.06 -18.01
N9 ATP O . 33.55 27.29 -18.03
C8 ATP O . 33.79 26.12 -17.40
N7 ATP O . 35.05 25.67 -17.63
C5 ATP O . 35.66 26.58 -18.43
C6 ATP O . 36.99 26.73 -19.06
N6 ATP O . 37.97 25.81 -18.88
N1 ATP O . 37.20 27.83 -19.83
C2 ATP O . 36.25 28.75 -20.02
N3 ATP O . 35.01 28.68 -19.48
C4 ATP O . 34.66 27.63 -18.70
K K P . 6.24 -23.19 12.42
PG ATP Q . 23.66 -20.79 17.22
O1G ATP Q . 23.84 -22.21 17.72
O2G ATP Q . 24.53 -20.45 16.04
O3G ATP Q . 23.64 -19.74 18.29
PB ATP Q . 21.52 -21.96 15.76
O1B ATP Q . 20.23 -22.34 16.42
O2B ATP Q . 22.56 -23.04 15.50
O3B ATP Q . 22.18 -20.74 16.59
PA ATP Q . 22.03 -21.38 13.03
O1A ATP Q . 21.22 -22.20 12.05
O2A ATP Q . 23.45 -21.76 13.37
O3A ATP Q . 21.18 -21.19 14.39
O5' ATP Q . 22.09 -19.86 12.51
C5' ATP Q . 23.36 -19.20 12.49
C4' ATP Q . 23.46 -18.32 11.26
O4' ATP Q . 24.84 -18.01 11.03
C3' ATP Q . 22.94 -19.05 10.02
O3' ATP Q . 21.91 -18.27 9.41
C2' ATP Q . 24.12 -19.19 9.08
O2' ATP Q . 23.78 -18.66 7.80
C1' ATP Q . 25.24 -18.37 9.70
N9 ATP Q . 26.49 -19.17 9.76
C8 ATP Q . 26.65 -20.33 10.43
N7 ATP Q . 27.91 -20.81 10.27
C5 ATP Q . 28.58 -19.95 9.47
C6 ATP Q . 29.94 -19.86 8.90
N6 ATP Q . 30.87 -20.81 9.16
N1 ATP Q . 30.23 -18.79 8.12
C2 ATP Q . 29.31 -17.85 7.86
N3 ATP Q . 28.05 -17.86 8.33
C4 ATP Q . 27.63 -18.87 9.13
#